data_7V8T
#
_entry.id   7V8T
#
_cell.length_a   72.952
_cell.length_b   131.077
_cell.length_c   84.202
_cell.angle_alpha   90.000
_cell.angle_beta   106.800
_cell.angle_gamma   90.000
#
_symmetry.space_group_name_H-M   'P 1 21 1'
#
loop_
_entity.id
_entity.type
_entity.pdbx_description
1 polymer '2,4-dihydroxyhept-2-ene-1,7-dioic acid aldolase'
2 non-polymer 'IODIDE ION'
3 non-polymer 'HEXAETHYLENE GLYCOL'
4 water water
#
_entity_poly.entity_id   1
_entity_poly.type   'polypeptide(L)'
_entity_poly.pdbx_seq_one_letter_code
;MDLPVNRFKQRLRSGEAQIGLWLGLADPYCAELAANAGFDWLLLDGEHAPNDLRSLLGQLQALAPYPGQPVIRPVQGDTA
LIKQLLDIGAQTLLVPMVDSAAQAEGLVRAVRYPPAGVRGVGSALARASRWNSVAEYLNHADEQMCLLVQVENLEGLANL
DAIAAVEGVDGVFIGPADLSAAMGHRGNPGHPEVQAAIEDAIHRIRTAGKAAGILSADETLARRYLELGCAFVAVGVDTS
LLMRSLRELAGRFKGGAPAPSASSSVYG
;
_entity_poly.pdbx_strand_id   A,B,C,D,E,F
#
loop_
_chem_comp.id
_chem_comp.type
_chem_comp.name
_chem_comp.formula
IOD non-polymer 'IODIDE ION' 'I -1'
P6G non-polymer 'HEXAETHYLENE GLYCOL' 'C12 H26 O7'
#
# COMPACT_ATOMS: atom_id res chain seq x y z
N ASP A 2 -8.40 -27.70 13.77
CA ASP A 2 -7.96 -28.42 12.58
C ASP A 2 -6.62 -27.87 12.06
N LEU A 3 -5.55 -28.49 12.50
CA LEU A 3 -4.21 -27.97 12.27
C LEU A 3 -3.81 -28.10 10.81
N PRO A 4 -3.27 -27.05 10.20
CA PRO A 4 -2.84 -27.14 8.80
C PRO A 4 -1.70 -28.13 8.65
N VAL A 5 -1.86 -29.04 7.70
CA VAL A 5 -0.87 -30.07 7.43
C VAL A 5 0.15 -29.52 6.44
N ASN A 6 1.42 -29.81 6.69
CA ASN A 6 2.51 -29.37 5.83
C ASN A 6 2.69 -30.42 4.75
N ARG A 7 2.05 -30.19 3.60
CA ARG A 7 2.08 -31.16 2.51
C ARG A 7 3.44 -31.20 1.84
N PHE A 8 4.16 -30.08 1.82
CA PHE A 8 5.51 -30.09 1.26
C PHE A 8 6.38 -31.07 2.03
N LYS A 9 6.30 -31.03 3.35
CA LYS A 9 7.03 -31.98 4.18
C LYS A 9 6.54 -33.40 3.91
N GLN A 10 5.23 -33.55 3.70
CA GLN A 10 4.68 -34.87 3.38
C GLN A 10 5.28 -35.41 2.09
N ARG A 11 5.25 -34.63 1.02
CA ARG A 11 5.79 -35.15 -0.24
C ARG A 11 7.30 -35.35 -0.14
N LEU A 12 7.97 -34.56 0.69
CA LEU A 12 9.40 -34.74 0.91
C LEU A 12 9.69 -36.13 1.45
N ARG A 13 8.87 -36.61 2.37
CA ARG A 13 9.04 -37.95 2.94
C ARG A 13 8.52 -39.06 2.02
N SER A 14 7.80 -38.75 0.96
CA SER A 14 7.47 -39.76 -0.04
C SER A 14 8.64 -39.89 -1.02
N GLY A 15 8.54 -40.87 -1.93
CA GLY A 15 9.62 -41.09 -2.88
C GLY A 15 9.74 -40.04 -3.97
N GLU A 16 8.65 -39.38 -4.36
CA GLU A 16 8.70 -38.53 -5.55
C GLU A 16 9.31 -37.16 -5.27
N ALA A 17 10.05 -36.66 -6.25
CA ALA A 17 10.62 -35.33 -6.16
C ALA A 17 9.55 -34.27 -6.42
N GLN A 18 9.83 -33.07 -5.96
CA GLN A 18 8.93 -31.94 -6.09
C GLN A 18 9.55 -30.85 -6.97
N ILE A 19 8.81 -30.41 -7.98
CA ILE A 19 9.31 -29.42 -8.94
C ILE A 19 8.90 -28.05 -8.44
N GLY A 20 9.83 -27.10 -8.43
CA GLY A 20 9.58 -25.82 -7.82
C GLY A 20 9.84 -24.68 -8.79
N LEU A 21 9.32 -23.51 -8.41
CA LEU A 21 9.54 -22.25 -9.12
C LEU A 21 9.96 -21.20 -8.11
N TRP A 22 10.90 -20.34 -8.52
CA TRP A 22 11.38 -19.25 -7.69
C TRP A 22 10.52 -18.01 -7.94
N LEU A 23 10.03 -17.39 -6.88
CA LEU A 23 9.15 -16.22 -6.96
C LEU A 23 9.88 -14.98 -6.48
N GLY A 24 10.22 -14.08 -7.39
CA GLY A 24 10.89 -12.85 -7.03
C GLY A 24 10.16 -11.57 -7.39
N LEU A 25 8.94 -11.70 -7.93
CA LEU A 25 8.17 -10.52 -8.34
C LEU A 25 7.61 -9.75 -7.16
N ALA A 26 7.50 -10.37 -5.99
CA ALA A 26 7.20 -9.69 -4.73
C ALA A 26 5.82 -9.03 -4.71
N ASP A 27 4.84 -9.59 -5.40
CA ASP A 27 3.50 -9.05 -5.33
C ASP A 27 2.48 -10.17 -5.26
N PRO A 28 1.44 -10.02 -4.43
CA PRO A 28 0.42 -11.09 -4.36
C PRO A 28 -0.28 -11.35 -5.69
N TYR A 29 -0.55 -10.32 -6.49
CA TYR A 29 -1.19 -10.56 -7.78
C TYR A 29 -0.25 -11.29 -8.73
N CYS A 30 0.99 -10.83 -8.85
CA CYS A 30 1.94 -11.51 -9.72
C CYS A 30 2.16 -12.95 -9.23
N ALA A 31 2.08 -13.19 -7.92
CA ALA A 31 2.25 -14.54 -7.36
C ALA A 31 1.08 -15.48 -7.66
N GLU A 32 -0.15 -14.97 -7.72
CA GLU A 32 -1.28 -15.86 -8.00
C GLU A 32 -1.16 -16.46 -9.40
N LEU A 33 -0.58 -15.73 -10.36
CA LEU A 33 -0.36 -16.33 -11.67
C LEU A 33 0.49 -17.58 -11.55
N ALA A 34 1.59 -17.49 -10.80
CA ALA A 34 2.48 -18.63 -10.65
C ALA A 34 1.79 -19.80 -9.96
N ALA A 35 0.93 -19.53 -8.99
CA ALA A 35 0.21 -20.60 -8.32
C ALA A 35 -0.68 -21.37 -9.30
N ASN A 36 -1.07 -20.72 -10.39
CA ASN A 36 -1.92 -21.33 -11.40
C ASN A 36 -1.13 -22.15 -12.41
N ALA A 37 0.21 -22.13 -12.33
CA ALA A 37 1.08 -22.73 -13.33
C ALA A 37 1.25 -24.24 -13.18
N GLY A 38 1.00 -24.80 -12.01
CA GLY A 38 1.12 -26.24 -11.81
C GLY A 38 2.39 -26.73 -11.11
N PHE A 39 3.11 -25.87 -10.41
CA PHE A 39 4.32 -26.28 -9.68
C PHE A 39 3.98 -26.93 -8.33
N ASP A 40 4.85 -27.84 -7.90
CA ASP A 40 4.69 -28.48 -6.60
C ASP A 40 5.00 -27.51 -5.46
N TRP A 41 6.00 -26.66 -5.64
CA TRP A 41 6.31 -25.70 -4.60
C TRP A 41 6.73 -24.37 -5.22
N LEU A 42 6.52 -23.31 -4.45
CA LEU A 42 6.83 -21.96 -4.89
C LEU A 42 7.71 -21.31 -3.83
N LEU A 43 8.83 -20.74 -4.25
CA LEU A 43 9.79 -20.15 -3.31
C LEU A 43 9.57 -18.65 -3.26
N LEU A 44 9.03 -18.18 -2.14
CA LEU A 44 8.93 -16.76 -1.92
C LEU A 44 10.28 -16.31 -1.40
N ASP A 45 11.00 -15.56 -2.22
CA ASP A 45 12.38 -15.22 -1.95
C ASP A 45 12.39 -13.97 -1.10
N GLY A 46 12.74 -14.13 0.17
CA GLY A 46 12.89 -13.03 1.08
C GLY A 46 14.31 -12.56 1.22
N GLU A 47 15.26 -13.17 0.50
CA GLU A 47 16.67 -12.79 0.59
C GLU A 47 17.10 -11.85 -0.52
N HIS A 48 16.82 -12.18 -1.78
CA HIS A 48 17.28 -11.36 -2.92
C HIS A 48 16.17 -10.66 -3.69
N ALA A 49 14.92 -10.75 -3.26
CA ALA A 49 13.82 -10.05 -3.89
C ALA A 49 13.27 -9.03 -2.92
N PRO A 50 12.63 -7.98 -3.41
CA PRO A 50 12.19 -6.90 -2.51
C PRO A 50 10.93 -7.25 -1.73
N ASN A 51 11.05 -8.24 -0.85
CA ASN A 51 9.95 -8.72 -0.04
C ASN A 51 10.16 -8.34 1.42
N ASP A 52 9.05 -8.02 2.08
CA ASP A 52 9.00 -7.83 3.52
C ASP A 52 7.93 -8.74 4.10
N LEU A 53 7.75 -8.64 5.41
CA LEU A 53 6.80 -9.50 6.10
C LEU A 53 5.40 -9.34 5.55
N ARG A 54 4.97 -8.10 5.30
CA ARG A 54 3.59 -7.88 4.86
C ARG A 54 3.37 -8.39 3.43
N SER A 55 4.35 -8.20 2.55
CA SER A 55 4.20 -8.73 1.19
C SER A 55 4.29 -10.26 1.15
N LEU A 56 5.12 -10.87 2.02
CA LEU A 56 5.15 -12.33 2.07
C LEU A 56 3.81 -12.88 2.55
N LEU A 57 3.17 -12.17 3.49
CA LEU A 57 1.85 -12.58 3.96
C LEU A 57 0.81 -12.51 2.84
N GLY A 58 0.83 -11.43 2.06
CA GLY A 58 -0.09 -11.33 0.93
C GLY A 58 0.11 -12.44 -0.07
N GLN A 59 1.36 -12.79 -0.34
CA GLN A 59 1.65 -13.89 -1.27
C GLN A 59 1.22 -15.23 -0.70
N LEU A 60 1.36 -15.43 0.62
CA LEU A 60 0.86 -16.66 1.23
C LEU A 60 -0.66 -16.76 1.08
N GLN A 61 -1.35 -15.64 1.25
CA GLN A 61 -2.80 -15.63 1.09
C GLN A 61 -3.18 -15.92 -0.36
N ALA A 62 -2.46 -15.34 -1.31
CA ALA A 62 -2.77 -15.57 -2.71
C ALA A 62 -2.56 -17.03 -3.10
N LEU A 63 -1.49 -17.65 -2.62
CA LEU A 63 -1.16 -19.00 -3.04
C LEU A 63 -2.07 -20.07 -2.44
N ALA A 64 -2.65 -19.80 -1.27
CA ALA A 64 -3.26 -20.86 -0.48
C ALA A 64 -4.25 -21.75 -1.23
N PRO A 65 -5.15 -21.24 -2.08
CA PRO A 65 -6.14 -22.13 -2.71
C PRO A 65 -5.54 -23.17 -3.62
N TYR A 66 -4.38 -22.90 -4.19
CA TYR A 66 -3.80 -23.71 -5.23
C TYR A 66 -2.97 -24.85 -4.66
N PRO A 67 -2.61 -25.83 -5.51
CA PRO A 67 -1.87 -26.99 -5.01
C PRO A 67 -0.43 -26.70 -4.61
N GLY A 68 0.25 -25.79 -5.31
CA GLY A 68 1.66 -25.57 -5.01
C GLY A 68 1.86 -25.16 -3.56
N GLN A 69 2.90 -25.70 -2.95
CA GLN A 69 3.16 -25.37 -1.54
C GLN A 69 4.18 -24.25 -1.42
N PRO A 70 3.96 -23.31 -0.51
CA PRO A 70 4.90 -22.19 -0.35
C PRO A 70 6.08 -22.53 0.55
N VAL A 71 7.25 -22.12 0.13
CA VAL A 71 8.48 -22.14 0.93
C VAL A 71 8.98 -20.71 0.95
N ILE A 72 9.35 -20.22 2.15
CA ILE A 72 9.84 -18.86 2.34
C ILE A 72 11.33 -18.92 2.68
N ARG A 73 12.13 -18.11 1.98
CA ARG A 73 13.54 -17.96 2.30
C ARG A 73 13.77 -16.60 2.94
N PRO A 74 14.04 -16.52 4.24
CA PRO A 74 14.31 -15.22 4.86
C PRO A 74 15.68 -14.69 4.45
N VAL A 75 15.87 -13.39 4.63
CA VAL A 75 17.13 -12.77 4.22
C VAL A 75 18.29 -13.37 4.97
N GLN A 76 18.09 -13.77 6.22
CA GLN A 76 19.12 -14.44 6.99
C GLN A 76 18.43 -15.29 8.04
N GLY A 77 19.20 -16.20 8.64
CA GLY A 77 18.62 -17.08 9.64
C GLY A 77 18.51 -16.42 11.00
N ASP A 78 17.82 -15.28 11.04
CA ASP A 78 17.68 -14.55 12.28
C ASP A 78 16.49 -15.05 13.09
N THR A 79 16.68 -15.18 14.40
CA THR A 79 15.64 -15.75 15.25
C THR A 79 14.38 -14.88 15.28
N ALA A 80 14.53 -13.56 15.41
CA ALA A 80 13.36 -12.72 15.45
C ALA A 80 12.58 -12.78 14.14
N LEU A 81 13.31 -12.79 13.01
CA LEU A 81 12.67 -12.87 11.69
C LEU A 81 11.97 -14.21 11.51
N ILE A 82 12.60 -15.30 11.95
CA ILE A 82 12.01 -16.63 11.79
C ILE A 82 10.71 -16.72 12.56
N LYS A 83 10.68 -16.15 13.76
CA LYS A 83 9.47 -16.14 14.56
C LYS A 83 8.34 -15.41 13.86
N GLN A 84 8.62 -14.26 13.25
CA GLN A 84 7.58 -13.53 12.55
C GLN A 84 7.08 -14.30 11.34
N LEU A 85 8.00 -14.94 10.61
CA LEU A 85 7.60 -15.72 9.44
C LEU A 85 6.75 -16.93 9.85
N LEU A 86 7.10 -17.59 10.96
CA LEU A 86 6.30 -18.72 11.41
C LEU A 86 4.90 -18.28 11.83
N ASP A 87 4.78 -17.11 12.46
CA ASP A 87 3.48 -16.65 12.93
C ASP A 87 2.52 -16.31 11.78
N ILE A 88 3.03 -15.80 10.65
CA ILE A 88 2.14 -15.46 9.54
C ILE A 88 1.70 -16.73 8.83
N GLY A 89 2.22 -17.88 9.24
CA GLY A 89 1.72 -19.16 8.77
C GLY A 89 2.69 -19.96 7.94
N ALA A 90 3.90 -19.47 7.69
CA ALA A 90 4.86 -20.25 6.92
C ALA A 90 5.28 -21.46 7.72
N GLN A 91 5.26 -22.63 7.08
CA GLN A 91 5.63 -23.88 7.73
C GLN A 91 6.92 -24.46 7.22
N THR A 92 7.39 -24.04 6.06
CA THR A 92 8.65 -24.49 5.49
C THR A 92 9.51 -23.28 5.22
N LEU A 93 10.74 -23.28 5.74
CA LEU A 93 11.67 -22.18 5.57
C LEU A 93 12.94 -22.70 4.94
N LEU A 94 13.51 -21.91 4.01
CA LEU A 94 14.81 -22.20 3.41
C LEU A 94 15.78 -21.14 3.91
N VAL A 95 16.66 -21.53 4.82
CA VAL A 95 17.51 -20.61 5.56
C VAL A 95 18.87 -20.54 4.85
N PRO A 96 19.31 -19.35 4.43
CA PRO A 96 20.59 -19.22 3.75
C PRO A 96 21.79 -19.18 4.70
N MET A 97 22.98 -19.37 4.11
CA MET A 97 24.26 -19.18 4.80
C MET A 97 24.38 -20.02 6.07
N VAL A 98 24.04 -21.29 5.96
CA VAL A 98 24.18 -22.24 7.07
C VAL A 98 25.57 -22.86 6.95
N ASP A 99 26.46 -22.51 7.88
CA ASP A 99 27.85 -22.93 7.79
C ASP A 99 28.23 -24.09 8.69
N SER A 100 27.49 -24.36 9.77
CA SER A 100 27.94 -25.35 10.74
C SER A 100 26.75 -26.05 11.39
N ALA A 101 27.04 -27.20 11.99
CA ALA A 101 26.02 -27.95 12.72
C ALA A 101 25.47 -27.15 13.90
N ALA A 102 26.35 -26.44 14.61
CA ALA A 102 25.90 -25.63 15.74
C ALA A 102 24.90 -24.58 15.27
N GLN A 103 25.14 -23.96 14.12
CA GLN A 103 24.18 -23.01 13.58
C GLN A 103 22.87 -23.70 13.17
N ALA A 104 22.99 -24.87 12.54
CA ALA A 104 21.79 -25.58 12.12
C ALA A 104 20.98 -26.05 13.32
N GLU A 105 21.64 -26.47 14.39
CA GLU A 105 20.92 -26.88 15.59
C GLU A 105 20.16 -25.69 16.18
N GLY A 106 20.78 -24.51 16.15
CA GLY A 106 20.10 -23.32 16.60
C GLY A 106 18.89 -23.01 15.76
N LEU A 107 18.99 -23.24 14.44
CA LEU A 107 17.84 -23.02 13.56
C LEU A 107 16.71 -23.99 13.89
N VAL A 108 17.04 -25.23 14.25
CA VAL A 108 16.00 -26.18 14.65
C VAL A 108 15.29 -25.68 15.90
N ARG A 109 16.04 -25.18 16.88
CA ARG A 109 15.41 -24.68 18.10
C ARG A 109 14.56 -23.46 17.81
N ALA A 110 15.00 -22.59 16.90
CA ALA A 110 14.24 -21.39 16.60
C ALA A 110 12.85 -21.70 16.07
N VAL A 111 12.67 -22.85 15.40
CA VAL A 111 11.37 -23.22 14.85
C VAL A 111 10.60 -24.14 15.78
N ARG A 112 11.10 -24.37 16.99
CA ARG A 112 10.43 -25.24 17.95
C ARG A 112 10.04 -24.46 19.19
N TYR A 113 8.85 -24.76 19.71
CA TYR A 113 8.38 -24.13 20.93
C TYR A 113 9.15 -24.70 22.12
N PRO A 114 9.38 -23.89 23.16
CA PRO A 114 9.99 -24.43 24.37
C PRO A 114 9.08 -25.48 24.97
N PRO A 115 9.65 -26.48 25.67
CA PRO A 115 11.04 -26.64 26.12
C PRO A 115 12.05 -26.91 25.01
N ALA A 116 11.62 -27.63 23.97
CA ALA A 116 12.55 -28.07 22.94
C ALA A 116 13.27 -26.91 22.28
N GLY A 117 12.57 -25.79 22.08
CA GLY A 117 13.16 -24.69 21.34
C GLY A 117 13.01 -23.31 21.95
N VAL A 118 13.24 -22.28 21.15
CA VAL A 118 13.20 -20.90 21.59
C VAL A 118 12.16 -20.08 20.80
N ARG A 119 11.24 -20.74 20.11
CA ARG A 119 10.22 -19.99 19.38
C ARG A 119 9.29 -19.28 20.36
N GLY A 120 9.14 -17.97 20.17
CA GLY A 120 8.30 -17.20 21.07
C GLY A 120 6.83 -17.56 20.89
N VAL A 121 6.10 -17.59 22.01
CA VAL A 121 4.72 -18.04 22.06
C VAL A 121 3.81 -16.81 21.98
N GLY A 122 3.10 -16.67 20.87
CA GLY A 122 2.11 -15.63 20.69
C GLY A 122 1.11 -16.01 19.61
N SER A 123 0.86 -17.32 19.48
CA SER A 123 0.10 -17.85 18.35
C SER A 123 -1.35 -17.41 18.36
N ALA A 124 -1.95 -17.20 19.53
CA ALA A 124 -3.36 -16.79 19.55
C ALA A 124 -3.58 -15.56 18.68
N LEU A 125 -2.57 -14.72 18.57
CA LEU A 125 -2.60 -13.49 17.79
C LEU A 125 -2.23 -13.69 16.32
N ALA A 126 -1.88 -14.91 15.89
CA ALA A 126 -1.23 -15.07 14.60
C ALA A 126 -2.02 -15.96 13.65
N ARG A 127 -1.73 -15.79 12.37
CA ARG A 127 -2.36 -16.60 11.32
C ARG A 127 -1.97 -18.06 11.41
N ALA A 128 -0.80 -18.36 11.98
CA ALA A 128 -0.35 -19.75 12.03
C ALA A 128 -1.36 -20.64 12.74
N SER A 129 -1.97 -20.14 13.80
CA SER A 129 -3.00 -20.87 14.53
C SER A 129 -4.40 -20.49 14.08
N ARG A 130 -4.52 -19.73 12.99
CA ARG A 130 -5.80 -19.15 12.55
C ARG A 130 -6.45 -18.40 13.70
N TRP A 131 -5.64 -17.59 14.39
CA TRP A 131 -6.10 -16.73 15.48
C TRP A 131 -6.79 -17.54 16.58
N ASN A 132 -6.17 -18.67 16.94
CA ASN A 132 -6.64 -19.58 17.98
C ASN A 132 -7.83 -20.45 17.54
N SER A 133 -8.08 -20.56 16.24
CA SER A 133 -9.10 -21.50 15.78
C SER A 133 -8.60 -22.93 15.83
N VAL A 134 -7.31 -23.15 15.60
CA VAL A 134 -6.72 -24.48 15.60
C VAL A 134 -6.55 -24.93 17.05
N ALA A 135 -7.23 -26.02 17.41
CA ALA A 135 -7.19 -26.52 18.78
C ALA A 135 -5.86 -27.19 19.06
N GLU A 136 -5.30 -26.93 20.24
CA GLU A 136 -4.02 -27.52 20.62
C GLU A 136 -2.95 -27.33 19.54
N TYR A 137 -2.89 -26.10 19.01
CA TYR A 137 -1.84 -25.76 18.04
C TYR A 137 -0.46 -25.84 18.69
N LEU A 138 -0.34 -25.39 19.94
CA LEU A 138 0.95 -25.37 20.62
C LEU A 138 1.52 -26.77 20.77
N ASN A 139 0.67 -27.76 20.98
CA ASN A 139 1.15 -29.13 21.18
C ASN A 139 1.51 -29.84 19.89
N HIS A 140 1.10 -29.35 18.73
CA HIS A 140 1.41 -30.03 17.47
C HIS A 140 2.09 -29.16 16.42
N ALA A 141 2.35 -27.87 16.69
CA ALA A 141 2.91 -27.02 15.65
C ALA A 141 4.28 -27.53 15.22
N ASP A 142 5.08 -28.01 16.17
CA ASP A 142 6.42 -28.49 15.84
C ASP A 142 6.37 -29.61 14.81
N GLU A 143 5.35 -30.46 14.90
CA GLU A 143 5.28 -31.62 14.03
C GLU A 143 5.18 -31.22 12.56
N GLN A 144 4.64 -30.05 12.27
CA GLN A 144 4.43 -29.61 10.89
C GLN A 144 5.49 -28.64 10.40
N MET A 145 6.52 -28.35 11.21
CA MET A 145 7.58 -27.47 10.76
C MET A 145 8.57 -28.23 9.88
N CYS A 146 8.98 -27.58 8.79
CA CYS A 146 9.95 -28.13 7.86
C CYS A 146 11.06 -27.12 7.67
N LEU A 147 12.28 -27.47 8.11
CA LEU A 147 13.43 -26.59 8.04
C LEU A 147 14.40 -27.09 6.98
N LEU A 148 14.75 -26.21 6.05
CA LEU A 148 15.71 -26.49 4.98
C LEU A 148 16.87 -25.51 5.12
N VAL A 149 18.09 -26.00 4.99
CA VAL A 149 19.28 -25.18 5.15
C VAL A 149 20.03 -25.09 3.83
N GLN A 150 20.56 -23.91 3.55
CA GLN A 150 21.33 -23.66 2.34
C GLN A 150 22.80 -23.82 2.68
N VAL A 151 23.49 -24.68 1.92
CA VAL A 151 24.94 -24.80 2.00
C VAL A 151 25.50 -24.12 0.75
N GLU A 152 26.25 -23.04 0.95
CA GLU A 152 26.62 -22.25 -0.21
C GLU A 152 28.03 -21.66 -0.15
N ASN A 153 28.90 -22.13 0.75
CA ASN A 153 30.24 -21.61 0.84
C ASN A 153 31.16 -22.73 1.33
N LEU A 154 32.47 -22.46 1.35
CA LEU A 154 33.43 -23.52 1.67
C LEU A 154 33.24 -24.06 3.08
N GLU A 155 32.99 -23.20 4.06
CA GLU A 155 32.84 -23.72 5.42
C GLU A 155 31.62 -24.63 5.50
N GLY A 156 30.52 -24.26 4.84
CA GLY A 156 29.35 -25.12 4.81
C GLY A 156 29.62 -26.45 4.14
N LEU A 157 30.41 -26.46 3.08
CA LEU A 157 30.73 -27.70 2.41
C LEU A 157 31.55 -28.64 3.32
N ALA A 158 32.54 -28.08 4.02
CA ALA A 158 33.38 -28.90 4.89
C ALA A 158 32.56 -29.55 6.00
N ASN A 159 31.56 -28.83 6.52
CA ASN A 159 30.72 -29.34 7.59
C ASN A 159 29.42 -29.95 7.08
N LEU A 160 29.37 -30.29 5.78
CA LEU A 160 28.12 -30.74 5.18
C LEU A 160 27.58 -31.97 5.88
N ASP A 161 28.45 -32.94 6.21
CA ASP A 161 27.98 -34.17 6.87
C ASP A 161 27.39 -33.87 8.24
N ALA A 162 28.06 -33.01 9.02
CA ALA A 162 27.52 -32.66 10.34
C ALA A 162 26.20 -31.92 10.23
N ILE A 163 26.10 -30.97 9.28
CA ILE A 163 24.89 -30.18 9.14
C ILE A 163 23.71 -31.07 8.77
N ALA A 164 23.91 -31.95 7.78
CA ALA A 164 22.83 -32.85 7.36
C ALA A 164 22.43 -33.79 8.48
N ALA A 165 23.37 -34.17 9.34
CA ALA A 165 23.09 -35.04 10.47
C ALA A 165 22.21 -34.40 11.52
N VAL A 166 22.16 -33.06 11.58
CA VAL A 166 21.42 -32.38 12.65
C VAL A 166 19.97 -32.83 12.65
N GLU A 167 19.48 -33.21 13.83
CA GLU A 167 18.09 -33.60 13.97
C GLU A 167 17.21 -32.36 13.85
N GLY A 168 16.17 -32.45 13.01
CA GLY A 168 15.33 -31.32 12.69
C GLY A 168 15.66 -30.65 11.38
N VAL A 169 16.82 -30.93 10.81
CA VAL A 169 17.18 -30.42 9.49
C VAL A 169 16.58 -31.43 8.50
N ASP A 170 15.45 -31.05 7.90
CA ASP A 170 14.74 -31.93 6.99
C ASP A 170 15.43 -32.01 5.63
N GLY A 171 15.98 -30.90 5.16
CA GLY A 171 16.59 -30.89 3.84
C GLY A 171 17.76 -29.95 3.79
N VAL A 172 18.67 -30.23 2.85
CA VAL A 172 19.85 -29.41 2.63
C VAL A 172 19.79 -28.90 1.21
N PHE A 173 19.82 -27.58 1.07
CA PHE A 173 19.70 -26.94 -0.23
C PHE A 173 21.07 -26.43 -0.66
N ILE A 174 21.42 -26.69 -1.92
CA ILE A 174 22.70 -26.28 -2.49
C ILE A 174 22.48 -25.06 -3.35
N GLY A 175 23.20 -23.97 -3.06
CA GLY A 175 23.13 -22.76 -3.87
C GLY A 175 24.33 -22.69 -4.80
N PRO A 176 24.10 -23.05 -6.06
CA PRO A 176 25.24 -23.16 -7.00
C PRO A 176 25.96 -21.85 -7.29
N ALA A 177 25.24 -20.73 -7.33
CA ALA A 177 25.89 -19.46 -7.63
C ALA A 177 26.86 -19.05 -6.53
N ASP A 178 26.42 -19.09 -5.27
CA ASP A 178 27.31 -18.70 -4.18
C ASP A 178 28.43 -19.72 -3.98
N LEU A 179 28.12 -21.01 -4.10
CA LEU A 179 29.16 -22.02 -3.91
C LEU A 179 30.22 -21.91 -5.00
N SER A 180 29.79 -21.68 -6.24
CA SER A 180 30.74 -21.51 -7.34
C SER A 180 31.65 -20.30 -7.10
N ALA A 181 31.08 -19.18 -6.66
CA ALA A 181 31.90 -18.02 -6.34
C ALA A 181 32.84 -18.31 -5.18
N ALA A 182 32.36 -19.05 -4.18
CA ALA A 182 33.19 -19.39 -3.02
C ALA A 182 34.37 -20.26 -3.42
N MET A 183 34.21 -21.09 -4.45
CA MET A 183 35.25 -22.01 -4.90
C MET A 183 36.20 -21.40 -5.91
N GLY A 184 36.07 -20.09 -6.18
CA GLY A 184 36.95 -19.42 -7.12
C GLY A 184 36.47 -19.39 -8.56
N HIS A 185 35.19 -19.66 -8.81
CA HIS A 185 34.63 -19.68 -10.15
C HIS A 185 33.36 -18.81 -10.21
N ARG A 186 33.50 -17.55 -9.79
CA ARG A 186 32.33 -16.67 -9.75
C ARG A 186 31.74 -16.51 -11.14
N GLY A 187 30.45 -16.81 -11.28
CA GLY A 187 29.79 -16.73 -12.57
C GLY A 187 30.05 -17.92 -13.47
N ASN A 188 30.61 -19.00 -12.94
CA ASN A 188 30.98 -20.16 -13.74
C ASN A 188 30.58 -21.44 -13.00
N PRO A 189 29.29 -21.60 -12.72
CA PRO A 189 28.84 -22.81 -11.98
C PRO A 189 29.00 -24.09 -12.77
N GLY A 190 29.03 -24.00 -14.11
CA GLY A 190 29.23 -25.14 -14.98
C GLY A 190 30.61 -25.77 -14.91
N HIS A 191 31.57 -25.08 -14.31
CA HIS A 191 32.93 -25.62 -14.21
C HIS A 191 32.89 -27.00 -13.53
N PRO A 192 33.65 -27.97 -14.04
CA PRO A 192 33.56 -29.34 -13.49
C PRO A 192 33.87 -29.44 -12.00
N GLU A 193 34.77 -28.60 -11.47
CA GLU A 193 35.05 -28.63 -10.03
C GLU A 193 33.81 -28.31 -9.22
N VAL A 194 33.03 -27.30 -9.64
CA VAL A 194 31.79 -26.99 -8.96
C VAL A 194 30.79 -28.14 -9.13
N GLN A 195 30.67 -28.67 -10.34
CA GLN A 195 29.73 -29.77 -10.58
C GLN A 195 30.13 -31.02 -9.81
N ALA A 196 31.42 -31.31 -9.73
CA ALA A 196 31.86 -32.46 -8.95
C ALA A 196 31.53 -32.29 -7.46
N ALA A 197 31.71 -31.07 -6.94
CA ALA A 197 31.36 -30.80 -5.55
C ALA A 197 29.85 -30.91 -5.32
N ILE A 198 29.04 -30.43 -6.27
CA ILE A 198 27.59 -30.49 -6.11
C ILE A 198 27.10 -31.94 -6.10
N GLU A 199 27.53 -32.75 -7.07
CA GLU A 199 27.06 -34.13 -7.14
C GLU A 199 27.53 -34.93 -5.93
N ASP A 200 28.76 -34.69 -5.46
CA ASP A 200 29.22 -35.30 -4.22
C ASP A 200 28.37 -34.82 -3.03
N ALA A 201 28.03 -33.54 -3.01
CA ALA A 201 27.23 -33.01 -1.90
C ALA A 201 25.85 -33.66 -1.86
N ILE A 202 25.21 -33.79 -3.02
CA ILE A 202 23.90 -34.42 -3.09
C ILE A 202 23.98 -35.85 -2.55
N HIS A 203 25.03 -36.58 -2.89
CA HIS A 203 25.18 -37.94 -2.41
C HIS A 203 25.31 -37.98 -0.90
N ARG A 204 26.08 -37.04 -0.33
CA ARG A 204 26.26 -37.04 1.12
C ARG A 204 24.96 -36.72 1.84
N ILE A 205 24.17 -35.79 1.31
CA ILE A 205 22.90 -35.44 1.94
C ILE A 205 21.96 -36.65 1.94
N ARG A 206 21.88 -37.36 0.81
CA ARG A 206 20.97 -38.50 0.72
C ARG A 206 21.43 -39.64 1.61
N THR A 207 22.75 -39.87 1.70
CA THR A 207 23.23 -40.92 2.59
C THR A 207 22.96 -40.60 4.06
N ALA A 208 22.75 -39.33 4.41
CA ALA A 208 22.30 -38.98 5.74
C ALA A 208 20.80 -39.17 5.94
N GLY A 209 20.04 -39.45 4.87
CA GLY A 209 18.61 -39.61 4.95
C GLY A 209 17.78 -38.36 4.74
N LYS A 210 18.39 -37.23 4.39
CA LYS A 210 17.70 -35.96 4.19
C LYS A 210 17.48 -35.68 2.71
N ALA A 211 16.56 -34.75 2.43
CA ALA A 211 16.29 -34.34 1.06
C ALA A 211 17.34 -33.34 0.59
N ALA A 212 17.80 -33.55 -0.65
CA ALA A 212 18.78 -32.68 -1.28
C ALA A 212 18.08 -31.77 -2.27
N GLY A 213 18.41 -30.47 -2.23
CA GLY A 213 17.72 -29.48 -3.03
C GLY A 213 18.69 -28.60 -3.78
N ILE A 214 18.19 -28.00 -4.87
CA ILE A 214 19.01 -27.16 -5.72
C ILE A 214 18.10 -26.32 -6.61
N LEU A 215 18.67 -25.26 -7.18
CA LEU A 215 17.98 -24.43 -8.17
C LEU A 215 18.79 -24.47 -9.45
N SER A 216 18.14 -24.82 -10.55
CA SER A 216 18.77 -24.82 -11.85
C SER A 216 17.79 -24.27 -12.86
N ALA A 217 18.07 -23.07 -13.37
CA ALA A 217 17.30 -22.56 -14.49
C ALA A 217 17.57 -23.36 -15.76
N ASP A 218 18.78 -23.91 -15.88
CA ASP A 218 19.09 -24.75 -17.04
C ASP A 218 18.33 -26.07 -16.93
N GLU A 219 17.49 -26.34 -17.93
CA GLU A 219 16.56 -27.47 -17.81
C GLU A 219 17.27 -28.82 -17.94
N THR A 220 18.25 -28.95 -18.83
CA THR A 220 18.93 -30.25 -18.89
C THR A 220 19.68 -30.53 -17.58
N LEU A 221 20.30 -29.51 -17.00
CA LEU A 221 20.99 -29.70 -15.73
C LEU A 221 20.00 -30.05 -14.61
N ALA A 222 18.82 -29.43 -14.62
CA ALA A 222 17.81 -29.77 -13.61
C ALA A 222 17.37 -31.23 -13.74
N ARG A 223 17.31 -31.75 -14.95
CA ARG A 223 16.95 -33.16 -15.11
C ARG A 223 18.01 -34.05 -14.49
N ARG A 224 19.28 -33.69 -14.63
CA ARG A 224 20.36 -34.47 -14.03
C ARG A 224 20.21 -34.50 -12.52
N TYR A 225 19.91 -33.35 -11.92
CA TYR A 225 19.78 -33.27 -10.47
C TYR A 225 18.62 -34.13 -9.97
N LEU A 226 17.52 -34.16 -10.73
CA LEU A 226 16.41 -35.05 -10.36
C LEU A 226 16.80 -36.51 -10.51
N GLU A 227 17.49 -36.86 -11.61
CA GLU A 227 17.93 -38.23 -11.79
C GLU A 227 18.94 -38.66 -10.73
N LEU A 228 19.71 -37.71 -10.19
CA LEU A 228 20.67 -37.98 -9.12
C LEU A 228 20.01 -38.06 -7.75
N GLY A 229 18.71 -37.88 -7.65
CA GLY A 229 17.99 -38.09 -6.40
C GLY A 229 17.58 -36.87 -5.60
N CYS A 230 17.56 -35.69 -6.20
CA CYS A 230 17.09 -34.52 -5.46
C CYS A 230 15.60 -34.63 -5.18
N ALA A 231 15.23 -34.39 -3.92
CA ALA A 231 13.83 -34.46 -3.53
C ALA A 231 13.07 -33.20 -3.95
N PHE A 232 13.69 -32.03 -3.88
CA PHE A 232 13.05 -30.79 -4.33
C PHE A 232 14.01 -29.98 -5.21
N VAL A 233 13.57 -29.71 -6.45
CA VAL A 233 14.35 -29.00 -7.44
C VAL A 233 13.51 -27.86 -7.99
N ALA A 234 14.06 -26.64 -8.00
CA ALA A 234 13.42 -25.48 -8.60
C ALA A 234 13.97 -25.34 -10.01
N VAL A 235 13.07 -25.32 -10.99
CA VAL A 235 13.46 -25.36 -12.39
C VAL A 235 13.37 -24.00 -13.08
N GLY A 236 13.02 -22.94 -12.37
CA GLY A 236 12.94 -21.65 -13.02
C GLY A 236 12.74 -20.54 -12.03
N VAL A 237 12.97 -19.32 -12.52
CA VAL A 237 12.76 -18.09 -11.76
C VAL A 237 11.75 -17.25 -12.53
N ASP A 238 10.71 -16.79 -11.84
CA ASP A 238 9.62 -16.09 -12.52
C ASP A 238 10.10 -14.81 -13.18
N THR A 239 10.98 -14.05 -12.51
CA THR A 239 11.48 -12.81 -13.09
C THR A 239 12.34 -13.08 -14.31
N SER A 240 13.17 -14.14 -14.27
CA SER A 240 13.98 -14.49 -15.43
C SER A 240 13.09 -14.96 -16.57
N LEU A 241 12.10 -15.79 -16.28
CA LEU A 241 11.22 -16.27 -17.34
C LEU A 241 10.46 -15.10 -17.97
N LEU A 242 9.95 -14.18 -17.15
CA LEU A 242 9.21 -13.04 -17.69
C LEU A 242 10.12 -12.13 -18.50
N MET A 243 11.28 -11.78 -17.95
CA MET A 243 12.20 -10.86 -18.63
C MET A 243 12.69 -11.47 -19.94
N ARG A 244 12.98 -12.75 -19.94
CA ARG A 244 13.45 -13.40 -21.16
C ARG A 244 12.36 -13.45 -22.23
N SER A 245 11.15 -13.85 -21.86
CA SER A 245 10.07 -13.93 -22.84
C SER A 245 9.77 -12.56 -23.43
N LEU A 246 9.75 -11.51 -22.60
CA LEU A 246 9.40 -10.18 -23.09
C LEU A 246 10.42 -9.66 -24.10
N ARG A 247 11.71 -9.75 -23.77
CA ARG A 247 12.74 -9.21 -24.65
C ARG A 247 12.85 -9.99 -25.97
N GLU A 248 12.63 -11.31 -25.93
CA GLU A 248 12.67 -12.10 -27.16
C GLU A 248 11.51 -11.73 -28.07
N LEU A 249 10.32 -11.53 -27.50
CA LEU A 249 9.18 -11.12 -28.29
C LEU A 249 9.44 -9.78 -28.97
N ALA A 250 10.06 -8.83 -28.26
CA ALA A 250 10.40 -7.56 -28.87
C ALA A 250 11.42 -7.76 -30.00
N GLY A 251 12.41 -8.62 -29.78
CA GLY A 251 13.42 -8.86 -30.80
C GLY A 251 12.85 -9.45 -32.08
N ARG A 252 11.83 -10.29 -31.97
CA ARG A 252 11.18 -10.84 -33.16
C ARG A 252 10.56 -9.76 -34.03
N PHE A 253 10.22 -8.60 -33.47
CA PHE A 253 9.62 -7.52 -34.24
C PHE A 253 10.53 -6.30 -34.40
N LYS A 254 11.76 -6.35 -33.89
CA LYS A 254 12.68 -5.23 -34.01
C LYS A 254 13.99 -5.66 -34.68
N ASP B 2 -11.29 -25.63 -16.42
CA ASP B 2 -12.15 -25.92 -15.27
C ASP B 2 -12.68 -24.64 -14.66
N LEU B 3 -13.83 -24.21 -15.15
CA LEU B 3 -14.39 -22.91 -14.78
C LEU B 3 -14.85 -22.93 -13.33
N PRO B 4 -14.60 -21.87 -12.57
CA PRO B 4 -15.01 -21.84 -11.16
C PRO B 4 -16.54 -21.90 -11.04
N VAL B 5 -17.02 -22.85 -10.23
CA VAL B 5 -18.46 -23.04 -10.02
C VAL B 5 -18.91 -22.15 -8.85
N ASN B 6 -20.05 -21.48 -9.04
CA ASN B 6 -20.62 -20.54 -8.07
C ASN B 6 -21.52 -21.30 -7.12
N ARG B 7 -20.98 -21.72 -5.98
CA ARG B 7 -21.77 -22.51 -5.04
C ARG B 7 -22.85 -21.67 -4.35
N PHE B 8 -22.63 -20.36 -4.20
CA PHE B 8 -23.71 -19.53 -3.66
C PHE B 8 -24.94 -19.56 -4.56
N LYS B 9 -24.73 -19.46 -5.88
CA LYS B 9 -25.84 -19.49 -6.85
C LYS B 9 -26.56 -20.85 -6.82
N GLN B 10 -25.79 -21.94 -6.76
CA GLN B 10 -26.38 -23.27 -6.72
C GLN B 10 -27.25 -23.45 -5.48
N ARG B 11 -26.72 -23.10 -4.31
CA ARG B 11 -27.46 -23.36 -3.07
C ARG B 11 -28.74 -22.55 -3.03
N LEU B 12 -28.76 -21.41 -3.72
CA LEU B 12 -29.96 -20.60 -3.82
C LEU B 12 -31.07 -21.38 -4.53
N ARG B 13 -30.74 -22.15 -5.57
CA ARG B 13 -31.70 -22.96 -6.32
C ARG B 13 -32.08 -24.24 -5.58
N SER B 14 -31.27 -24.65 -4.62
CA SER B 14 -31.60 -25.75 -3.73
C SER B 14 -32.48 -25.23 -2.60
N GLY B 15 -32.93 -26.13 -1.74
CA GLY B 15 -33.83 -25.72 -0.66
C GLY B 15 -33.19 -24.87 0.42
N GLU B 16 -31.88 -24.99 0.60
CA GLU B 16 -31.22 -24.45 1.79
C GLU B 16 -30.99 -22.94 1.75
N ALA B 17 -31.20 -22.32 2.92
CA ALA B 17 -30.89 -20.92 3.18
C ALA B 17 -29.40 -20.77 3.45
N GLN B 18 -28.89 -19.57 3.20
CA GLN B 18 -27.47 -19.29 3.35
C GLN B 18 -27.22 -18.21 4.40
N ILE B 19 -26.35 -18.51 5.37
CA ILE B 19 -26.04 -17.59 6.46
C ILE B 19 -24.83 -16.76 6.07
N GLY B 20 -24.96 -15.43 6.22
CA GLY B 20 -23.94 -14.53 5.74
C GLY B 20 -23.48 -13.55 6.80
N LEU B 21 -22.32 -12.96 6.54
CA LEU B 21 -21.74 -11.92 7.36
C LEU B 21 -21.34 -10.77 6.46
N TRP B 22 -21.53 -9.55 6.96
CA TRP B 22 -21.17 -8.33 6.24
C TRP B 22 -19.73 -7.96 6.58
N LEU B 23 -18.92 -7.69 5.56
CA LEU B 23 -17.50 -7.35 5.72
C LEU B 23 -17.25 -5.89 5.38
N GLY B 24 -16.99 -5.07 6.38
CA GLY B 24 -16.73 -3.66 6.16
C GLY B 24 -15.36 -3.20 6.63
N LEU B 25 -14.54 -4.14 7.10
CA LEU B 25 -13.21 -3.80 7.60
C LEU B 25 -12.24 -3.46 6.46
N ALA B 26 -12.53 -3.90 5.23
CA ALA B 26 -11.82 -3.42 4.03
C ALA B 26 -10.34 -3.74 4.02
N ASP B 27 -9.98 -4.90 4.56
CA ASP B 27 -8.60 -5.34 4.58
C ASP B 27 -8.50 -6.84 4.32
N PRO B 28 -7.54 -7.29 3.51
CA PRO B 28 -7.41 -8.74 3.30
C PRO B 28 -7.13 -9.51 4.58
N TYR B 29 -6.32 -8.94 5.48
CA TYR B 29 -6.02 -9.63 6.73
C TYR B 29 -7.23 -9.68 7.65
N CYS B 30 -7.91 -8.54 7.86
CA CYS B 30 -9.12 -8.56 8.67
C CYS B 30 -10.20 -9.46 8.02
N ALA B 31 -10.21 -9.54 6.69
CA ALA B 31 -11.17 -10.40 5.99
C ALA B 31 -10.87 -11.89 6.16
N GLU B 32 -9.59 -12.28 6.20
CA GLU B 32 -9.29 -13.71 6.34
C GLU B 32 -9.78 -14.26 7.68
N LEU B 33 -9.76 -13.44 8.73
CA LEU B 33 -10.33 -13.90 9.99
C LEU B 33 -11.78 -14.30 9.81
N ALA B 34 -12.55 -13.46 9.09
CA ALA B 34 -13.96 -13.74 8.87
C ALA B 34 -14.15 -15.03 8.06
N ALA B 35 -13.25 -15.28 7.11
CA ALA B 35 -13.34 -16.52 6.34
C ALA B 35 -13.20 -17.76 7.23
N ASN B 36 -12.59 -17.60 8.40
CA ASN B 36 -12.43 -18.67 9.37
C ASN B 36 -13.64 -18.86 10.27
N ALA B 37 -14.65 -17.99 10.17
CA ALA B 37 -15.76 -18.00 11.12
C ALA B 37 -16.83 -19.06 10.82
N GLY B 38 -16.93 -19.56 9.59
CA GLY B 38 -17.92 -20.57 9.26
C GLY B 38 -19.17 -20.11 8.54
N PHE B 39 -19.18 -18.94 7.94
CA PHE B 39 -20.34 -18.44 7.23
C PHE B 39 -20.49 -19.04 5.83
N ASP B 40 -21.74 -19.10 5.37
CA ASP B 40 -22.02 -19.55 4.01
C ASP B 40 -21.58 -18.52 2.99
N TRP B 41 -21.78 -17.23 3.30
CA TRP B 41 -21.39 -16.20 2.36
C TRP B 41 -20.91 -14.98 3.13
N LEU B 42 -20.05 -14.21 2.47
CA LEU B 42 -19.46 -13.00 3.03
C LEU B 42 -19.70 -11.85 2.07
N LEU B 43 -20.18 -10.73 2.58
CA LEU B 43 -20.52 -9.57 1.76
C LEU B 43 -19.37 -8.58 1.85
N LEU B 44 -18.63 -8.45 0.76
CA LEU B 44 -17.56 -7.45 0.66
C LEU B 44 -18.22 -6.17 0.23
N ASP B 45 -18.30 -5.19 1.13
CA ASP B 45 -19.11 -4.00 0.90
C ASP B 45 -18.29 -2.92 0.21
N GLY B 46 -18.62 -2.65 -1.05
CA GLY B 46 -18.02 -1.57 -1.78
C GLY B 46 -18.83 -0.29 -1.80
N GLU B 47 -20.00 -0.27 -1.15
CA GLU B 47 -20.87 0.90 -1.14
C GLU B 47 -20.66 1.77 0.09
N HIS B 48 -20.68 1.17 1.27
CA HIS B 48 -20.55 1.90 2.53
C HIS B 48 -19.26 1.58 3.29
N ALA B 49 -18.35 0.79 2.72
CA ALA B 49 -17.10 0.59 3.41
C ALA B 49 -15.96 1.14 2.55
N PRO B 50 -14.82 1.49 3.16
CA PRO B 50 -13.76 2.17 2.38
C PRO B 50 -12.96 1.21 1.50
N ASN B 51 -13.63 0.66 0.50
CA ASN B 51 -13.06 -0.33 -0.40
C ASN B 51 -12.92 0.26 -1.80
N ASP B 52 -11.85 -0.13 -2.50
CA ASP B 52 -11.66 0.15 -3.90
C ASP B 52 -11.44 -1.18 -4.62
N LEU B 53 -11.20 -1.11 -5.92
CA LEU B 53 -11.02 -2.33 -6.71
C LEU B 53 -9.86 -3.18 -6.18
N ARG B 54 -8.72 -2.56 -5.85
CA ARG B 54 -7.57 -3.33 -5.44
C ARG B 54 -7.77 -3.97 -4.06
N SER B 55 -8.46 -3.28 -3.15
CA SER B 55 -8.71 -3.89 -1.83
C SER B 55 -9.73 -5.03 -1.93
N LEU B 56 -10.74 -4.91 -2.79
CA LEU B 56 -11.67 -6.02 -2.98
C LEU B 56 -10.94 -7.24 -3.55
N LEU B 57 -10.01 -7.02 -4.49
CA LEU B 57 -9.23 -8.12 -5.05
C LEU B 57 -8.42 -8.81 -3.96
N GLY B 58 -7.78 -8.04 -3.08
CA GLY B 58 -7.04 -8.64 -1.98
C GLY B 58 -7.92 -9.47 -1.06
N GLN B 59 -9.12 -8.99 -0.79
CA GLN B 59 -10.04 -9.73 0.05
C GLN B 59 -10.50 -11.01 -0.63
N LEU B 60 -10.69 -10.98 -1.95
CA LEU B 60 -11.05 -12.19 -2.69
C LEU B 60 -9.95 -13.25 -2.60
N GLN B 61 -8.68 -12.83 -2.71
CA GLN B 61 -7.57 -13.78 -2.62
C GLN B 61 -7.45 -14.37 -1.22
N ALA B 62 -7.63 -13.54 -0.19
CA ALA B 62 -7.62 -14.05 1.19
C ALA B 62 -8.77 -15.00 1.42
N LEU B 63 -9.94 -14.72 0.83
CA LEU B 63 -11.15 -15.51 1.07
C LEU B 63 -11.13 -16.87 0.37
N ALA B 64 -10.44 -16.98 -0.77
CA ALA B 64 -10.63 -18.13 -1.65
C ALA B 64 -10.41 -19.50 -0.99
N PRO B 65 -9.41 -19.70 -0.13
CA PRO B 65 -9.18 -21.06 0.39
C PRO B 65 -10.34 -21.62 1.18
N TYR B 66 -11.20 -20.79 1.73
CA TYR B 66 -12.26 -21.18 2.65
C TYR B 66 -13.58 -21.46 1.95
N PRO B 67 -14.51 -22.11 2.66
CA PRO B 67 -15.82 -22.45 2.07
C PRO B 67 -16.72 -21.25 1.79
N GLY B 68 -16.65 -20.19 2.60
CA GLY B 68 -17.59 -19.08 2.43
C GLY B 68 -17.49 -18.46 1.05
N GLN B 69 -18.64 -18.13 0.49
CA GLN B 69 -18.67 -17.57 -0.86
C GLN B 69 -18.63 -16.04 -0.80
N PRO B 70 -17.79 -15.39 -1.61
CA PRO B 70 -17.76 -13.93 -1.60
C PRO B 70 -18.87 -13.35 -2.47
N VAL B 71 -19.53 -12.34 -1.94
CA VAL B 71 -20.50 -11.53 -2.66
C VAL B 71 -20.02 -10.09 -2.55
N ILE B 72 -19.99 -9.37 -3.66
CA ILE B 72 -19.49 -8.00 -3.71
C ILE B 72 -20.65 -7.05 -3.94
N ARG B 73 -20.72 -5.98 -3.14
CA ARG B 73 -21.70 -4.94 -3.36
C ARG B 73 -20.99 -3.72 -3.92
N PRO B 74 -21.16 -3.40 -5.20
CA PRO B 74 -20.53 -2.20 -5.72
C PRO B 74 -21.20 -0.96 -5.17
N VAL B 75 -20.49 0.17 -5.28
CA VAL B 75 -21.04 1.43 -4.80
C VAL B 75 -22.29 1.80 -5.59
N GLN B 76 -22.33 1.44 -6.86
CA GLN B 76 -23.51 1.61 -7.69
C GLN B 76 -23.44 0.63 -8.85
N GLY B 77 -24.56 0.45 -9.52
CA GLY B 77 -24.64 -0.47 -10.63
C GLY B 77 -24.15 0.12 -11.93
N ASP B 78 -22.92 0.62 -11.93
CA ASP B 78 -22.34 1.22 -13.12
C ASP B 78 -21.72 0.13 -13.98
N THR B 79 -21.91 0.25 -15.29
CA THR B 79 -21.48 -0.83 -16.17
C THR B 79 -19.96 -1.01 -16.12
N ALA B 80 -19.20 0.09 -16.20
CA ALA B 80 -17.74 -0.04 -16.19
C ALA B 80 -17.23 -0.65 -14.90
N LEU B 81 -17.80 -0.24 -13.76
CA LEU B 81 -17.37 -0.78 -12.48
C LEU B 81 -17.70 -2.27 -12.38
N ILE B 82 -18.90 -2.65 -12.81
CA ILE B 82 -19.29 -4.06 -12.75
C ILE B 82 -18.36 -4.89 -13.62
N LYS B 83 -17.96 -4.34 -14.77
CA LYS B 83 -17.01 -5.04 -15.63
C LYS B 83 -15.69 -5.27 -14.91
N GLN B 84 -15.20 -4.26 -14.17
CA GLN B 84 -13.95 -4.41 -13.42
C GLN B 84 -14.08 -5.43 -12.32
N LEU B 85 -15.22 -5.43 -11.62
CA LEU B 85 -15.43 -6.40 -10.56
C LEU B 85 -15.49 -7.80 -11.12
N LEU B 86 -16.11 -7.96 -12.29
CA LEU B 86 -16.20 -9.28 -12.93
C LEU B 86 -14.83 -9.80 -13.33
N ASP B 87 -13.96 -8.92 -13.84
CA ASP B 87 -12.64 -9.35 -14.28
C ASP B 87 -11.73 -9.79 -13.12
N ILE B 88 -11.88 -9.20 -11.92
CA ILE B 88 -11.06 -9.65 -10.80
C ILE B 88 -11.55 -10.96 -10.20
N GLY B 89 -12.67 -11.50 -10.70
CA GLY B 89 -13.10 -12.84 -10.32
C GLY B 89 -14.40 -12.92 -9.55
N ALA B 90 -15.07 -11.80 -9.26
CA ALA B 90 -16.35 -11.84 -8.55
C ALA B 90 -17.43 -12.43 -9.44
N GLN B 91 -18.19 -13.39 -8.89
CA GLN B 91 -19.24 -14.07 -9.61
C GLN B 91 -20.63 -13.76 -9.10
N THR B 92 -20.74 -13.21 -7.88
CA THR B 92 -22.01 -12.83 -7.28
C THR B 92 -21.95 -11.38 -6.87
N LEU B 93 -22.90 -10.58 -7.34
CA LEU B 93 -22.92 -9.15 -7.07
C LEU B 93 -24.23 -8.78 -6.40
N LEU B 94 -24.15 -7.89 -5.41
CA LEU B 94 -25.34 -7.31 -4.78
C LEU B 94 -25.33 -5.83 -5.16
N VAL B 95 -26.18 -5.46 -6.10
CA VAL B 95 -26.17 -4.13 -6.69
C VAL B 95 -27.21 -3.27 -5.97
N PRO B 96 -26.84 -2.15 -5.38
CA PRO B 96 -27.78 -1.33 -4.62
C PRO B 96 -28.63 -0.44 -5.51
N MET B 97 -29.66 0.14 -4.90
CA MET B 97 -30.48 1.17 -5.52
C MET B 97 -31.03 0.72 -6.87
N VAL B 98 -31.57 -0.49 -6.91
CA VAL B 98 -32.22 -0.98 -8.11
C VAL B 98 -33.68 -0.57 -8.01
N ASP B 99 -34.09 0.39 -8.83
CA ASP B 99 -35.41 0.99 -8.72
C ASP B 99 -36.40 0.52 -9.77
N SER B 100 -35.95 -0.05 -10.90
CA SER B 100 -36.89 -0.36 -11.97
C SER B 100 -36.48 -1.63 -12.69
N ALA B 101 -37.46 -2.26 -13.33
CA ALA B 101 -37.18 -3.48 -14.08
C ALA B 101 -36.20 -3.20 -15.21
N ALA B 102 -36.33 -2.04 -15.86
CA ALA B 102 -35.40 -1.71 -16.93
C ALA B 102 -33.98 -1.67 -16.42
N GLN B 103 -33.78 -1.06 -15.25
CA GLN B 103 -32.44 -0.99 -14.67
C GLN B 103 -31.96 -2.40 -14.31
N ALA B 104 -32.86 -3.24 -13.83
CA ALA B 104 -32.49 -4.61 -13.50
C ALA B 104 -32.06 -5.37 -14.76
N GLU B 105 -32.72 -5.10 -15.89
CA GLU B 105 -32.31 -5.73 -17.15
C GLU B 105 -30.94 -5.29 -17.58
N GLY B 106 -30.63 -4.00 -17.42
CA GLY B 106 -29.33 -3.52 -17.79
C GLY B 106 -28.23 -4.19 -16.99
N LEU B 107 -28.49 -4.44 -15.70
CA LEU B 107 -27.52 -5.16 -14.87
C LEU B 107 -27.37 -6.61 -15.31
N VAL B 108 -28.46 -7.25 -15.75
CA VAL B 108 -28.33 -8.63 -16.22
C VAL B 108 -27.44 -8.68 -17.46
N ARG B 109 -27.64 -7.75 -18.39
CA ARG B 109 -26.82 -7.70 -19.58
C ARG B 109 -25.38 -7.31 -19.27
N ALA B 110 -25.19 -6.48 -18.25
CA ALA B 110 -23.84 -6.04 -17.88
C ALA B 110 -22.96 -7.21 -17.45
N VAL B 111 -23.56 -8.30 -16.94
CA VAL B 111 -22.80 -9.45 -16.49
C VAL B 111 -22.76 -10.56 -17.55
N ARG B 112 -23.26 -10.29 -18.75
CA ARG B 112 -23.30 -11.29 -19.81
C ARG B 112 -22.43 -10.88 -20.99
N TYR B 113 -21.71 -11.85 -21.55
CA TYR B 113 -20.90 -11.61 -22.73
C TYR B 113 -21.81 -11.49 -23.96
N PRO B 114 -21.38 -10.75 -24.97
CA PRO B 114 -22.16 -10.68 -26.22
C PRO B 114 -22.21 -12.05 -26.88
N PRO B 115 -23.33 -12.39 -27.56
CA PRO B 115 -24.56 -11.65 -27.88
C PRO B 115 -25.51 -11.39 -26.71
N ALA B 116 -25.55 -12.28 -25.72
CA ALA B 116 -26.52 -12.15 -24.65
C ALA B 116 -26.39 -10.81 -23.92
N GLY B 117 -25.16 -10.35 -23.71
CA GLY B 117 -24.96 -9.15 -22.92
C GLY B 117 -23.98 -8.15 -23.48
N VAL B 118 -23.54 -7.21 -22.64
CA VAL B 118 -22.64 -6.14 -23.03
C VAL B 118 -21.33 -6.17 -22.25
N ARG B 119 -21.02 -7.31 -21.61
CA ARG B 119 -19.79 -7.39 -20.84
C ARG B 119 -18.60 -7.36 -21.79
N GLY B 120 -17.65 -6.46 -21.51
CA GLY B 120 -16.50 -6.34 -22.38
C GLY B 120 -15.59 -7.55 -22.29
N VAL B 121 -15.01 -7.91 -23.43
CA VAL B 121 -14.16 -9.09 -23.53
C VAL B 121 -12.71 -8.69 -23.31
N GLY B 122 -12.12 -9.14 -22.21
CA GLY B 122 -10.72 -8.94 -21.89
C GLY B 122 -10.23 -10.00 -20.91
N SER B 123 -10.81 -11.21 -21.02
CA SER B 123 -10.63 -12.23 -20.00
C SER B 123 -9.22 -12.79 -19.94
N ALA B 124 -8.53 -12.87 -21.08
CA ALA B 124 -7.18 -13.42 -21.07
C ALA B 124 -6.30 -12.68 -20.08
N LEU B 125 -6.58 -11.39 -19.87
CA LEU B 125 -5.80 -10.50 -19.02
C LEU B 125 -6.23 -10.53 -17.55
N ALA B 126 -7.28 -11.25 -17.21
CA ALA B 126 -7.91 -11.09 -15.90
C ALA B 126 -7.94 -12.37 -15.08
N ARG B 127 -8.11 -12.18 -13.76
CA ARG B 127 -8.21 -13.29 -12.81
C ARG B 127 -9.47 -14.13 -13.03
N ALA B 128 -10.53 -13.55 -13.60
CA ALA B 128 -11.79 -14.28 -13.77
C ALA B 128 -11.58 -15.57 -14.56
N SER B 129 -10.73 -15.52 -15.57
CA SER B 129 -10.36 -16.67 -16.37
C SER B 129 -9.06 -17.29 -15.87
N ARG B 130 -8.55 -16.82 -14.74
CA ARG B 130 -7.24 -17.20 -14.24
C ARG B 130 -6.18 -16.97 -15.31
N TRP B 131 -6.26 -15.80 -15.95
CA TRP B 131 -5.33 -15.38 -17.00
C TRP B 131 -5.27 -16.39 -18.14
N ASN B 132 -6.46 -16.86 -18.54
CA ASN B 132 -6.71 -17.81 -19.62
C ASN B 132 -6.34 -19.25 -19.29
N SER B 133 -6.20 -19.58 -18.00
CA SER B 133 -6.03 -20.98 -17.64
C SER B 133 -7.34 -21.74 -17.77
N VAL B 134 -8.47 -21.07 -17.56
CA VAL B 134 -9.78 -21.71 -17.64
C VAL B 134 -10.14 -21.94 -19.11
N ALA B 135 -10.35 -23.19 -19.48
CA ALA B 135 -10.66 -23.52 -20.87
C ALA B 135 -12.09 -23.13 -21.19
N GLU B 136 -12.27 -22.54 -22.38
CA GLU B 136 -13.59 -22.08 -22.83
C GLU B 136 -14.32 -21.30 -21.74
N TYR B 137 -13.58 -20.37 -21.12
CA TYR B 137 -14.21 -19.48 -20.15
C TYR B 137 -15.26 -18.61 -20.83
N LEU B 138 -14.97 -18.15 -22.05
CA LEU B 138 -15.90 -17.27 -22.76
C LEU B 138 -17.23 -17.95 -23.02
N ASN B 139 -17.22 -19.26 -23.26
CA ASN B 139 -18.46 -19.97 -23.57
C ASN B 139 -19.29 -20.34 -22.35
N HIS B 140 -18.73 -20.33 -21.14
CA HIS B 140 -19.51 -20.77 -20.00
C HIS B 140 -19.58 -19.79 -18.83
N ALA B 141 -18.95 -18.61 -18.94
CA ALA B 141 -18.89 -17.69 -17.80
C ALA B 141 -20.27 -17.21 -17.39
N ASP B 142 -21.16 -16.95 -18.35
CA ASP B 142 -22.48 -16.45 -17.98
C ASP B 142 -23.17 -17.39 -17.03
N GLU B 143 -22.95 -18.69 -17.20
CA GLU B 143 -23.67 -19.68 -16.42
C GLU B 143 -23.40 -19.55 -14.93
N GLN B 144 -22.22 -19.07 -14.55
CA GLN B 144 -21.88 -18.99 -13.13
C GLN B 144 -22.03 -17.59 -12.54
N MET B 145 -22.53 -16.63 -13.30
CA MET B 145 -22.81 -15.31 -12.75
C MET B 145 -24.13 -15.33 -11.99
N CYS B 146 -24.14 -14.64 -10.86
CA CYS B 146 -25.32 -14.55 -10.00
C CYS B 146 -25.58 -13.08 -9.69
N LEU B 147 -26.73 -12.57 -10.12
CA LEU B 147 -27.05 -11.15 -9.96
C LEU B 147 -28.09 -10.98 -8.87
N LEU B 148 -27.76 -10.17 -7.87
CA LEU B 148 -28.66 -9.86 -6.76
C LEU B 148 -28.91 -8.36 -6.75
N VAL B 149 -30.17 -7.96 -6.62
CA VAL B 149 -30.55 -6.55 -6.70
C VAL B 149 -31.13 -6.12 -5.36
N GLN B 150 -30.81 -4.90 -4.94
CA GLN B 150 -31.32 -4.33 -3.70
C GLN B 150 -32.53 -3.46 -3.99
N VAL B 151 -33.63 -3.76 -3.32
CA VAL B 151 -34.81 -2.90 -3.32
C VAL B 151 -34.78 -2.18 -1.99
N GLU B 152 -34.63 -0.86 -2.02
CA GLU B 152 -34.40 -0.14 -0.78
C GLU B 152 -35.10 1.20 -0.72
N ASN B 153 -36.09 1.48 -1.57
CA ASN B 153 -36.78 2.76 -1.50
C ASN B 153 -38.18 2.59 -2.04
N LEU B 154 -38.96 3.68 -1.98
CA LEU B 154 -40.38 3.63 -2.36
C LEU B 154 -40.57 3.27 -3.83
N GLU B 155 -39.75 3.84 -4.72
CA GLU B 155 -39.90 3.52 -6.14
C GLU B 155 -39.57 2.05 -6.41
N GLY B 156 -38.50 1.54 -5.79
CA GLY B 156 -38.18 0.12 -5.93
C GLY B 156 -39.26 -0.79 -5.38
N LEU B 157 -39.86 -0.39 -4.25
CA LEU B 157 -40.95 -1.19 -3.70
C LEU B 157 -42.15 -1.22 -4.63
N ALA B 158 -42.48 -0.08 -5.23
CA ALA B 158 -43.62 -0.03 -6.15
C ALA B 158 -43.39 -0.94 -7.35
N ASN B 159 -42.15 -1.03 -7.83
CA ASN B 159 -41.80 -1.83 -8.99
C ASN B 159 -41.28 -3.22 -8.61
N LEU B 160 -41.55 -3.69 -7.40
CA LEU B 160 -40.97 -4.95 -6.94
C LEU B 160 -41.38 -6.13 -7.83
N ASP B 161 -42.65 -6.21 -8.22
CA ASP B 161 -43.06 -7.34 -9.05
C ASP B 161 -42.37 -7.34 -10.40
N ALA B 162 -42.22 -6.16 -11.01
CA ALA B 162 -41.52 -6.07 -12.29
C ALA B 162 -40.05 -6.44 -12.14
N ILE B 163 -39.41 -5.99 -11.06
CA ILE B 163 -37.99 -6.27 -10.84
C ILE B 163 -37.76 -7.77 -10.63
N ALA B 164 -38.57 -8.38 -9.77
CA ALA B 164 -38.37 -9.81 -9.52
C ALA B 164 -38.63 -10.65 -10.76
N ALA B 165 -39.53 -10.20 -11.65
CA ALA B 165 -39.87 -10.95 -12.85
C ALA B 165 -38.72 -11.00 -13.86
N VAL B 166 -37.77 -10.06 -13.82
CA VAL B 166 -36.70 -10.05 -14.80
C VAL B 166 -35.94 -11.37 -14.75
N GLU B 167 -35.74 -11.98 -15.92
CA GLU B 167 -34.92 -13.18 -16.03
C GLU B 167 -33.44 -12.85 -15.83
N GLY B 168 -32.75 -13.65 -15.00
CA GLY B 168 -31.38 -13.35 -14.62
C GLY B 168 -31.23 -12.68 -13.27
N VAL B 169 -32.31 -12.18 -12.70
CA VAL B 169 -32.29 -11.66 -11.33
C VAL B 169 -32.51 -12.90 -10.46
N ASP B 170 -31.44 -13.44 -9.88
CA ASP B 170 -31.58 -14.63 -9.04
C ASP B 170 -32.19 -14.30 -7.69
N GLY B 171 -31.91 -13.12 -7.15
CA GLY B 171 -32.40 -12.79 -5.82
C GLY B 171 -32.70 -11.31 -5.67
N VAL B 172 -33.58 -11.01 -4.74
CA VAL B 172 -33.93 -9.63 -4.41
C VAL B 172 -33.64 -9.42 -2.93
N PHE B 173 -32.80 -8.42 -2.64
CA PHE B 173 -32.37 -8.11 -1.29
C PHE B 173 -33.11 -6.88 -0.80
N ILE B 174 -33.62 -6.95 0.42
CA ILE B 174 -34.39 -5.87 1.01
C ILE B 174 -33.49 -5.15 2.01
N GLY B 175 -33.35 -3.83 1.86
CA GLY B 175 -32.54 -3.08 2.78
C GLY B 175 -33.41 -2.37 3.81
N PRO B 176 -33.48 -2.94 5.01
CA PRO B 176 -34.40 -2.37 6.00
C PRO B 176 -34.06 -0.94 6.37
N ALA B 177 -32.77 -0.58 6.39
CA ALA B 177 -32.35 0.76 6.78
C ALA B 177 -32.81 1.82 5.77
N ASP B 178 -32.53 1.59 4.49
CA ASP B 178 -32.91 2.56 3.46
C ASP B 178 -34.42 2.57 3.23
N LEU B 179 -35.04 1.40 3.25
CA LEU B 179 -36.49 1.32 3.08
C LEU B 179 -37.23 1.96 4.25
N SER B 180 -36.76 1.73 5.47
CA SER B 180 -37.38 2.36 6.64
C SER B 180 -37.30 3.88 6.57
N ALA B 181 -36.14 4.42 6.18
CA ALA B 181 -36.02 5.87 6.01
C ALA B 181 -36.94 6.36 4.90
N ALA B 182 -37.03 5.61 3.81
CA ALA B 182 -37.88 6.02 2.68
C ALA B 182 -39.35 6.13 3.06
N MET B 183 -39.82 5.31 3.99
CA MET B 183 -41.22 5.24 4.39
C MET B 183 -41.59 6.23 5.49
N GLY B 184 -40.66 7.12 5.87
CA GLY B 184 -40.95 8.09 6.91
C GLY B 184 -40.62 7.61 8.30
N HIS B 185 -39.83 6.54 8.42
CA HIS B 185 -39.43 5.98 9.71
C HIS B 185 -37.90 5.85 9.77
N ARG B 186 -37.19 6.95 9.54
CA ARG B 186 -35.74 6.87 9.52
C ARG B 186 -35.22 6.43 10.89
N GLY B 187 -34.41 5.39 10.89
CA GLY B 187 -33.87 4.90 12.14
C GLY B 187 -34.81 4.06 12.98
N ASN B 188 -35.97 3.68 12.44
CA ASN B 188 -36.99 2.96 13.21
C ASN B 188 -37.55 1.82 12.37
N PRO B 189 -36.69 0.90 11.91
CA PRO B 189 -37.18 -0.21 11.08
C PRO B 189 -38.11 -1.17 11.82
N GLY B 190 -38.09 -1.18 13.16
CA GLY B 190 -38.99 -2.03 13.91
C GLY B 190 -40.44 -1.64 13.79
N HIS B 191 -40.73 -0.44 13.28
CA HIS B 191 -42.10 0.03 13.15
C HIS B 191 -42.95 -0.96 12.35
N PRO B 192 -44.18 -1.24 12.79
CA PRO B 192 -44.98 -2.26 12.11
C PRO B 192 -45.21 -1.98 10.63
N GLU B 193 -45.29 -0.71 10.24
CA GLU B 193 -45.42 -0.40 8.81
C GLU B 193 -44.25 -0.94 8.01
N VAL B 194 -43.02 -0.73 8.50
CA VAL B 194 -41.85 -1.23 7.80
C VAL B 194 -41.82 -2.75 7.85
N GLN B 195 -42.12 -3.34 9.00
CA GLN B 195 -42.07 -4.80 9.08
C GLN B 195 -43.11 -5.42 8.16
N ALA B 196 -44.30 -4.84 8.08
CA ALA B 196 -45.31 -5.38 7.17
C ALA B 196 -44.84 -5.25 5.72
N ALA B 197 -44.23 -4.12 5.37
CA ALA B 197 -43.76 -3.95 4.00
C ALA B 197 -42.69 -4.98 3.68
N ILE B 198 -41.82 -5.28 4.64
CA ILE B 198 -40.74 -6.25 4.40
C ILE B 198 -41.31 -7.65 4.18
N GLU B 199 -42.23 -8.08 5.04
CA GLU B 199 -42.78 -9.44 4.94
C GLU B 199 -43.60 -9.60 3.67
N ASP B 200 -44.36 -8.57 3.28
CA ASP B 200 -45.04 -8.61 1.99
C ASP B 200 -44.05 -8.71 0.83
N ALA B 201 -42.95 -7.95 0.91
CA ALA B 201 -41.97 -7.99 -0.17
C ALA B 201 -41.36 -9.38 -0.28
N ILE B 202 -41.00 -9.98 0.85
CA ILE B 202 -40.45 -11.32 0.84
C ILE B 202 -41.40 -12.30 0.17
N HIS B 203 -42.68 -12.18 0.50
CA HIS B 203 -43.66 -13.11 -0.04
C HIS B 203 -43.71 -12.99 -1.55
N ARG B 204 -43.76 -11.76 -2.06
CA ARG B 204 -43.84 -11.53 -3.50
C ARG B 204 -42.57 -12.01 -4.20
N ILE B 205 -41.39 -11.77 -3.60
CA ILE B 205 -40.16 -12.27 -4.22
C ILE B 205 -40.24 -13.79 -4.35
N ARG B 206 -40.73 -14.45 -3.31
CA ARG B 206 -40.84 -15.91 -3.34
C ARG B 206 -41.90 -16.38 -4.32
N THR B 207 -43.05 -15.68 -4.41
CA THR B 207 -44.05 -16.06 -5.39
C THR B 207 -43.59 -15.75 -6.81
N ALA B 208 -42.60 -14.86 -6.99
CA ALA B 208 -42.00 -14.67 -8.30
C ALA B 208 -40.97 -15.75 -8.65
N GLY B 209 -40.69 -16.66 -7.72
CA GLY B 209 -39.73 -17.72 -7.97
C GLY B 209 -38.29 -17.36 -7.66
N LYS B 210 -38.03 -16.18 -7.12
CA LYS B 210 -36.69 -15.69 -6.83
C LYS B 210 -36.35 -15.81 -5.34
N ALA B 211 -35.06 -15.72 -5.04
CA ALA B 211 -34.62 -15.75 -3.64
C ALA B 211 -34.75 -14.37 -3.02
N ALA B 212 -35.28 -14.34 -1.79
CA ALA B 212 -35.41 -13.10 -1.03
C ALA B 212 -34.31 -13.05 0.03
N GLY B 213 -33.65 -11.89 0.13
CA GLY B 213 -32.51 -11.75 1.00
C GLY B 213 -32.66 -10.51 1.85
N ILE B 214 -31.95 -10.49 2.98
CA ILE B 214 -32.08 -9.41 3.94
C ILE B 214 -30.86 -9.40 4.86
N LEU B 215 -30.66 -8.29 5.55
CA LEU B 215 -29.62 -8.15 6.57
C LEU B 215 -30.29 -7.80 7.89
N SER B 216 -30.01 -8.57 8.94
CA SER B 216 -30.53 -8.28 10.27
C SER B 216 -29.46 -8.58 11.30
N ALA B 217 -28.94 -7.53 11.95
CA ALA B 217 -28.06 -7.72 13.10
C ALA B 217 -28.83 -8.30 14.28
N ASP B 218 -30.12 -8.01 14.39
CA ASP B 218 -30.94 -8.60 15.45
C ASP B 218 -31.15 -10.08 15.19
N GLU B 219 -30.67 -10.94 16.10
CA GLU B 219 -30.65 -12.37 15.84
C GLU B 219 -32.04 -12.97 15.85
N THR B 220 -32.92 -12.52 16.75
CA THR B 220 -34.28 -13.03 16.72
C THR B 220 -35.00 -12.63 15.44
N LEU B 221 -34.79 -11.39 14.98
CA LEU B 221 -35.41 -10.94 13.75
C LEU B 221 -34.89 -11.71 12.54
N ALA B 222 -33.60 -12.04 12.54
CA ALA B 222 -33.04 -12.84 11.44
C ALA B 222 -33.65 -14.23 11.39
N ARG B 223 -33.92 -14.83 12.56
CA ARG B 223 -34.54 -16.15 12.56
C ARG B 223 -35.92 -16.09 11.93
N ARG B 224 -36.67 -15.01 12.21
CA ARG B 224 -37.98 -14.85 11.59
C ARG B 224 -37.85 -14.77 10.08
N TYR B 225 -36.86 -14.02 9.58
CA TYR B 225 -36.68 -13.92 8.13
C TYR B 225 -36.34 -15.27 7.52
N LEU B 226 -35.53 -16.07 8.22
CA LEU B 226 -35.28 -17.43 7.74
C LEU B 226 -36.56 -18.25 7.80
N GLU B 227 -37.36 -18.06 8.86
CA GLU B 227 -38.61 -18.79 9.01
C GLU B 227 -39.62 -18.40 7.92
N LEU B 228 -39.55 -17.17 7.41
CA LEU B 228 -40.42 -16.70 6.34
C LEU B 228 -39.96 -17.16 4.96
N GLY B 229 -38.84 -17.85 4.86
CA GLY B 229 -38.40 -18.38 3.59
C GLY B 229 -37.28 -17.62 2.90
N CYS B 230 -36.56 -16.76 3.60
CA CYS B 230 -35.44 -16.05 2.99
C CYS B 230 -34.30 -17.00 2.64
N ALA B 231 -33.79 -16.88 1.42
CA ALA B 231 -32.72 -17.75 0.94
C ALA B 231 -31.33 -17.31 1.41
N PHE B 232 -31.07 -16.00 1.47
CA PHE B 232 -29.78 -15.51 1.97
C PHE B 232 -30.01 -14.39 2.99
N VAL B 233 -29.54 -14.61 4.23
CA VAL B 233 -29.72 -13.67 5.34
C VAL B 233 -28.35 -13.41 5.97
N ALA B 234 -28.02 -12.14 6.14
CA ALA B 234 -26.80 -11.72 6.83
C ALA B 234 -27.14 -11.40 8.29
N VAL B 235 -26.47 -12.08 9.21
CA VAL B 235 -26.81 -12.01 10.62
C VAL B 235 -25.85 -11.14 11.43
N GLY B 236 -24.89 -10.49 10.80
CA GLY B 236 -24.00 -9.62 11.53
C GLY B 236 -23.13 -8.80 10.61
N VAL B 237 -22.55 -7.74 11.19
CA VAL B 237 -21.60 -6.87 10.50
C VAL B 237 -20.29 -6.91 11.29
N ASP B 238 -19.18 -7.14 10.58
CA ASP B 238 -17.91 -7.34 11.26
C ASP B 238 -17.47 -6.10 12.05
N THR B 239 -17.71 -4.90 11.51
CA THR B 239 -17.34 -3.69 12.25
C THR B 239 -18.19 -3.53 13.51
N SER B 240 -19.48 -3.87 13.40
CA SER B 240 -20.38 -3.75 14.54
C SER B 240 -20.03 -4.75 15.63
N LEU B 241 -19.77 -6.02 15.26
CA LEU B 241 -19.44 -7.03 16.25
C LEU B 241 -18.13 -6.69 16.96
N LEU B 242 -17.11 -6.29 16.20
CA LEU B 242 -15.83 -5.94 16.81
C LEU B 242 -15.99 -4.71 17.71
N MET B 243 -16.70 -3.68 17.24
CA MET B 243 -16.85 -2.48 18.05
C MET B 243 -17.60 -2.77 19.34
N ARG B 244 -18.64 -3.61 19.27
CA ARG B 244 -19.45 -3.94 20.44
C ARG B 244 -18.68 -4.77 21.46
N SER B 245 -17.94 -5.78 21.01
CA SER B 245 -17.16 -6.61 21.94
C SER B 245 -16.12 -5.78 22.67
N LEU B 246 -15.43 -4.90 21.95
CA LEU B 246 -14.34 -4.14 22.55
C LEU B 246 -14.83 -3.18 23.61
N ARG B 247 -15.87 -2.40 23.31
CA ARG B 247 -16.32 -1.42 24.30
C ARG B 247 -17.00 -2.10 25.48
N GLU B 248 -17.69 -3.22 25.26
CA GLU B 248 -18.28 -3.93 26.38
C GLU B 248 -17.20 -4.56 27.25
N LEU B 249 -16.15 -5.09 26.62
CA LEU B 249 -15.01 -5.60 27.39
C LEU B 249 -14.37 -4.50 28.22
N ALA B 250 -14.25 -3.30 27.64
CA ALA B 250 -13.69 -2.17 28.40
C ALA B 250 -14.59 -1.79 29.55
N GLY B 251 -15.91 -1.77 29.31
CA GLY B 251 -16.85 -1.41 30.35
C GLY B 251 -16.80 -2.35 31.54
N ARG B 252 -16.51 -3.63 31.31
CA ARG B 252 -16.41 -4.57 32.42
C ARG B 252 -15.27 -4.20 33.35
N PHE B 253 -14.25 -3.50 32.85
CA PHE B 253 -13.09 -3.14 33.66
C PHE B 253 -12.97 -1.64 33.97
N LYS B 254 -13.92 -0.82 33.54
CA LYS B 254 -13.84 0.60 33.84
C LYS B 254 -15.11 1.08 34.51
N ASP C 2 6.16 22.60 22.31
CA ASP C 2 5.18 21.96 23.19
C ASP C 2 5.26 20.44 23.12
N LEU C 3 6.11 19.87 23.98
CA LEU C 3 6.41 18.46 23.91
C LEU C 3 5.24 17.59 24.38
N PRO C 4 4.92 16.51 23.66
CA PRO C 4 3.82 15.64 24.05
C PRO C 4 4.13 14.96 25.38
N VAL C 5 3.18 15.05 26.32
CA VAL C 5 3.40 14.47 27.64
C VAL C 5 2.97 13.01 27.57
N ASN C 6 3.76 12.14 28.18
CA ASN C 6 3.45 10.71 28.17
C ASN C 6 2.49 10.44 29.33
N ARG C 7 1.19 10.44 29.03
CA ARG C 7 0.20 10.25 30.07
C ARG C 7 0.22 8.85 30.64
N PHE C 8 0.60 7.86 29.84
CA PHE C 8 0.73 6.50 30.34
C PHE C 8 1.77 6.44 31.45
N LYS C 9 2.91 7.11 31.25
CA LYS C 9 3.96 7.15 32.25
C LYS C 9 3.48 7.86 33.51
N GLN C 10 2.71 8.93 33.35
CA GLN C 10 2.18 9.67 34.49
C GLN C 10 1.33 8.77 35.37
N ARG C 11 0.32 8.13 34.77
CA ARG C 11 -0.63 7.32 35.52
C ARG C 11 0.00 6.07 36.11
N LEU C 12 1.11 5.61 35.54
CA LEU C 12 1.81 4.47 36.14
C LEU C 12 2.22 4.77 37.57
N ARG C 13 2.68 6.00 37.83
CA ARG C 13 3.08 6.41 39.17
C ARG C 13 1.91 6.74 40.07
N SER C 14 0.71 6.92 39.51
CA SER C 14 -0.50 7.17 40.27
C SER C 14 -1.02 5.87 40.87
N GLY C 15 -2.10 6.00 41.65
CA GLY C 15 -2.67 4.82 42.27
C GLY C 15 -3.44 3.92 41.30
N GLU C 16 -4.02 4.49 40.24
CA GLU C 16 -4.98 3.76 39.42
C GLU C 16 -4.29 2.83 38.43
N ALA C 17 -4.86 1.63 38.27
CA ALA C 17 -4.40 0.70 37.26
C ALA C 17 -4.94 1.10 35.90
N GLN C 18 -4.24 0.72 34.85
CA GLN C 18 -4.60 1.09 33.49
C GLN C 18 -4.98 -0.15 32.70
N ILE C 19 -6.16 -0.10 32.09
CA ILE C 19 -6.72 -1.24 31.36
C ILE C 19 -6.35 -1.13 29.89
N GLY C 20 -5.86 -2.22 29.32
CA GLY C 20 -5.35 -2.21 27.98
C GLY C 20 -5.98 -3.27 27.10
N LEU C 21 -5.79 -3.08 25.80
CA LEU C 21 -6.20 -4.00 24.75
C LEU C 21 -5.03 -4.24 23.81
N TRP C 22 -4.88 -5.49 23.38
CA TRP C 22 -3.80 -5.87 22.48
C TRP C 22 -4.26 -5.72 21.03
N LEU C 23 -3.48 -5.01 20.21
CA LEU C 23 -3.84 -4.75 18.82
C LEU C 23 -2.97 -5.59 17.91
N GLY C 24 -3.57 -6.58 17.26
CA GLY C 24 -2.84 -7.42 16.33
C GLY C 24 -3.39 -7.39 14.92
N LEU C 25 -4.39 -6.55 14.68
CA LEU C 25 -4.98 -6.51 13.35
C LEU C 25 -4.07 -5.85 12.34
N ALA C 26 -3.11 -5.04 12.80
CA ALA C 26 -2.01 -4.54 11.96
C ALA C 26 -2.51 -3.68 10.80
N ASP C 27 -3.59 -2.93 11.01
CA ASP C 27 -4.13 -2.03 10.00
C ASP C 27 -4.59 -0.73 10.65
N PRO C 28 -4.35 0.42 10.01
CA PRO C 28 -4.82 1.69 10.59
C PRO C 28 -6.33 1.79 10.74
N TYR C 29 -7.11 1.29 9.77
CA TYR C 29 -8.57 1.35 9.88
C TYR C 29 -9.09 0.45 10.98
N CYS C 30 -8.65 -0.82 10.99
CA CYS C 30 -9.10 -1.72 12.04
C CYS C 30 -8.66 -1.20 13.41
N ALA C 31 -7.52 -0.50 13.49
CA ALA C 31 -7.03 0.04 14.76
C ALA C 31 -7.87 1.21 15.27
N GLU C 32 -8.41 2.05 14.38
CA GLU C 32 -9.21 3.18 14.84
C GLU C 32 -10.47 2.73 15.57
N LEU C 33 -11.05 1.60 15.15
CA LEU C 33 -12.19 1.08 15.91
C LEU C 33 -11.80 0.83 17.35
N ALA C 34 -10.64 0.20 17.57
CA ALA C 34 -10.17 -0.08 18.92
C ALA C 34 -9.93 1.22 19.69
N ALA C 35 -9.42 2.25 19.01
CA ALA C 35 -9.21 3.53 19.67
C ALA C 35 -10.51 4.11 20.18
N ASN C 36 -11.62 3.75 19.57
CA ASN C 36 -12.95 4.21 19.96
C ASN C 36 -13.54 3.42 21.11
N ALA C 37 -12.88 2.35 21.56
CA ALA C 37 -13.47 1.42 22.51
C ALA C 37 -13.45 1.89 23.96
N GLY C 38 -12.56 2.82 24.34
CA GLY C 38 -12.52 3.29 25.70
C GLY C 38 -11.44 2.71 26.59
N PHE C 39 -10.42 2.09 26.02
CA PHE C 39 -9.32 1.55 26.81
C PHE C 39 -8.33 2.64 27.23
N ASP C 40 -7.64 2.39 28.35
CA ASP C 40 -6.62 3.33 28.81
C ASP C 40 -5.38 3.29 27.94
N TRP C 41 -4.98 2.11 27.46
CA TRP C 41 -3.81 1.98 26.61
C TRP C 41 -4.06 0.87 25.59
N LEU C 42 -3.38 0.98 24.45
CA LEU C 42 -3.50 0.02 23.36
C LEU C 42 -2.11 -0.46 23.00
N LEU C 43 -1.93 -1.77 22.85
CA LEU C 43 -0.63 -2.33 22.52
C LEU C 43 -0.57 -2.67 21.04
N LEU C 44 0.27 -1.94 20.31
CA LEU C 44 0.54 -2.20 18.91
C LEU C 44 1.64 -3.26 18.87
N ASP C 45 1.31 -4.48 18.46
CA ASP C 45 2.22 -5.61 18.60
C ASP C 45 3.06 -5.79 17.33
N GLY C 46 4.35 -5.51 17.45
CA GLY C 46 5.29 -5.74 16.37
C GLY C 46 6.02 -7.06 16.46
N GLU C 47 5.72 -7.87 17.47
CA GLU C 47 6.43 -9.13 17.61
C GLU C 47 5.67 -10.29 16.97
N HIS C 48 4.38 -10.45 17.31
CA HIS C 48 3.58 -11.57 16.86
C HIS C 48 2.49 -11.17 15.88
N ALA C 49 2.42 -9.90 15.49
CA ALA C 49 1.46 -9.48 14.50
C ALA C 49 2.18 -8.96 13.26
N PRO C 50 1.54 -9.03 12.08
CA PRO C 50 2.25 -8.62 10.85
C PRO C 50 2.35 -7.11 10.71
N ASN C 51 3.16 -6.51 11.58
CA ASN C 51 3.38 -5.08 11.61
C ASN C 51 4.79 -4.77 11.16
N ASP C 52 4.95 -3.68 10.43
CA ASP C 52 6.25 -3.11 10.11
C ASP C 52 6.23 -1.66 10.56
N LEU C 53 7.35 -0.97 10.37
CA LEU C 53 7.45 0.41 10.82
C LEU C 53 6.36 1.29 10.21
N ARG C 54 6.13 1.16 8.91
CA ARG C 54 5.16 2.02 8.26
C ARG C 54 3.72 1.71 8.71
N SER C 55 3.38 0.43 8.92
CA SER C 55 2.02 0.15 9.40
C SER C 55 1.85 0.58 10.86
N LEU C 56 2.91 0.47 11.68
CA LEU C 56 2.82 0.98 13.04
C LEU C 56 2.61 2.49 13.02
N LEU C 57 3.26 3.18 12.08
CA LEU C 57 3.08 4.63 11.96
C LEU C 57 1.63 4.98 11.63
N GLY C 58 1.01 4.26 10.70
CA GLY C 58 -0.39 4.52 10.37
C GLY C 58 -1.31 4.34 11.56
N GLN C 59 -1.07 3.29 12.35
CA GLN C 59 -1.90 3.05 13.52
C GLN C 59 -1.70 4.14 14.58
N LEU C 60 -0.48 4.65 14.75
CA LEU C 60 -0.27 5.74 15.68
C LEU C 60 -1.05 6.97 15.26
N GLN C 61 -1.12 7.25 13.96
CA GLN C 61 -1.88 8.38 13.48
C GLN C 61 -3.38 8.17 13.71
N ALA C 62 -3.88 6.96 13.47
CA ALA C 62 -5.30 6.70 13.70
C ALA C 62 -5.66 6.83 15.17
N LEU C 63 -4.78 6.36 16.07
CA LEU C 63 -5.05 6.36 17.50
C LEU C 63 -4.97 7.75 18.13
N ALA C 64 -4.18 8.65 17.53
CA ALA C 64 -3.82 9.89 18.22
C ALA C 64 -5.00 10.71 18.73
N PRO C 65 -6.11 10.86 17.99
CA PRO C 65 -7.20 11.70 18.50
C PRO C 65 -7.83 11.18 19.78
N TYR C 66 -7.75 9.88 20.05
CA TYR C 66 -8.49 9.25 21.13
C TYR C 66 -7.69 9.24 22.43
N PRO C 67 -8.36 8.96 23.55
CA PRO C 67 -7.68 9.00 24.85
C PRO C 67 -6.65 7.89 25.07
N GLY C 68 -6.92 6.68 24.59
CA GLY C 68 -6.03 5.58 24.91
C GLY C 68 -4.59 5.88 24.50
N GLN C 69 -3.65 5.46 25.36
CA GLN C 69 -2.24 5.72 25.11
C GLN C 69 -1.62 4.55 24.36
N PRO C 70 -0.84 4.81 23.32
CA PRO C 70 -0.27 3.70 22.54
C PRO C 70 1.02 3.18 23.13
N VAL C 71 1.13 1.86 23.18
CA VAL C 71 2.37 1.18 23.54
C VAL C 71 2.74 0.29 22.37
N ILE C 72 4.00 0.37 21.94
CA ILE C 72 4.49 -0.44 20.82
C ILE C 72 5.40 -1.52 21.40
N ARG C 73 5.20 -2.75 20.95
CA ARG C 73 6.08 -3.84 21.35
C ARG C 73 6.96 -4.22 20.15
N PRO C 74 8.26 -3.94 20.19
CA PRO C 74 9.12 -4.35 19.08
C PRO C 74 9.30 -5.86 19.06
N VAL C 75 9.70 -6.37 17.89
CA VAL C 75 9.91 -7.80 17.75
C VAL C 75 11.06 -8.28 18.63
N GLN C 76 12.04 -7.42 18.88
CA GLN C 76 13.12 -7.69 19.82
C GLN C 76 13.73 -6.36 20.24
N GLY C 77 14.53 -6.39 21.32
CA GLY C 77 15.10 -5.17 21.85
C GLY C 77 16.35 -4.73 21.11
N ASP C 78 16.21 -4.53 19.80
CA ASP C 78 17.30 -4.14 18.94
C ASP C 78 17.47 -2.62 18.96
N THR C 79 18.73 -2.15 19.03
CA THR C 79 18.97 -0.72 19.21
C THR C 79 18.46 0.09 18.03
N ALA C 80 18.80 -0.33 16.80
CA ALA C 80 18.39 0.42 15.61
C ALA C 80 16.86 0.41 15.45
N LEU C 81 16.22 -0.72 15.74
CA LEU C 81 14.78 -0.79 15.62
C LEU C 81 14.11 0.17 16.59
N ILE C 82 14.63 0.24 17.82
CA ILE C 82 14.08 1.13 18.85
C ILE C 82 14.21 2.58 18.42
N LYS C 83 15.35 2.93 17.82
CA LYS C 83 15.54 4.29 17.33
C LYS C 83 14.48 4.65 16.30
N GLN C 84 14.16 3.71 15.40
CA GLN C 84 13.13 3.97 14.41
C GLN C 84 11.76 4.14 15.05
N LEU C 85 11.43 3.29 16.02
CA LEU C 85 10.12 3.40 16.67
C LEU C 85 10.01 4.71 17.44
N LEU C 86 11.09 5.16 18.06
CA LEU C 86 11.07 6.42 18.77
C LEU C 86 10.86 7.59 17.81
N ASP C 87 11.51 7.56 16.64
CA ASP C 87 11.43 8.67 15.69
C ASP C 87 10.04 8.83 15.09
N ILE C 88 9.30 7.73 14.89
CA ILE C 88 7.92 7.84 14.40
C ILE C 88 6.96 8.30 15.47
N GLY C 89 7.42 8.49 16.70
CA GLY C 89 6.63 9.12 17.74
C GLY C 89 6.30 8.28 18.96
N ALA C 90 6.70 7.01 19.02
CA ALA C 90 6.40 6.16 20.17
C ALA C 90 7.15 6.61 21.42
N GLN C 91 6.44 6.72 22.54
CA GLN C 91 7.04 7.10 23.81
C GLN C 91 7.04 5.99 24.84
N THR C 92 6.25 4.93 24.66
CA THR C 92 6.22 3.81 25.57
C THR C 92 6.52 2.54 24.78
N LEU C 93 7.51 1.77 25.21
CA LEU C 93 7.90 0.54 24.53
C LEU C 93 7.85 -0.63 25.50
N LEU C 94 7.39 -1.78 25.00
CA LEU C 94 7.40 -3.06 25.71
C LEU C 94 8.37 -3.98 24.98
N VAL C 95 9.56 -4.17 25.55
CA VAL C 95 10.63 -4.90 24.87
C VAL C 95 10.55 -6.36 25.31
N PRO C 96 10.42 -7.31 24.39
CA PRO C 96 10.28 -8.72 24.78
C PRO C 96 11.62 -9.39 25.11
N MET C 97 11.52 -10.51 25.82
CA MET C 97 12.66 -11.40 26.07
C MET C 97 13.83 -10.67 26.74
N VAL C 98 13.55 -9.92 27.80
CA VAL C 98 14.59 -9.27 28.58
C VAL C 98 15.04 -10.24 29.66
N ASP C 99 16.27 -10.77 29.53
CA ASP C 99 16.75 -11.84 30.40
C ASP C 99 17.69 -11.40 31.51
N SER C 100 18.33 -10.24 31.42
CA SER C 100 19.35 -9.90 32.42
C SER C 100 19.36 -8.39 32.64
N ALA C 101 19.91 -8.00 33.79
CA ALA C 101 19.97 -6.59 34.13
C ALA C 101 20.83 -5.83 33.13
N ALA C 102 21.92 -6.45 32.68
CA ALA C 102 22.78 -5.80 31.69
C ALA C 102 22.00 -5.52 30.41
N GLN C 103 21.15 -6.45 29.98
CA GLN C 103 20.34 -6.21 28.79
C GLN C 103 19.36 -5.08 29.04
N ALA C 104 18.73 -5.07 30.21
CA ALA C 104 17.81 -3.99 30.54
C ALA C 104 18.55 -2.66 30.62
N GLU C 105 19.79 -2.69 31.10
CA GLU C 105 20.59 -1.47 31.16
C GLU C 105 20.86 -0.94 29.76
N GLY C 106 21.15 -1.84 28.81
CA GLY C 106 21.33 -1.42 27.43
C GLY C 106 20.08 -0.84 26.80
N LEU C 107 18.92 -1.39 27.14
CA LEU C 107 17.67 -0.87 26.61
C LEU C 107 17.42 0.56 27.11
N VAL C 108 17.81 0.86 28.34
CA VAL C 108 17.66 2.23 28.86
C VAL C 108 18.52 3.19 28.05
N ARG C 109 19.75 2.78 27.70
CA ARG C 109 20.57 3.62 26.82
C ARG C 109 19.93 3.75 25.45
N ALA C 110 19.26 2.71 24.98
CA ALA C 110 18.66 2.74 23.66
C ALA C 110 17.60 3.83 23.52
N VAL C 111 16.90 4.20 24.60
CA VAL C 111 15.85 5.20 24.50
C VAL C 111 16.32 6.58 24.94
N ARG C 112 17.60 6.75 25.24
CA ARG C 112 18.12 8.02 25.73
C ARG C 112 19.12 8.60 24.74
N TYR C 113 19.08 9.91 24.57
CA TYR C 113 20.01 10.57 23.67
C TYR C 113 21.42 10.61 24.30
N PRO C 114 22.46 10.57 23.47
CA PRO C 114 23.81 10.78 23.99
C PRO C 114 23.95 12.19 24.54
N PRO C 115 24.85 12.41 25.51
CA PRO C 115 25.86 11.48 26.00
C PRO C 115 25.34 10.29 26.83
N ALA C 116 24.27 10.51 27.58
CA ALA C 116 23.82 9.47 28.51
C ALA C 116 23.52 8.15 27.80
N GLY C 117 22.98 8.22 26.59
CA GLY C 117 22.57 7.00 25.90
C GLY C 117 23.09 6.91 24.47
N VAL C 118 22.53 6.00 23.68
CA VAL C 118 22.98 5.76 22.31
C VAL C 118 21.87 5.98 21.28
N ARG C 119 20.78 6.64 21.65
CA ARG C 119 19.73 6.87 20.67
C ARG C 119 20.22 7.84 19.61
N GLY C 120 20.10 7.45 18.34
CA GLY C 120 20.57 8.30 17.26
C GLY C 120 19.74 9.57 17.15
N VAL C 121 20.42 10.67 16.84
CA VAL C 121 19.83 12.00 16.79
C VAL C 121 19.41 12.31 15.35
N GLY C 122 18.10 12.44 15.14
CA GLY C 122 17.55 12.80 13.83
C GLY C 122 16.19 13.45 13.97
N SER C 123 15.99 14.21 15.05
CA SER C 123 14.65 14.66 15.42
C SER C 123 14.04 15.60 14.38
N ALA C 124 14.86 16.43 13.72
CA ALA C 124 14.30 17.38 12.75
C ALA C 124 13.53 16.66 11.65
N LEU C 125 13.96 15.47 11.27
CA LEU C 125 13.36 14.70 10.19
C LEU C 125 12.20 13.80 10.62
N ALA C 126 11.86 13.77 11.90
CA ALA C 126 10.96 12.73 12.40
C ALA C 126 9.69 13.29 13.01
N ARG C 127 8.68 12.42 13.07
CA ARG C 127 7.38 12.75 13.67
C ARG C 127 7.49 13.01 15.17
N ALA C 128 8.48 12.42 15.84
CA ALA C 128 8.59 12.55 17.28
C ALA C 128 8.65 14.02 17.70
N SER C 129 9.36 14.85 16.95
CA SER C 129 9.43 16.28 17.22
C SER C 129 8.43 17.09 16.40
N ARG C 130 7.53 16.41 15.68
CA ARG C 130 6.66 17.06 14.70
C ARG C 130 7.52 17.88 13.74
N TRP C 131 8.59 17.25 13.26
CA TRP C 131 9.50 17.82 12.29
C TRP C 131 10.04 19.17 12.77
N ASN C 132 10.46 19.18 14.04
CA ASN C 132 11.09 20.32 14.70
C ASN C 132 10.09 21.41 15.08
N SER C 133 8.82 21.06 15.15
CA SER C 133 7.84 22.01 15.69
C SER C 133 7.96 22.12 17.21
N VAL C 134 8.38 21.06 17.87
CA VAL C 134 8.51 21.04 19.33
C VAL C 134 9.76 21.80 19.75
N ALA C 135 9.59 22.85 20.55
CA ALA C 135 10.75 23.64 20.96
C ALA C 135 11.59 22.86 21.97
N GLU C 136 12.91 22.91 21.77
CA GLU C 136 13.88 22.16 22.59
C GLU C 136 13.49 20.69 22.74
N TYR C 137 13.10 20.05 21.65
CA TYR C 137 12.74 18.65 21.75
C TYR C 137 13.90 17.80 22.25
N LEU C 138 15.11 18.09 21.78
CA LEU C 138 16.26 17.24 22.14
C LEU C 138 16.55 17.25 23.64
N ASN C 139 16.36 18.39 24.30
CA ASN C 139 16.72 18.51 25.71
C ASN C 139 15.70 17.89 26.67
N HIS C 140 14.48 17.59 26.23
CA HIS C 140 13.46 17.03 27.12
C HIS C 140 12.88 15.71 26.64
N ALA C 141 13.33 15.16 25.51
CA ALA C 141 12.73 13.93 25.01
C ALA C 141 12.92 12.77 25.98
N ASP C 142 14.09 12.69 26.62
CA ASP C 142 14.39 11.60 27.54
C ASP C 142 13.37 11.52 28.67
N GLU C 143 12.86 12.66 29.13
CA GLU C 143 11.94 12.69 30.27
C GLU C 143 10.65 11.94 30.01
N GLN C 144 10.20 11.87 28.75
CA GLN C 144 8.90 11.30 28.41
C GLN C 144 8.96 9.88 27.88
N MET C 145 10.14 9.27 27.81
CA MET C 145 10.23 7.89 27.39
C MET C 145 9.85 6.98 28.55
N CYS C 146 9.12 5.91 28.23
CA CYS C 146 8.69 4.93 29.22
C CYS C 146 9.11 3.55 28.71
N LEU C 147 10.04 2.91 29.42
CA LEU C 147 10.57 1.63 28.97
C LEU C 147 10.03 0.53 29.86
N LEU C 148 9.36 -0.44 29.24
CA LEU C 148 8.81 -1.61 29.90
C LEU C 148 9.46 -2.84 29.31
N VAL C 149 9.89 -3.75 30.17
CA VAL C 149 10.65 -4.93 29.78
C VAL C 149 9.81 -6.17 30.06
N GLN C 150 9.90 -7.16 29.19
CA GLN C 150 9.20 -8.42 29.36
C GLN C 150 10.10 -9.48 29.98
N VAL C 151 9.66 -10.06 31.09
CA VAL C 151 10.31 -11.21 31.69
C VAL C 151 9.43 -12.39 31.34
N GLU C 152 9.96 -13.33 30.56
CA GLU C 152 9.13 -14.39 30.00
C GLU C 152 9.82 -15.74 29.91
N ASN C 153 10.93 -15.94 30.59
CA ASN C 153 11.63 -17.22 30.59
C ASN C 153 12.36 -17.40 31.90
N LEU C 154 12.99 -18.57 32.06
CA LEU C 154 13.61 -18.89 33.36
C LEU C 154 14.73 -17.93 33.73
N GLU C 155 15.60 -17.57 32.78
CA GLU C 155 16.71 -16.69 33.17
C GLU C 155 16.21 -15.31 33.59
N GLY C 156 15.24 -14.76 32.86
CA GLY C 156 14.70 -13.47 33.26
C GLY C 156 14.09 -13.53 34.64
N LEU C 157 13.44 -14.66 34.94
CA LEU C 157 12.84 -14.86 36.25
C LEU C 157 13.92 -14.92 37.33
N ALA C 158 15.04 -15.57 37.03
CA ALA C 158 16.14 -15.67 38.00
C ALA C 158 16.70 -14.29 38.33
N ASN C 159 16.80 -13.43 37.33
CA ASN C 159 17.37 -12.09 37.47
C ASN C 159 16.28 -11.03 37.65
N LEU C 160 15.07 -11.46 38.01
CA LEU C 160 13.95 -10.54 38.08
C LEU C 160 14.23 -9.40 39.03
N ASP C 161 14.80 -9.70 40.20
CA ASP C 161 15.05 -8.66 41.18
C ASP C 161 16.03 -7.63 40.64
N ALA C 162 17.10 -8.10 39.99
CA ALA C 162 18.07 -7.20 39.36
C ALA C 162 17.45 -6.43 38.19
N ILE C 163 16.61 -7.08 37.38
CA ILE C 163 16.02 -6.40 36.22
C ILE C 163 15.14 -5.23 36.67
N ALA C 164 14.26 -5.49 37.64
CA ALA C 164 13.41 -4.43 38.16
C ALA C 164 14.21 -3.32 38.85
N ALA C 165 15.36 -3.67 39.43
CA ALA C 165 16.20 -2.67 40.08
C ALA C 165 16.80 -1.68 39.09
N VAL C 166 16.91 -2.06 37.81
CA VAL C 166 17.56 -1.20 36.82
C VAL C 166 16.88 0.15 36.79
N GLU C 167 17.67 1.22 36.93
CA GLU C 167 17.14 2.57 36.83
C GLU C 167 16.74 2.86 35.39
N GLY C 168 15.55 3.43 35.20
CA GLY C 168 15.03 3.65 33.87
C GLY C 168 14.06 2.59 33.40
N VAL C 169 13.97 1.47 34.10
CA VAL C 169 12.98 0.44 33.84
C VAL C 169 11.74 0.83 34.62
N ASP C 170 10.76 1.45 33.94
CA ASP C 170 9.56 1.90 34.65
C ASP C 170 8.65 0.73 35.00
N GLY C 171 8.58 -0.27 34.14
CA GLY C 171 7.69 -1.40 34.40
C GLY C 171 8.27 -2.70 33.91
N VAL C 172 7.82 -3.78 34.54
CA VAL C 172 8.21 -5.13 34.18
C VAL C 172 6.94 -5.89 33.86
N PHE C 173 6.87 -6.43 32.64
CA PHE C 173 5.72 -7.12 32.12
C PHE C 173 5.99 -8.61 32.13
N ILE C 174 5.04 -9.40 32.63
CA ILE C 174 5.20 -10.85 32.71
C ILE C 174 4.41 -11.46 31.56
N GLY C 175 5.07 -12.28 30.74
CA GLY C 175 4.42 -12.92 29.63
C GLY C 175 4.08 -14.37 29.94
N PRO C 176 2.82 -14.61 30.29
CA PRO C 176 2.45 -15.96 30.77
C PRO C 176 2.60 -17.03 29.71
N ALA C 177 2.33 -16.71 28.45
CA ALA C 177 2.45 -17.71 27.39
C ALA C 177 3.89 -18.16 27.25
N ASP C 178 4.82 -17.21 27.18
CA ASP C 178 6.23 -17.57 27.09
C ASP C 178 6.72 -18.21 28.38
N LEU C 179 6.30 -17.67 29.52
CA LEU C 179 6.76 -18.22 30.80
C LEU C 179 6.22 -19.63 31.02
N SER C 180 4.96 -19.87 30.65
CA SER C 180 4.37 -21.20 30.82
C SER C 180 5.15 -22.25 30.04
N ALA C 181 5.43 -21.96 28.74
CA ALA C 181 6.20 -22.89 27.93
C ALA C 181 7.61 -23.06 28.49
N ALA C 182 8.20 -21.97 28.97
CA ALA C 182 9.54 -22.07 29.54
C ALA C 182 9.58 -23.00 30.73
N MET C 183 8.48 -23.06 31.49
CA MET C 183 8.40 -23.87 32.70
C MET C 183 7.90 -25.29 32.46
N GLY C 184 7.69 -25.70 31.22
CA GLY C 184 7.25 -27.06 30.97
C GLY C 184 5.76 -27.24 30.97
N HIS C 185 4.99 -26.16 30.89
CA HIS C 185 3.52 -26.24 30.86
C HIS C 185 3.01 -25.46 29.67
N ARG C 186 3.56 -25.78 28.51
CA ARG C 186 3.19 -25.06 27.30
C ARG C 186 1.71 -25.22 27.03
N GLY C 187 1.04 -24.08 26.82
CA GLY C 187 -0.39 -24.05 26.60
C GLY C 187 -1.21 -24.16 27.85
N ASN C 188 -0.59 -24.09 29.03
CA ASN C 188 -1.31 -24.23 30.30
C ASN C 188 -0.81 -23.22 31.32
N PRO C 189 -0.96 -21.92 31.02
CA PRO C 189 -0.50 -20.90 31.99
C PRO C 189 -1.26 -20.95 33.30
N GLY C 190 -2.47 -21.52 33.32
CA GLY C 190 -3.21 -21.68 34.56
C GLY C 190 -2.59 -22.64 35.53
N HIS C 191 -1.62 -23.44 35.09
CA HIS C 191 -1.01 -24.43 35.96
C HIS C 191 -0.47 -23.76 37.23
N PRO C 192 -0.65 -24.38 38.40
CA PRO C 192 -0.23 -23.72 39.65
C PRO C 192 1.26 -23.35 39.71
N GLU C 193 2.16 -24.15 39.12
CA GLU C 193 3.57 -23.75 39.12
C GLU C 193 3.76 -22.44 38.36
N VAL C 194 3.11 -22.28 37.21
CA VAL C 194 3.21 -21.02 36.48
C VAL C 194 2.52 -19.90 37.27
N GLN C 195 1.32 -20.18 37.81
CA GLN C 195 0.58 -19.17 38.57
C GLN C 195 1.33 -18.76 39.83
N ALA C 196 2.00 -19.70 40.50
CA ALA C 196 2.78 -19.37 41.68
C ALA C 196 3.92 -18.40 41.34
N ALA C 197 4.58 -18.62 40.20
CA ALA C 197 5.65 -17.72 39.79
C ALA C 197 5.13 -16.32 39.48
N ILE C 198 3.99 -16.22 38.81
CA ILE C 198 3.46 -14.91 38.42
C ILE C 198 3.14 -14.09 39.66
N GLU C 199 2.48 -14.70 40.65
CA GLU C 199 2.15 -13.97 41.87
C GLU C 199 3.43 -13.56 42.60
N ASP C 200 4.41 -14.45 42.64
CA ASP C 200 5.70 -14.09 43.22
C ASP C 200 6.36 -12.98 42.41
N ALA C 201 6.28 -13.06 41.07
CA ALA C 201 6.91 -12.06 40.22
C ALA C 201 6.28 -10.69 40.44
N ILE C 202 4.95 -10.61 40.48
CA ILE C 202 4.27 -9.34 40.70
C ILE C 202 4.71 -8.71 42.01
N HIS C 203 4.82 -9.52 43.07
CA HIS C 203 5.20 -8.98 44.37
C HIS C 203 6.63 -8.43 44.36
N ARG C 204 7.57 -9.14 43.74
CA ARG C 204 8.95 -8.65 43.71
C ARG C 204 9.08 -7.37 42.90
N ILE C 205 8.35 -7.26 41.79
CA ILE C 205 8.38 -6.02 41.01
C ILE C 205 7.86 -4.85 41.85
N ARG C 206 6.76 -5.06 42.58
CA ARG C 206 6.15 -3.97 43.33
C ARG C 206 7.02 -3.47 44.47
N THR C 207 7.69 -4.40 45.18
CA THR C 207 8.58 -3.95 46.25
C THR C 207 9.80 -3.21 45.72
N ALA C 208 10.15 -3.41 44.45
CA ALA C 208 11.22 -2.63 43.84
C ALA C 208 10.77 -1.22 43.45
N GLY C 209 9.49 -0.90 43.62
CA GLY C 209 8.93 0.39 43.28
C GLY C 209 8.49 0.54 41.84
N LYS C 210 8.56 -0.53 41.04
CA LYS C 210 8.23 -0.46 39.63
C LYS C 210 6.82 -1.02 39.37
N ALA C 211 6.29 -0.68 38.20
CA ALA C 211 4.97 -1.16 37.80
C ALA C 211 5.06 -2.56 37.23
N ALA C 212 4.09 -3.41 37.61
CA ALA C 212 3.98 -4.77 37.11
C ALA C 212 2.85 -4.85 36.10
N GLY C 213 3.11 -5.53 34.98
CA GLY C 213 2.15 -5.62 33.91
C GLY C 213 2.00 -7.07 33.48
N ILE C 214 0.85 -7.36 32.89
CA ILE C 214 0.53 -8.72 32.46
C ILE C 214 -0.58 -8.67 31.42
N LEU C 215 -0.71 -9.76 30.66
CA LEU C 215 -1.77 -9.91 29.68
C LEU C 215 -2.53 -11.20 29.99
N SER C 216 -3.85 -11.08 30.14
CA SER C 216 -4.72 -12.23 30.35
C SER C 216 -6.00 -12.02 29.56
N ALA C 217 -6.22 -12.86 28.55
CA ALA C 217 -7.52 -12.87 27.88
C ALA C 217 -8.60 -13.37 28.83
N ASP C 218 -8.24 -14.22 29.79
CA ASP C 218 -9.17 -14.71 30.80
C ASP C 218 -9.54 -13.59 31.77
N GLU C 219 -10.83 -13.27 31.86
CA GLU C 219 -11.27 -12.10 32.60
C GLU C 219 -11.19 -12.29 34.12
N THR C 220 -11.49 -13.48 34.63
CA THR C 220 -11.33 -13.69 36.06
C THR C 220 -9.86 -13.61 36.46
N LEU C 221 -9.00 -14.19 35.63
CA LEU C 221 -7.56 -14.14 35.88
C LEU C 221 -7.05 -12.72 35.82
N ALA C 222 -7.57 -11.91 34.89
CA ALA C 222 -7.18 -10.51 34.81
C ALA C 222 -7.59 -9.75 36.07
N ARG C 223 -8.76 -10.07 36.63
CA ARG C 223 -9.18 -9.43 37.86
C ARG C 223 -8.25 -9.80 39.00
N ARG C 224 -7.80 -11.06 39.05
CA ARG C 224 -6.89 -11.47 40.10
C ARG C 224 -5.57 -10.74 39.99
N TYR C 225 -5.08 -10.53 38.77
CA TYR C 225 -3.85 -9.77 38.59
C TYR C 225 -4.05 -8.32 39.03
N LEU C 226 -5.22 -7.75 38.73
CA LEU C 226 -5.52 -6.42 39.23
C LEU C 226 -5.59 -6.41 40.76
N GLU C 227 -6.15 -7.47 41.34
CA GLU C 227 -6.25 -7.56 42.78
C GLU C 227 -4.86 -7.63 43.44
N LEU C 228 -3.87 -8.20 42.74
CA LEU C 228 -2.52 -8.30 43.27
C LEU C 228 -1.70 -7.03 43.08
N GLY C 229 -2.24 -5.98 42.49
CA GLY C 229 -1.55 -4.72 42.41
C GLY C 229 -0.90 -4.40 41.10
N CYS C 230 -1.26 -5.08 40.02
CA CYS C 230 -0.67 -4.79 38.71
C CYS C 230 -1.05 -3.38 38.27
N ALA C 231 -0.07 -2.63 37.78
CA ALA C 231 -0.29 -1.26 37.34
C ALA C 231 -0.93 -1.19 35.96
N PHE C 232 -0.54 -2.08 35.05
CA PHE C 232 -1.13 -2.11 33.71
C PHE C 232 -1.45 -3.54 33.30
N VAL C 233 -2.72 -3.79 32.98
CA VAL C 233 -3.18 -5.13 32.62
C VAL C 233 -3.91 -5.04 31.29
N ALA C 234 -3.55 -5.91 30.36
CA ALA C 234 -4.22 -6.03 29.08
C ALA C 234 -5.26 -7.14 29.22
N VAL C 235 -6.53 -6.81 28.93
CA VAL C 235 -7.64 -7.71 29.16
C VAL C 235 -8.19 -8.32 27.89
N GLY C 236 -7.57 -8.08 26.74
CA GLY C 236 -8.09 -8.68 25.53
C GLY C 236 -7.14 -8.53 24.36
N VAL C 237 -7.42 -9.34 23.34
CA VAL C 237 -6.71 -9.30 22.07
C VAL C 237 -7.76 -9.04 20.99
N ASP C 238 -7.50 -8.06 20.13
CA ASP C 238 -8.50 -7.69 19.13
C ASP C 238 -8.81 -8.84 18.18
N THR C 239 -7.80 -9.63 17.80
CA THR C 239 -8.02 -10.77 16.89
C THR C 239 -8.82 -11.89 17.57
N SER C 240 -8.53 -12.18 18.83
CA SER C 240 -9.25 -13.25 19.54
C SER C 240 -10.71 -12.87 19.76
N LEU C 241 -10.96 -11.61 20.13
CA LEU C 241 -12.33 -11.17 20.32
C LEU C 241 -13.11 -11.25 19.00
N LEU C 242 -12.51 -10.79 17.90
CA LEU C 242 -13.22 -10.82 16.63
C LEU C 242 -13.41 -12.26 16.14
N MET C 243 -12.36 -13.07 16.15
CA MET C 243 -12.50 -14.44 15.66
C MET C 243 -13.53 -15.21 16.47
N ARG C 244 -13.53 -15.01 17.79
CA ARG C 244 -14.47 -15.71 18.65
C ARG C 244 -15.90 -15.20 18.43
N SER C 245 -16.12 -13.89 18.33
CA SER C 245 -17.48 -13.39 18.09
C SER C 245 -18.05 -13.93 16.79
N LEU C 246 -17.23 -13.91 15.73
CA LEU C 246 -17.70 -14.29 14.42
C LEU C 246 -18.09 -15.76 14.36
N ARG C 247 -17.22 -16.66 14.85
CA ARG C 247 -17.58 -18.08 14.78
C ARG C 247 -18.74 -18.42 15.71
N GLU C 248 -18.85 -17.73 16.85
CA GLU C 248 -20.00 -17.98 17.73
C GLU C 248 -21.29 -17.51 17.07
N LEU C 249 -21.25 -16.38 16.36
CA LEU C 249 -22.43 -15.93 15.61
C LEU C 249 -22.81 -16.94 14.52
N ALA C 250 -21.81 -17.48 13.82
CA ALA C 250 -22.10 -18.48 12.79
C ALA C 250 -22.66 -19.77 13.40
N GLY C 251 -22.10 -20.20 14.54
CA GLY C 251 -22.57 -21.42 15.19
C GLY C 251 -24.01 -21.35 15.62
N ARG C 252 -24.48 -20.16 16.02
CA ARG C 252 -25.87 -20.00 16.41
C ARG C 252 -26.85 -20.25 15.28
N PHE C 253 -26.42 -20.11 14.02
CA PHE C 253 -27.30 -20.31 12.87
C PHE C 253 -26.98 -21.56 12.08
N LYS C 254 -25.98 -22.34 12.48
CA LYS C 254 -25.64 -23.53 11.73
C LYS C 254 -25.65 -24.75 12.65
N ASP D 2 25.43 -3.56 -20.20
CA ASP D 2 25.50 -2.12 -20.02
C ASP D 2 25.29 -1.71 -18.55
N LEU D 3 26.32 -1.90 -17.74
CA LEU D 3 26.21 -1.68 -16.30
C LEU D 3 26.02 -0.18 -15.99
N PRO D 4 25.02 0.20 -15.21
CA PRO D 4 24.78 1.62 -14.94
C PRO D 4 25.99 2.27 -14.30
N VAL D 5 26.37 3.42 -14.81
CA VAL D 5 27.54 4.13 -14.33
C VAL D 5 27.14 5.03 -13.17
N ASN D 6 28.00 5.07 -12.15
CA ASN D 6 27.72 5.83 -10.93
C ASN D 6 28.29 7.23 -11.11
N ARG D 7 27.42 8.19 -11.42
CA ARG D 7 27.90 9.55 -11.65
C ARG D 7 28.32 10.23 -10.35
N PHE D 8 27.62 9.94 -9.25
CA PHE D 8 28.05 10.50 -7.96
C PHE D 8 29.49 10.09 -7.65
N LYS D 9 29.80 8.81 -7.79
CA LYS D 9 31.16 8.34 -7.55
C LYS D 9 32.15 9.07 -8.45
N GLN D 10 31.78 9.29 -9.71
CA GLN D 10 32.62 10.02 -10.66
C GLN D 10 32.93 11.43 -10.17
N ARG D 11 31.87 12.23 -9.98
CA ARG D 11 32.05 13.64 -9.63
C ARG D 11 32.89 13.80 -8.36
N LEU D 12 32.85 12.81 -7.46
CA LEU D 12 33.68 12.82 -6.26
C LEU D 12 35.16 12.98 -6.61
N ARG D 13 35.62 12.25 -7.63
CA ARG D 13 37.02 12.29 -8.03
C ARG D 13 37.38 13.58 -8.76
N SER D 14 36.40 14.26 -9.34
CA SER D 14 36.62 15.57 -9.95
C SER D 14 36.75 16.62 -8.86
N GLY D 15 37.01 17.86 -9.25
CA GLY D 15 37.16 18.94 -8.31
C GLY D 15 35.89 19.66 -7.94
N GLU D 16 34.76 19.31 -8.56
CA GLU D 16 33.51 19.99 -8.30
C GLU D 16 32.78 19.34 -7.13
N ALA D 17 32.22 20.16 -6.25
CA ALA D 17 31.38 19.65 -5.19
C ALA D 17 30.00 19.35 -5.73
N GLN D 18 29.26 18.50 -5.01
CA GLN D 18 27.92 18.10 -5.40
C GLN D 18 26.94 18.54 -4.31
N ILE D 19 25.97 19.38 -4.69
CA ILE D 19 24.96 19.86 -3.76
C ILE D 19 23.85 18.81 -3.62
N GLY D 20 23.42 18.59 -2.38
CA GLY D 20 22.49 17.52 -2.08
C GLY D 20 21.30 17.98 -1.27
N LEU D 21 20.30 17.09 -1.18
CA LEU D 21 19.07 17.30 -0.45
C LEU D 21 18.73 16.03 0.32
N TRP D 22 18.23 16.19 1.55
CA TRP D 22 17.84 15.07 2.41
C TRP D 22 16.35 14.77 2.19
N LEU D 23 16.03 13.49 1.97
CA LEU D 23 14.66 13.06 1.67
C LEU D 23 14.13 12.23 2.83
N GLY D 24 13.26 12.84 3.63
CA GLY D 24 12.59 12.12 4.71
C GLY D 24 11.08 12.02 4.59
N LEU D 25 10.53 12.32 3.41
CA LEU D 25 9.09 12.21 3.21
C LEU D 25 8.66 10.78 2.89
N ALA D 26 9.60 9.91 2.54
CA ALA D 26 9.36 8.46 2.46
C ALA D 26 8.16 8.11 1.57
N ASP D 27 8.02 8.82 0.45
CA ASP D 27 6.95 8.52 -0.51
C ASP D 27 7.46 8.75 -1.92
N PRO D 28 7.30 7.76 -2.82
CA PRO D 28 7.78 7.94 -4.20
C PRO D 28 7.22 9.18 -4.87
N TYR D 29 5.98 9.55 -4.54
CA TYR D 29 5.40 10.73 -5.16
C TYR D 29 5.99 12.01 -4.56
N CYS D 30 5.94 12.15 -3.22
CA CYS D 30 6.60 13.28 -2.58
C CYS D 30 8.07 13.32 -2.99
N ALA D 31 8.67 12.17 -3.30
CA ALA D 31 10.09 12.13 -3.66
C ALA D 31 10.36 12.59 -5.08
N GLU D 32 9.35 12.58 -5.96
CA GLU D 32 9.59 12.96 -7.35
C GLU D 32 9.64 14.48 -7.50
N LEU D 33 8.92 15.23 -6.66
CA LEU D 33 9.14 16.67 -6.63
C LEU D 33 10.60 16.98 -6.34
N ALA D 34 11.15 16.36 -5.28
CA ALA D 34 12.55 16.60 -4.95
C ALA D 34 13.45 16.32 -6.14
N ALA D 35 13.21 15.21 -6.84
CA ALA D 35 13.99 14.85 -8.03
C ALA D 35 13.89 15.90 -9.12
N ASN D 36 12.92 16.80 -9.04
CA ASN D 36 12.65 17.80 -10.05
C ASN D 36 13.26 19.16 -9.70
N ALA D 37 13.98 19.26 -8.59
CA ALA D 37 14.41 20.54 -8.06
C ALA D 37 15.83 20.93 -8.46
N GLY D 38 16.59 20.03 -9.08
CA GLY D 38 17.89 20.36 -9.62
C GLY D 38 19.08 20.05 -8.74
N PHE D 39 18.97 19.08 -7.82
CA PHE D 39 20.07 18.76 -6.94
C PHE D 39 21.02 17.78 -7.62
N ASP D 40 22.24 17.72 -7.09
CA ASP D 40 23.23 16.77 -7.60
C ASP D 40 23.01 15.38 -7.03
N TRP D 41 22.54 15.30 -5.80
CA TRP D 41 22.27 14.01 -5.19
C TRP D 41 21.13 14.17 -4.20
N LEU D 42 20.42 13.07 -3.97
CA LEU D 42 19.31 13.02 -3.03
C LEU D 42 19.62 11.93 -2.02
N LEU D 43 19.27 12.18 -0.76
CA LEU D 43 19.55 11.25 0.34
C LEU D 43 18.25 10.59 0.78
N LEU D 44 18.04 9.35 0.34
CA LEU D 44 16.93 8.54 0.84
C LEU D 44 17.32 8.03 2.21
N ASP D 45 16.63 8.52 3.24
CA ASP D 45 17.02 8.31 4.63
C ASP D 45 16.31 7.08 5.18
N GLY D 46 17.05 5.99 5.35
CA GLY D 46 16.56 4.79 5.99
C GLY D 46 16.91 4.69 7.45
N GLU D 47 17.48 5.73 8.05
CA GLU D 47 17.81 5.68 9.47
C GLU D 47 16.78 6.41 10.33
N HIS D 48 16.37 7.62 9.93
CA HIS D 48 15.53 8.47 10.76
C HIS D 48 14.22 8.86 10.09
N ALA D 49 13.95 8.33 8.91
CA ALA D 49 12.68 8.51 8.23
C ALA D 49 11.97 7.17 8.10
N PRO D 50 10.64 7.15 8.10
CA PRO D 50 9.90 5.87 8.10
C PRO D 50 9.91 5.18 6.74
N ASN D 51 11.11 4.87 6.25
CA ASN D 51 11.31 4.12 5.01
C ASN D 51 11.55 2.65 5.31
N ASP D 52 11.31 1.82 4.30
CA ASP D 52 11.67 0.40 4.34
C ASP D 52 12.09 -0.03 2.94
N LEU D 53 12.40 -1.32 2.79
CA LEU D 53 12.96 -1.81 1.55
C LEU D 53 12.08 -1.47 0.35
N ARG D 54 10.76 -1.56 0.51
CA ARG D 54 9.89 -1.34 -0.63
C ARG D 54 9.64 0.13 -0.89
N SER D 55 9.53 0.95 0.16
CA SER D 55 9.43 2.38 -0.07
C SER D 55 10.72 2.94 -0.67
N LEU D 56 11.88 2.41 -0.28
CA LEU D 56 13.13 2.88 -0.88
C LEU D 56 13.20 2.51 -2.36
N LEU D 57 12.73 1.30 -2.71
CA LEU D 57 12.63 0.91 -4.11
C LEU D 57 11.69 1.84 -4.88
N GLY D 58 10.51 2.11 -4.33
CA GLY D 58 9.61 3.06 -4.96
C GLY D 58 10.26 4.41 -5.24
N GLN D 59 11.04 4.92 -4.29
CA GLN D 59 11.69 6.21 -4.49
C GLN D 59 12.82 6.14 -5.50
N LEU D 60 13.50 4.98 -5.61
CA LEU D 60 14.52 4.83 -6.63
C LEU D 60 13.91 4.81 -8.03
N GLN D 61 12.73 4.20 -8.18
CA GLN D 61 12.08 4.20 -9.49
C GLN D 61 11.67 5.61 -9.88
N ALA D 62 11.24 6.41 -8.91
CA ALA D 62 10.77 7.76 -9.20
C ALA D 62 11.90 8.71 -9.57
N LEU D 63 13.08 8.55 -8.96
CA LEU D 63 14.18 9.48 -9.20
C LEU D 63 14.94 9.19 -10.48
N ALA D 64 14.85 7.97 -10.99
CA ALA D 64 15.78 7.51 -12.02
C ALA D 64 15.82 8.42 -13.26
N PRO D 65 14.70 8.98 -13.75
CA PRO D 65 14.79 9.78 -14.98
C PRO D 65 15.47 11.11 -14.81
N TYR D 66 15.77 11.52 -13.59
CA TYR D 66 16.25 12.87 -13.32
C TYR D 66 17.75 12.91 -13.09
N PRO D 67 18.36 14.09 -13.23
CA PRO D 67 19.83 14.15 -13.10
C PRO D 67 20.35 13.76 -11.72
N GLY D 68 19.55 13.94 -10.68
CA GLY D 68 20.08 13.76 -9.33
C GLY D 68 20.43 12.32 -9.04
N GLN D 69 21.51 12.13 -8.25
CA GLN D 69 22.00 10.79 -7.97
C GLN D 69 21.50 10.29 -6.63
N PRO D 70 20.90 9.10 -6.56
CA PRO D 70 20.38 8.60 -5.29
C PRO D 70 21.47 8.01 -4.42
N VAL D 71 21.40 8.35 -3.13
CA VAL D 71 22.24 7.77 -2.09
C VAL D 71 21.30 7.29 -0.99
N ILE D 72 21.56 6.10 -0.45
CA ILE D 72 20.68 5.49 0.52
C ILE D 72 21.44 5.33 1.83
N ARG D 73 20.83 5.79 2.93
CA ARG D 73 21.38 5.60 4.26
C ARG D 73 20.63 4.50 4.98
N PRO D 74 21.19 3.31 5.13
CA PRO D 74 20.51 2.26 5.89
C PRO D 74 20.49 2.62 7.37
N VAL D 75 19.54 2.02 8.09
CA VAL D 75 19.40 2.29 9.52
C VAL D 75 20.66 1.88 10.26
N GLN D 76 21.39 0.89 9.75
CA GLN D 76 22.64 0.46 10.34
C GLN D 76 23.39 -0.39 9.33
N GLY D 77 24.71 -0.46 9.49
CA GLY D 77 25.55 -1.20 8.58
C GLY D 77 25.46 -2.70 8.73
N ASP D 78 24.25 -3.22 8.77
CA ASP D 78 24.04 -4.66 8.79
C ASP D 78 24.29 -5.25 7.41
N THR D 79 24.80 -6.49 7.38
CA THR D 79 25.17 -7.07 6.09
C THR D 79 23.94 -7.50 5.30
N ALA D 80 22.98 -8.16 5.95
CA ALA D 80 21.75 -8.54 5.26
C ALA D 80 21.04 -7.32 4.69
N LEU D 81 21.10 -6.19 5.39
CA LEU D 81 20.41 -5.00 4.91
C LEU D 81 21.13 -4.38 3.73
N ILE D 82 22.47 -4.23 3.83
CA ILE D 82 23.25 -3.76 2.70
C ILE D 82 23.00 -4.64 1.47
N LYS D 83 22.95 -5.95 1.68
CA LYS D 83 22.67 -6.87 0.58
C LYS D 83 21.36 -6.52 -0.11
N GLN D 84 20.29 -6.32 0.67
CA GLN D 84 18.99 -6.03 0.09
C GLN D 84 18.96 -4.67 -0.60
N LEU D 85 19.77 -3.71 -0.15
CA LEU D 85 19.78 -2.40 -0.78
C LEU D 85 20.56 -2.44 -2.09
N LEU D 86 21.64 -3.22 -2.14
CA LEU D 86 22.36 -3.41 -3.39
C LEU D 86 21.48 -4.09 -4.42
N ASP D 87 20.69 -5.09 -4.00
CA ASP D 87 19.85 -5.83 -4.94
C ASP D 87 18.79 -4.93 -5.59
N ILE D 88 18.19 -4.01 -4.82
CA ILE D 88 17.19 -3.13 -5.42
C ILE D 88 17.82 -2.07 -6.31
N GLY D 89 19.16 -1.96 -6.33
CA GLY D 89 19.84 -1.13 -7.31
C GLY D 89 20.69 -0.01 -6.75
N ALA D 90 20.64 0.26 -5.44
CA ALA D 90 21.49 1.26 -4.83
C ALA D 90 22.96 1.01 -5.14
N GLN D 91 23.66 2.04 -5.63
CA GLN D 91 25.08 1.94 -5.86
C GLN D 91 25.91 2.86 -4.95
N THR D 92 25.29 3.74 -4.18
CA THR D 92 25.99 4.60 -3.23
C THR D 92 25.30 4.50 -1.87
N LEU D 93 26.06 4.17 -0.83
CA LEU D 93 25.51 3.98 0.50
C LEU D 93 26.17 4.95 1.47
N LEU D 94 25.39 5.42 2.44
CA LEU D 94 25.87 6.25 3.54
C LEU D 94 25.62 5.45 4.82
N VAL D 95 26.63 4.71 5.25
CA VAL D 95 26.47 3.82 6.40
C VAL D 95 26.66 4.62 7.69
N PRO D 96 25.72 4.56 8.61
CA PRO D 96 25.84 5.33 9.85
C PRO D 96 26.61 4.61 10.96
N MET D 97 27.00 5.41 11.96
CA MET D 97 27.62 4.89 13.18
C MET D 97 28.87 4.05 12.89
N VAL D 98 29.76 4.60 12.06
CA VAL D 98 31.04 3.96 11.76
C VAL D 98 32.08 4.49 12.74
N ASP D 99 32.61 3.59 13.59
CA ASP D 99 33.47 3.99 14.70
C ASP D 99 34.92 3.57 14.56
N SER D 100 35.25 2.68 13.63
CA SER D 100 36.60 2.12 13.57
C SER D 100 36.92 1.67 12.16
N ALA D 101 38.21 1.70 11.82
CA ALA D 101 38.65 1.25 10.51
C ALA D 101 38.24 -0.20 10.27
N ALA D 102 38.46 -1.06 11.27
CA ALA D 102 38.01 -2.45 11.15
C ALA D 102 36.56 -2.51 10.71
N GLN D 103 35.73 -1.65 11.28
CA GLN D 103 34.32 -1.61 10.91
C GLN D 103 34.15 -1.20 9.45
N ALA D 104 34.83 -0.14 9.02
CA ALA D 104 34.77 0.26 7.61
C ALA D 104 35.34 -0.82 6.70
N GLU D 105 36.34 -1.58 7.16
CA GLU D 105 36.85 -2.69 6.38
C GLU D 105 35.75 -3.72 6.13
N GLY D 106 34.97 -4.06 7.16
CA GLY D 106 33.88 -5.01 6.97
C GLY D 106 32.84 -4.51 5.99
N LEU D 107 32.57 -3.20 5.99
CA LEU D 107 31.56 -2.66 5.09
C LEU D 107 32.01 -2.70 3.64
N VAL D 108 33.31 -2.54 3.40
CA VAL D 108 33.84 -2.66 2.05
C VAL D 108 33.65 -4.08 1.54
N ARG D 109 33.94 -5.07 2.39
CA ARG D 109 33.72 -6.46 2.01
C ARG D 109 32.25 -6.74 1.73
N ALA D 110 31.34 -6.04 2.41
CA ALA D 110 29.92 -6.33 2.24
C ALA D 110 29.38 -5.83 0.91
N VAL D 111 30.04 -4.85 0.26
CA VAL D 111 29.59 -4.35 -1.02
C VAL D 111 30.33 -4.98 -2.19
N ARG D 112 31.27 -5.89 -1.93
CA ARG D 112 32.06 -6.49 -2.99
C ARG D 112 31.77 -7.97 -3.09
N TYR D 113 31.82 -8.49 -4.31
CA TYR D 113 31.66 -9.92 -4.55
C TYR D 113 32.93 -10.65 -4.16
N PRO D 114 32.84 -11.95 -3.87
CA PRO D 114 34.06 -12.74 -3.75
C PRO D 114 34.87 -12.65 -5.01
N PRO D 115 36.21 -12.71 -4.92
CA PRO D 115 37.01 -12.96 -3.72
C PRO D 115 37.31 -11.72 -2.91
N ALA D 116 37.04 -10.54 -3.48
CA ALA D 116 37.34 -9.28 -2.80
C ALA D 116 36.38 -8.97 -1.65
N GLY D 117 35.30 -9.75 -1.48
CA GLY D 117 34.32 -9.43 -0.47
C GLY D 117 33.44 -10.61 -0.15
N VAL D 118 32.29 -10.31 0.47
CA VAL D 118 31.39 -11.34 0.99
C VAL D 118 29.95 -11.05 0.57
N ARG D 119 29.78 -10.30 -0.51
CA ARG D 119 28.44 -10.03 -1.02
C ARG D 119 27.87 -11.27 -1.70
N GLY D 120 26.60 -11.53 -1.45
CA GLY D 120 25.98 -12.76 -1.97
C GLY D 120 25.61 -12.66 -3.45
N VAL D 121 25.82 -13.76 -4.16
CA VAL D 121 25.51 -13.84 -5.58
C VAL D 121 24.03 -14.16 -5.73
N GLY D 122 23.22 -13.13 -6.00
CA GLY D 122 21.80 -13.29 -6.24
C GLY D 122 21.27 -12.18 -7.12
N SER D 123 22.20 -11.52 -7.80
CA SER D 123 21.87 -10.31 -8.56
C SER D 123 20.91 -10.60 -9.72
N ALA D 124 21.02 -11.78 -10.33
CA ALA D 124 20.34 -12.04 -11.59
C ALA D 124 18.84 -11.85 -11.49
N LEU D 125 18.27 -11.94 -10.29
CA LEU D 125 16.82 -11.86 -10.14
C LEU D 125 16.39 -10.54 -9.50
N ALA D 126 17.26 -9.55 -9.49
CA ALA D 126 16.99 -8.27 -8.84
C ALA D 126 17.23 -7.13 -9.82
N ARG D 127 16.83 -5.93 -9.38
CA ARG D 127 16.89 -4.76 -10.25
C ARG D 127 18.33 -4.36 -10.55
N ALA D 128 19.26 -4.68 -9.64
CA ALA D 128 20.63 -4.21 -9.82
C ALA D 128 21.22 -4.67 -11.16
N SER D 129 20.90 -5.90 -11.56
CA SER D 129 21.29 -6.46 -12.85
C SER D 129 20.22 -6.26 -13.91
N ARG D 130 19.19 -5.47 -13.59
CA ARG D 130 17.95 -5.42 -14.38
C ARG D 130 17.55 -6.82 -14.82
N TRP D 131 17.45 -7.71 -13.83
CA TRP D 131 16.93 -9.06 -14.01
C TRP D 131 17.77 -9.87 -15.00
N ASN D 132 19.09 -9.73 -14.86
CA ASN D 132 20.10 -10.41 -15.67
C ASN D 132 20.16 -9.88 -17.09
N SER D 133 19.76 -8.62 -17.29
CA SER D 133 19.96 -7.97 -18.58
C SER D 133 21.37 -7.42 -18.72
N VAL D 134 21.95 -6.97 -17.61
CA VAL D 134 23.29 -6.36 -17.62
C VAL D 134 24.32 -7.46 -17.86
N ALA D 135 25.12 -7.31 -18.92
CA ALA D 135 26.11 -8.32 -19.23
C ALA D 135 27.32 -8.17 -18.33
N GLU D 136 27.83 -9.31 -17.84
CA GLU D 136 29.03 -9.35 -17.01
C GLU D 136 28.87 -8.43 -15.79
N TYR D 137 27.66 -8.40 -15.23
CA TYR D 137 27.44 -7.63 -14.02
C TYR D 137 28.28 -8.18 -12.87
N LEU D 138 28.47 -9.50 -12.82
CA LEU D 138 29.23 -10.09 -11.73
C LEU D 138 30.70 -9.71 -11.78
N ASN D 139 31.22 -9.42 -12.96
CA ASN D 139 32.62 -9.08 -13.10
C ASN D 139 32.89 -7.58 -13.03
N HIS D 140 31.86 -6.75 -12.91
CA HIS D 140 32.08 -5.31 -12.95
C HIS D 140 31.31 -4.53 -11.89
N ALA D 141 30.48 -5.19 -11.09
CA ALA D 141 29.59 -4.44 -10.20
C ALA D 141 30.36 -3.66 -9.14
N ASP D 142 31.44 -4.24 -8.60
CA ASP D 142 32.21 -3.56 -7.55
C ASP D 142 32.69 -2.19 -7.97
N GLU D 143 33.03 -2.02 -9.25
CA GLU D 143 33.62 -0.78 -9.70
C GLU D 143 32.64 0.39 -9.65
N GLN D 144 31.34 0.12 -9.54
CA GLN D 144 30.35 1.17 -9.52
C GLN D 144 29.72 1.35 -8.13
N MET D 145 30.20 0.63 -7.14
CA MET D 145 29.77 0.82 -5.77
C MET D 145 30.57 1.95 -5.12
N CYS D 146 29.86 2.82 -4.38
CA CYS D 146 30.46 3.96 -3.72
C CYS D 146 30.04 3.93 -2.26
N LEU D 147 31.00 3.64 -1.38
CA LEU D 147 30.72 3.51 0.06
C LEU D 147 31.07 4.81 0.76
N LEU D 148 30.12 5.35 1.50
CA LEU D 148 30.27 6.55 2.31
C LEU D 148 30.01 6.17 3.75
N VAL D 149 30.87 6.62 4.67
CA VAL D 149 30.73 6.26 6.08
C VAL D 149 30.40 7.51 6.89
N GLN D 150 29.50 7.33 7.86
CA GLN D 150 29.14 8.39 8.80
C GLN D 150 30.00 8.29 10.05
N VAL D 151 30.76 9.34 10.32
CA VAL D 151 31.38 9.54 11.63
C VAL D 151 30.49 10.52 12.38
N GLU D 152 29.93 10.08 13.51
CA GLU D 152 28.93 10.85 14.23
C GLU D 152 29.14 10.84 15.74
N ASN D 153 30.23 10.26 16.23
CA ASN D 153 30.51 10.24 17.67
C ASN D 153 31.99 10.49 17.89
N LEU D 154 32.39 10.47 19.15
CA LEU D 154 33.74 10.90 19.50
C LEU D 154 34.76 9.78 19.33
N GLU D 155 34.31 8.54 19.25
CA GLU D 155 35.21 7.46 18.84
C GLU D 155 35.57 7.58 17.36
N GLY D 156 34.55 7.73 16.50
CA GLY D 156 34.83 7.87 15.08
C GLY D 156 35.69 9.06 14.78
N LEU D 157 35.49 10.16 15.51
CA LEU D 157 36.33 11.32 15.29
C LEU D 157 37.79 11.01 15.64
N ALA D 158 38.02 10.35 16.77
CA ALA D 158 39.37 9.95 17.13
C ALA D 158 39.96 9.00 16.10
N ASN D 159 39.14 8.09 15.57
CA ASN D 159 39.58 7.07 14.62
C ASN D 159 39.36 7.48 13.17
N LEU D 160 39.21 8.80 12.93
CA LEU D 160 38.83 9.27 11.61
C LEU D 160 39.93 9.07 10.59
N ASP D 161 41.17 9.38 10.96
CA ASP D 161 42.28 9.23 10.02
C ASP D 161 42.41 7.80 9.51
N ALA D 162 42.25 6.82 10.40
CA ALA D 162 42.34 5.43 9.99
C ALA D 162 41.09 4.96 9.25
N ILE D 163 39.91 5.51 9.57
CA ILE D 163 38.72 5.18 8.80
C ILE D 163 38.85 5.70 7.37
N ALA D 164 39.36 6.93 7.21
CA ALA D 164 39.46 7.51 5.88
C ALA D 164 40.45 6.76 5.02
N ALA D 165 41.41 6.06 5.64
CA ALA D 165 42.48 5.41 4.91
C ALA D 165 42.13 3.99 4.48
N VAL D 166 41.04 3.41 4.99
CA VAL D 166 40.53 2.13 4.51
C VAL D 166 40.31 2.21 3.00
N GLU D 167 40.95 1.32 2.25
CA GLU D 167 40.74 1.28 0.81
C GLU D 167 39.30 0.87 0.51
N GLY D 168 38.66 1.62 -0.39
CA GLY D 168 37.26 1.38 -0.69
C GLY D 168 36.31 2.33 0.01
N VAL D 169 36.77 3.05 1.02
CA VAL D 169 36.02 4.16 1.60
C VAL D 169 36.26 5.36 0.69
N ASP D 170 35.26 5.71 -0.11
CA ASP D 170 35.36 6.85 -1.03
C ASP D 170 35.12 8.19 -0.34
N GLY D 171 34.32 8.20 0.72
CA GLY D 171 33.92 9.44 1.35
C GLY D 171 33.59 9.22 2.80
N VAL D 172 33.82 10.25 3.61
CA VAL D 172 33.53 10.24 5.04
C VAL D 172 32.59 11.40 5.32
N PHE D 173 31.45 11.10 5.95
CA PHE D 173 30.40 12.07 6.20
C PHE D 173 30.34 12.40 7.68
N ILE D 174 30.14 13.67 8.00
CA ILE D 174 30.19 14.19 9.36
C ILE D 174 28.77 14.59 9.75
N GLY D 175 28.19 13.86 10.69
CA GLY D 175 26.86 14.14 11.18
C GLY D 175 26.91 15.04 12.39
N PRO D 176 26.65 16.34 12.16
CA PRO D 176 26.80 17.32 13.26
C PRO D 176 25.82 17.11 14.40
N ALA D 177 24.62 16.61 14.12
CA ALA D 177 23.63 16.40 15.18
C ALA D 177 24.13 15.40 16.22
N ASP D 178 24.45 14.18 15.79
CA ASP D 178 24.97 13.19 16.71
C ASP D 178 26.31 13.63 17.30
N LEU D 179 27.20 14.17 16.46
CA LEU D 179 28.49 14.64 16.95
C LEU D 179 28.33 15.70 18.03
N SER D 180 27.37 16.62 17.85
CA SER D 180 27.12 17.62 18.88
C SER D 180 26.64 16.98 20.17
N ALA D 181 25.66 16.09 20.08
CA ALA D 181 25.18 15.40 21.28
C ALA D 181 26.33 14.69 21.98
N ALA D 182 27.14 13.93 21.23
CA ALA D 182 28.23 13.17 21.83
C ALA D 182 29.20 14.05 22.60
N MET D 183 29.29 15.32 22.21
CA MET D 183 30.22 16.26 22.82
C MET D 183 29.59 17.07 23.94
N GLY D 184 28.35 16.74 24.33
CA GLY D 184 27.66 17.47 25.37
C GLY D 184 27.11 18.82 24.94
N HIS D 185 26.82 19.01 23.66
CA HIS D 185 26.20 20.21 23.13
C HIS D 185 24.95 19.81 22.32
N ARG D 186 24.08 19.07 22.98
CA ARG D 186 22.88 18.55 22.34
C ARG D 186 22.00 19.70 21.88
N GLY D 187 21.66 19.71 20.60
CA GLY D 187 20.96 20.83 19.99
C GLY D 187 21.79 22.07 19.82
N ASN D 188 23.12 21.97 19.98
CA ASN D 188 24.00 23.13 20.03
C ASN D 188 25.18 22.93 19.09
N PRO D 189 24.93 22.58 17.81
CA PRO D 189 26.06 22.42 16.88
C PRO D 189 26.74 23.72 16.52
N GLY D 190 26.10 24.88 16.75
CA GLY D 190 26.79 26.13 16.48
C GLY D 190 27.87 26.44 17.50
N HIS D 191 27.88 25.71 18.60
CA HIS D 191 28.91 25.89 19.61
C HIS D 191 30.29 25.79 18.96
N PRO D 192 31.23 26.66 19.33
CA PRO D 192 32.55 26.64 18.68
C PRO D 192 33.38 25.41 18.99
N GLU D 193 33.06 24.69 20.07
CA GLU D 193 33.74 23.42 20.32
C GLU D 193 33.38 22.39 19.27
N VAL D 194 32.14 22.41 18.79
CA VAL D 194 31.67 21.49 17.76
C VAL D 194 32.11 21.95 16.37
N GLN D 195 32.06 23.26 16.11
CA GLN D 195 32.55 23.79 14.84
C GLN D 195 34.04 23.53 14.70
N ALA D 196 34.79 23.66 15.79
CA ALA D 196 36.21 23.35 15.76
C ALA D 196 36.44 21.89 15.41
N ALA D 197 35.64 21.00 16.00
CA ALA D 197 35.80 19.58 15.67
C ALA D 197 35.44 19.33 14.21
N ILE D 198 34.38 19.96 13.72
CA ILE D 198 33.88 19.68 12.36
C ILE D 198 34.90 20.10 11.31
N GLU D 199 35.45 21.30 11.46
CA GLU D 199 36.46 21.79 10.50
C GLU D 199 37.70 20.92 10.54
N ASP D 200 38.24 20.66 11.73
CA ASP D 200 39.36 19.76 11.83
C ASP D 200 39.04 18.41 11.15
N ALA D 201 37.83 17.89 11.36
CA ALA D 201 37.47 16.64 10.71
C ALA D 201 37.51 16.77 9.19
N ILE D 202 37.05 17.92 8.67
CA ILE D 202 36.99 18.11 7.22
C ILE D 202 38.41 18.16 6.65
N HIS D 203 39.31 18.87 7.33
CA HIS D 203 40.69 18.96 6.86
C HIS D 203 41.37 17.61 6.87
N ARG D 204 41.12 16.80 7.91
CA ARG D 204 41.78 15.51 8.00
C ARG D 204 41.31 14.56 6.90
N ILE D 205 40.02 14.58 6.57
CA ILE D 205 39.51 13.72 5.50
C ILE D 205 40.17 14.10 4.17
N ARG D 206 40.24 15.40 3.88
CA ARG D 206 40.84 15.84 2.63
C ARG D 206 42.31 15.45 2.54
N THR D 207 43.05 15.54 3.66
CA THR D 207 44.45 15.16 3.61
C THR D 207 44.62 13.66 3.39
N ALA D 208 43.62 12.85 3.73
CA ALA D 208 43.66 11.42 3.43
C ALA D 208 43.29 11.11 1.98
N GLY D 209 43.05 12.14 1.16
CA GLY D 209 42.71 11.94 -0.23
C GLY D 209 41.29 11.48 -0.49
N LYS D 210 40.42 11.53 0.50
CA LYS D 210 39.04 11.08 0.36
C LYS D 210 38.10 12.28 0.36
N ALA D 211 36.80 12.00 0.18
CA ALA D 211 35.80 13.04 0.02
C ALA D 211 35.12 13.32 1.36
N ALA D 212 35.04 14.59 1.73
CA ALA D 212 34.47 15.01 3.00
C ALA D 212 33.04 15.50 2.78
N GLY D 213 32.09 14.93 3.51
CA GLY D 213 30.69 15.26 3.37
C GLY D 213 30.08 15.71 4.68
N ILE D 214 29.03 16.53 4.59
CA ILE D 214 28.34 17.06 5.76
C ILE D 214 26.93 17.50 5.35
N LEU D 215 26.02 17.50 6.33
CA LEU D 215 24.68 18.06 6.16
C LEU D 215 24.55 19.32 7.01
N SER D 216 24.04 20.39 6.42
CA SER D 216 23.78 21.60 7.19
C SER D 216 22.61 22.35 6.57
N ALA D 217 21.47 22.30 7.25
CA ALA D 217 20.31 23.11 6.90
C ALA D 217 20.56 24.60 7.06
N ASP D 218 21.69 24.99 7.66
CA ASP D 218 22.07 26.39 7.83
C ASP D 218 22.95 26.80 6.66
N GLU D 219 22.45 27.72 5.84
CA GLU D 219 23.08 28.00 4.55
C GLU D 219 24.40 28.75 4.69
N THR D 220 24.54 29.59 5.71
CA THR D 220 25.85 30.17 5.95
C THR D 220 26.85 29.09 6.36
N LEU D 221 26.43 28.16 7.22
CA LEU D 221 27.32 27.09 7.65
C LEU D 221 27.66 26.15 6.50
N ALA D 222 26.66 25.80 5.67
CA ALA D 222 26.94 25.01 4.48
C ALA D 222 27.95 25.71 3.57
N ARG D 223 27.79 27.01 3.35
CA ARG D 223 28.75 27.72 2.51
C ARG D 223 30.17 27.58 3.05
N ARG D 224 30.32 27.64 4.37
CA ARG D 224 31.65 27.46 4.95
C ARG D 224 32.18 26.06 4.69
N TYR D 225 31.34 25.03 4.86
CA TYR D 225 31.80 23.67 4.61
C TYR D 225 32.23 23.50 3.16
N LEU D 226 31.57 24.21 2.25
CA LEU D 226 31.98 24.16 0.85
C LEU D 226 33.28 24.92 0.64
N GLU D 227 33.47 26.04 1.32
CA GLU D 227 34.72 26.79 1.21
C GLU D 227 35.89 26.02 1.83
N LEU D 228 35.63 25.18 2.83
CA LEU D 228 36.67 24.36 3.42
C LEU D 228 37.04 23.16 2.56
N GLY D 229 36.28 22.86 1.52
CA GLY D 229 36.62 21.82 0.57
C GLY D 229 35.81 20.55 0.59
N CYS D 230 34.61 20.56 1.17
CA CYS D 230 33.77 19.36 1.19
C CYS D 230 33.35 18.97 -0.22
N ALA D 231 33.43 17.67 -0.52
CA ALA D 231 33.10 17.18 -1.86
C ALA D 231 31.59 16.97 -2.05
N PHE D 232 30.85 16.68 -0.98
CA PHE D 232 29.41 16.52 -1.08
C PHE D 232 28.74 17.12 0.15
N VAL D 233 27.91 18.12 -0.07
CA VAL D 233 27.26 18.89 0.99
C VAL D 233 25.76 18.87 0.74
N ALA D 234 25.01 18.38 1.73
CA ALA D 234 23.55 18.50 1.72
C ALA D 234 23.16 19.85 2.30
N VAL D 235 22.28 20.57 1.62
CA VAL D 235 21.94 21.93 2.01
C VAL D 235 20.51 22.05 2.54
N GLY D 236 19.80 20.93 2.70
CA GLY D 236 18.47 21.01 3.28
C GLY D 236 17.89 19.64 3.53
N VAL D 237 16.76 19.65 4.23
CA VAL D 237 15.95 18.47 4.48
C VAL D 237 14.54 18.77 4.01
N ASP D 238 13.97 17.87 3.19
CA ASP D 238 12.68 18.16 2.58
C ASP D 238 11.59 18.36 3.64
N THR D 239 11.58 17.54 4.70
CA THR D 239 10.56 17.71 5.75
C THR D 239 10.66 19.08 6.40
N SER D 240 11.89 19.58 6.62
CA SER D 240 12.06 20.84 7.32
C SER D 240 11.69 22.02 6.44
N LEU D 241 12.06 21.99 5.16
CA LEU D 241 11.68 23.07 4.25
C LEU D 241 10.16 23.18 4.15
N LEU D 242 9.45 22.06 4.03
CA LEU D 242 7.99 22.09 3.95
C LEU D 242 7.39 22.53 5.29
N MET D 243 7.83 21.93 6.39
CA MET D 243 7.34 22.33 7.70
C MET D 243 7.60 23.82 7.95
N ARG D 244 8.76 24.31 7.53
CA ARG D 244 9.07 25.73 7.67
C ARG D 244 8.17 26.58 6.79
N SER D 245 8.18 26.31 5.48
CA SER D 245 7.37 27.09 4.55
C SER D 245 5.91 27.14 4.98
N LEU D 246 5.35 25.99 5.39
CA LEU D 246 3.96 25.95 5.79
C LEU D 246 3.70 26.86 6.99
N ARG D 247 4.53 26.76 8.05
CA ARG D 247 4.21 27.51 9.26
C ARG D 247 4.50 29.01 9.14
N GLU D 248 5.40 29.42 8.24
CA GLU D 248 5.59 30.85 8.00
C GLU D 248 4.43 31.43 7.20
N LEU D 249 3.94 30.68 6.21
CA LEU D 249 2.80 31.14 5.42
C LEU D 249 1.58 31.40 6.29
N ALA D 250 1.22 30.42 7.13
CA ALA D 250 0.08 30.59 8.03
C ALA D 250 0.25 31.82 8.92
N GLY D 251 1.47 32.08 9.38
CA GLY D 251 1.70 33.21 10.26
C GLY D 251 1.50 34.55 9.58
N ARG D 252 1.77 34.62 8.27
CA ARG D 252 1.54 35.87 7.57
C ARG D 252 0.07 36.22 7.46
N PHE D 253 -0.83 35.34 7.86
CA PHE D 253 -2.25 35.62 7.84
C PHE D 253 -2.93 35.47 9.20
N LYS D 254 -2.30 34.84 10.18
CA LYS D 254 -2.92 34.65 11.48
C LYS D 254 -2.30 35.54 12.55
N ASP E 2 10.08 23.38 -19.83
CA ASP E 2 10.35 22.48 -20.96
C ASP E 2 9.32 21.35 -21.01
N LEU E 3 8.24 21.55 -21.77
CA LEU E 3 7.14 20.59 -21.74
C LEU E 3 7.60 19.27 -22.35
N PRO E 4 7.32 18.13 -21.73
CA PRO E 4 7.76 16.86 -22.30
C PRO E 4 7.10 16.61 -23.64
N VAL E 5 7.89 16.28 -24.64
CA VAL E 5 7.37 16.03 -25.98
C VAL E 5 6.89 14.58 -26.06
N ASN E 6 5.73 14.39 -26.70
CA ASN E 6 5.10 13.08 -26.82
C ASN E 6 5.71 12.39 -28.05
N ARG E 7 6.75 11.59 -27.79
CA ARG E 7 7.46 10.93 -28.87
C ARG E 7 6.60 9.86 -29.53
N PHE E 8 5.68 9.25 -28.79
CA PHE E 8 4.75 8.32 -29.41
C PHE E 8 3.93 9.00 -30.49
N LYS E 9 3.44 10.21 -30.19
CA LYS E 9 2.68 10.98 -31.17
C LYS E 9 3.55 11.32 -32.39
N GLN E 10 4.83 11.62 -32.16
CA GLN E 10 5.75 11.93 -33.25
C GLN E 10 5.87 10.78 -34.25
N ARG E 11 6.20 9.60 -33.75
CA ARG E 11 6.50 8.46 -34.61
C ARG E 11 5.26 8.03 -35.38
N LEU E 12 4.06 8.33 -34.85
CA LEU E 12 2.82 8.04 -35.57
C LEU E 12 2.80 8.79 -36.91
N ARG E 13 3.23 10.05 -36.92
CA ARG E 13 3.30 10.84 -38.14
C ARG E 13 4.47 10.48 -39.04
N SER E 14 5.45 9.75 -38.54
CA SER E 14 6.49 9.22 -39.38
C SER E 14 6.02 7.92 -40.05
N GLY E 15 6.85 7.41 -40.96
CA GLY E 15 6.51 6.18 -41.68
C GLY E 15 6.57 4.93 -40.82
N GLU E 16 7.38 4.97 -39.75
CA GLU E 16 7.73 3.79 -38.98
C GLU E 16 6.63 3.34 -38.02
N ALA E 17 6.38 2.02 -38.00
CA ALA E 17 5.39 1.44 -37.09
C ALA E 17 6.00 1.23 -35.71
N GLN E 18 5.15 1.24 -34.69
CA GLN E 18 5.59 1.13 -33.32
C GLN E 18 5.07 -0.16 -32.68
N ILE E 19 5.99 -0.94 -32.12
CA ILE E 19 5.67 -2.23 -31.53
C ILE E 19 5.40 -2.05 -30.05
N GLY E 20 4.28 -2.60 -29.56
CA GLY E 20 3.83 -2.34 -28.21
C GLY E 20 3.62 -3.63 -27.44
N LEU E 21 3.51 -3.46 -26.11
CA LEU E 21 3.21 -4.56 -25.19
C LEU E 21 2.10 -4.12 -24.26
N TRP E 22 1.20 -5.05 -23.95
CA TRP E 22 0.08 -4.79 -23.05
C TRP E 22 0.50 -5.13 -21.63
N LEU E 23 0.31 -4.22 -20.70
CA LEU E 23 0.68 -4.40 -19.29
C LEU E 23 -0.58 -4.52 -18.41
N GLY E 24 -0.81 -5.71 -17.87
CA GLY E 24 -1.93 -5.93 -16.99
C GLY E 24 -1.52 -6.39 -15.61
N LEU E 25 -0.21 -6.41 -15.33
CA LEU E 25 0.25 -6.88 -14.03
C LEU E 25 -0.04 -5.87 -12.91
N ALA E 26 -0.24 -4.59 -13.25
CA ALA E 26 -0.76 -3.59 -12.31
C ALA E 26 0.17 -3.34 -11.12
N ASP E 27 1.49 -3.44 -11.31
CA ASP E 27 2.43 -3.16 -10.25
C ASP E 27 3.64 -2.43 -10.81
N PRO E 28 4.13 -1.41 -10.10
CA PRO E 28 5.30 -0.68 -10.62
C PRO E 28 6.54 -1.57 -10.80
N TYR E 29 6.79 -2.49 -9.88
CA TYR E 29 7.92 -3.39 -10.02
C TYR E 29 7.73 -4.37 -11.17
N CYS E 30 6.57 -5.03 -11.24
CA CYS E 30 6.35 -5.93 -12.38
C CYS E 30 6.39 -5.12 -13.69
N ALA E 31 6.02 -3.84 -13.64
CA ALA E 31 6.05 -2.98 -14.84
C ALA E 31 7.48 -2.65 -15.28
N GLU E 32 8.42 -2.46 -14.34
CA GLU E 32 9.78 -2.08 -14.76
C GLU E 32 10.48 -3.20 -15.53
N LEU E 33 10.17 -4.47 -15.26
CA LEU E 33 10.71 -5.54 -16.10
C LEU E 33 10.34 -5.31 -17.55
N ALA E 34 9.06 -5.01 -17.80
CA ALA E 34 8.60 -4.76 -19.16
C ALA E 34 9.27 -3.53 -19.76
N ALA E 35 9.50 -2.51 -18.95
CA ALA E 35 10.17 -1.30 -19.45
C ALA E 35 11.56 -1.61 -19.99
N ASN E 36 12.18 -2.67 -19.49
CA ASN E 36 13.51 -3.11 -19.86
C ASN E 36 13.54 -4.00 -21.11
N ALA E 37 12.37 -4.38 -21.65
CA ALA E 37 12.28 -5.39 -22.71
C ALA E 37 12.60 -4.85 -24.12
N GLY E 38 12.51 -3.55 -24.34
CA GLY E 38 12.81 -2.96 -25.65
C GLY E 38 11.63 -2.59 -26.53
N PHE E 39 10.42 -2.51 -25.99
CA PHE E 39 9.25 -2.15 -26.79
C PHE E 39 9.16 -0.64 -27.07
N ASP E 40 8.52 -0.30 -28.18
CA ASP E 40 8.29 1.10 -28.53
C ASP E 40 7.22 1.73 -27.63
N TRP E 41 6.18 0.98 -27.26
CA TRP E 41 5.17 1.53 -26.36
C TRP E 41 4.64 0.45 -25.44
N LEU E 42 4.15 0.89 -24.29
CA LEU E 42 3.62 0.03 -23.24
C LEU E 42 2.23 0.53 -22.90
N LEU E 43 1.26 -0.38 -22.82
CA LEU E 43 -0.14 -0.05 -22.55
C LEU E 43 -0.48 -0.37 -21.10
N LEU E 44 -0.68 0.66 -20.28
CA LEU E 44 -1.16 0.45 -18.91
C LEU E 44 -2.68 0.39 -19.00
N ASP E 45 -3.22 -0.80 -18.75
CA ASP E 45 -4.62 -1.09 -19.01
C ASP E 45 -5.43 -0.81 -17.75
N GLY E 46 -6.22 0.25 -17.79
CA GLY E 46 -7.09 0.59 -16.69
C GLY E 46 -8.48 0.04 -16.87
N GLU E 47 -8.73 -0.67 -17.96
CA GLU E 47 -10.04 -1.23 -18.24
C GLU E 47 -10.15 -2.68 -17.80
N HIS E 48 -9.20 -3.54 -18.18
CA HIS E 48 -9.32 -4.95 -17.88
C HIS E 48 -8.30 -5.50 -16.88
N ALA E 49 -7.43 -4.67 -16.33
CA ALA E 49 -6.51 -5.08 -15.30
C ALA E 49 -6.83 -4.32 -14.00
N PRO E 50 -6.43 -4.85 -12.84
CA PRO E 50 -6.84 -4.18 -11.58
C PRO E 50 -5.98 -2.96 -11.28
N ASN E 51 -6.12 -1.94 -12.13
CA ASN E 51 -5.35 -0.71 -12.02
C ASN E 51 -6.27 0.40 -11.59
N ASP E 52 -5.75 1.26 -10.72
CA ASP E 52 -6.39 2.49 -10.34
C ASP E 52 -5.43 3.64 -10.60
N LEU E 53 -5.89 4.86 -10.33
CA LEU E 53 -5.11 6.04 -10.66
C LEU E 53 -3.74 5.98 -10.01
N ARG E 54 -3.68 5.61 -8.72
CA ARG E 54 -2.41 5.59 -8.02
C ARG E 54 -1.48 4.49 -8.51
N SER E 55 -2.01 3.31 -8.83
CA SER E 55 -1.15 2.27 -9.39
C SER E 55 -0.69 2.64 -10.79
N LEU E 56 -1.55 3.31 -11.58
CA LEU E 56 -1.11 3.78 -12.90
C LEU E 56 0.00 4.83 -12.76
N LEU E 57 -0.10 5.72 -11.76
CA LEU E 57 0.96 6.69 -11.54
C LEU E 57 2.27 6.01 -11.15
N GLY E 58 2.21 4.99 -10.30
CA GLY E 58 3.42 4.27 -9.95
C GLY E 58 4.11 3.64 -11.14
N GLN E 59 3.33 3.08 -12.06
CA GLN E 59 3.90 2.46 -13.26
C GLN E 59 4.52 3.52 -14.18
N LEU E 60 3.90 4.70 -14.28
CA LEU E 60 4.51 5.77 -15.08
C LEU E 60 5.86 6.19 -14.52
N GLN E 61 5.99 6.22 -13.19
CA GLN E 61 7.28 6.56 -12.60
C GLN E 61 8.32 5.50 -12.91
N ALA E 62 7.91 4.23 -12.84
CA ALA E 62 8.80 3.12 -13.17
C ALA E 62 9.17 3.12 -14.65
N LEU E 63 8.22 3.49 -15.51
CA LEU E 63 8.41 3.43 -16.96
C LEU E 63 9.32 4.54 -17.48
N ALA E 64 9.30 5.70 -16.82
CA ALA E 64 9.86 6.92 -17.40
C ALA E 64 11.32 6.81 -17.82
N PRO E 65 12.21 6.16 -17.06
CA PRO E 65 13.62 6.14 -17.45
C PRO E 65 13.89 5.45 -18.79
N TYR E 66 13.02 4.54 -19.20
CA TYR E 66 13.25 3.70 -20.37
C TYR E 66 12.69 4.31 -21.65
N PRO E 67 13.07 3.76 -22.81
CA PRO E 67 12.62 4.35 -24.08
C PRO E 67 11.15 4.18 -24.38
N GLY E 68 10.55 3.03 -24.04
CA GLY E 68 9.18 2.78 -24.46
C GLY E 68 8.22 3.85 -23.97
N GLN E 69 7.30 4.24 -24.84
CA GLN E 69 6.38 5.33 -24.49
C GLN E 69 5.12 4.76 -23.86
N PRO E 70 4.63 5.36 -22.77
CA PRO E 70 3.45 4.82 -22.09
C PRO E 70 2.14 5.31 -22.70
N VAL E 71 1.22 4.37 -22.87
CA VAL E 71 -0.16 4.64 -23.27
C VAL E 71 -1.06 4.10 -22.19
N ILE E 72 -2.05 4.89 -21.78
CA ILE E 72 -2.99 4.49 -20.74
C ILE E 72 -4.36 4.28 -21.38
N ARG E 73 -5.01 3.16 -21.05
CA ARG E 73 -6.38 2.94 -21.48
C ARG E 73 -7.29 3.06 -20.27
N PRO E 74 -8.11 4.11 -20.16
CA PRO E 74 -9.04 4.20 -19.03
C PRO E 74 -10.17 3.18 -19.17
N VAL E 75 -10.82 2.93 -18.04
CA VAL E 75 -11.93 1.96 -18.00
C VAL E 75 -13.07 2.42 -18.90
N GLN E 76 -13.27 3.73 -19.04
CA GLN E 76 -14.24 4.28 -19.97
C GLN E 76 -13.85 5.71 -20.28
N GLY E 77 -14.48 6.27 -21.31
CA GLY E 77 -14.15 7.62 -21.69
C GLY E 77 -14.87 8.68 -20.88
N ASP E 78 -14.76 8.58 -19.56
CA ASP E 78 -15.42 9.54 -18.69
C ASP E 78 -14.55 10.79 -18.57
N THR E 79 -15.19 11.95 -18.65
CA THR E 79 -14.43 13.19 -18.67
C THR E 79 -13.66 13.40 -17.36
N ALA E 80 -14.32 13.19 -16.22
CA ALA E 80 -13.62 13.40 -14.96
C ALA E 80 -12.46 12.42 -14.80
N LEU E 81 -12.63 11.16 -15.23
CA LEU E 81 -11.53 10.20 -15.15
C LEU E 81 -10.37 10.63 -16.05
N ILE E 82 -10.68 11.09 -17.27
CA ILE E 82 -9.65 11.51 -18.21
C ILE E 82 -8.85 12.68 -17.63
N LYS E 83 -9.52 13.60 -16.96
CA LYS E 83 -8.84 14.72 -16.32
C LYS E 83 -7.83 14.23 -15.30
N GLN E 84 -8.19 13.20 -14.53
CA GLN E 84 -7.27 12.67 -13.54
C GLN E 84 -6.06 12.02 -14.19
N LEU E 85 -6.27 11.28 -15.28
CA LEU E 85 -5.14 10.66 -15.99
C LEU E 85 -4.24 11.71 -16.63
N LEU E 86 -4.82 12.78 -17.16
CA LEU E 86 -4.01 13.85 -17.75
C LEU E 86 -3.15 14.52 -16.71
N ASP E 87 -3.69 14.74 -15.51
CA ASP E 87 -2.93 15.45 -14.48
C ASP E 87 -1.76 14.62 -13.94
N ILE E 88 -1.87 13.30 -13.87
CA ILE E 88 -0.75 12.49 -13.36
C ILE E 88 0.35 12.38 -14.42
N GLY E 89 0.11 12.94 -15.60
CA GLY E 89 1.17 13.05 -16.59
C GLY E 89 0.96 12.26 -17.86
N ALA E 90 -0.15 11.56 -18.03
CA ALA E 90 -0.38 10.79 -19.25
C ALA E 90 -0.58 11.72 -20.44
N GLN E 91 0.11 11.44 -21.54
CA GLN E 91 -0.02 12.22 -22.76
C GLN E 91 -0.69 11.45 -23.89
N THR E 92 -0.77 10.12 -23.80
CA THR E 92 -1.44 9.30 -24.78
C THR E 92 -2.49 8.45 -24.10
N LEU E 93 -3.73 8.52 -24.58
CA LEU E 93 -4.85 7.77 -24.02
C LEU E 93 -5.45 6.91 -25.10
N LEU E 94 -5.80 5.68 -24.74
CA LEU E 94 -6.53 4.76 -25.59
C LEU E 94 -7.90 4.60 -24.93
N VAL E 95 -8.91 5.24 -25.51
CA VAL E 95 -10.24 5.34 -24.92
C VAL E 95 -11.10 4.20 -25.48
N PRO E 96 -11.69 3.37 -24.64
CA PRO E 96 -12.52 2.27 -25.16
C PRO E 96 -13.92 2.71 -25.56
N MET E 97 -14.55 1.87 -26.37
CA MET E 97 -15.97 1.97 -26.73
C MET E 97 -16.34 3.35 -27.31
N VAL E 98 -15.56 3.81 -28.29
CA VAL E 98 -15.89 5.04 -29.01
C VAL E 98 -16.72 4.68 -30.25
N ASP E 99 -18.00 5.04 -30.24
CA ASP E 99 -18.94 4.60 -31.27
C ASP E 99 -19.29 5.65 -32.33
N SER E 100 -19.08 6.94 -32.07
CA SER E 100 -19.60 7.93 -33.01
C SER E 100 -18.68 9.14 -33.06
N ALA E 101 -18.84 9.91 -34.13
CA ALA E 101 -18.05 11.14 -34.29
C ALA E 101 -18.36 12.13 -33.18
N ALA E 102 -19.63 12.22 -32.78
CA ALA E 102 -19.99 13.12 -31.69
C ALA E 102 -19.27 12.73 -30.40
N GLN E 103 -19.18 11.42 -30.13
CA GLN E 103 -18.45 10.95 -28.95
C GLN E 103 -16.96 11.24 -29.06
N ALA E 104 -16.38 11.05 -30.25
CA ALA E 104 -14.97 11.34 -30.44
C ALA E 104 -14.67 12.83 -30.33
N GLU E 105 -15.58 13.68 -30.82
CA GLU E 105 -15.37 15.12 -30.69
C GLU E 105 -15.35 15.52 -29.22
N GLY E 106 -16.25 14.92 -28.42
CA GLY E 106 -16.27 15.20 -27.00
C GLY E 106 -14.99 14.77 -26.30
N LEU E 107 -14.43 13.62 -26.70
CA LEU E 107 -13.17 13.17 -26.12
C LEU E 107 -12.03 14.13 -26.48
N VAL E 108 -12.08 14.71 -27.68
CA VAL E 108 -11.07 15.70 -28.05
C VAL E 108 -11.16 16.91 -27.13
N ARG E 109 -12.38 17.35 -26.80
CA ARG E 109 -12.55 18.44 -25.84
C ARG E 109 -12.11 18.05 -24.44
N ALA E 110 -12.31 16.81 -24.04
CA ALA E 110 -11.94 16.41 -22.69
C ALA E 110 -10.44 16.58 -22.47
N VAL E 111 -9.64 16.48 -23.52
CA VAL E 111 -8.19 16.56 -23.40
C VAL E 111 -7.61 17.92 -23.77
N ARG E 112 -8.44 18.92 -24.09
CA ARG E 112 -7.94 20.24 -24.47
C ARG E 112 -8.38 21.31 -23.48
N TYR E 113 -7.47 22.23 -23.18
CA TYR E 113 -7.79 23.33 -22.27
C TYR E 113 -8.70 24.34 -22.96
N PRO E 114 -9.57 24.99 -22.19
CA PRO E 114 -10.41 26.03 -22.80
C PRO E 114 -9.53 27.13 -23.36
N PRO E 115 -9.94 27.77 -24.46
CA PRO E 115 -11.21 27.74 -25.20
C PRO E 115 -11.49 26.43 -25.95
N ALA E 116 -10.41 25.78 -26.42
CA ALA E 116 -10.53 24.61 -27.29
C ALA E 116 -11.28 23.46 -26.62
N GLY E 117 -11.08 23.27 -25.32
CA GLY E 117 -11.66 22.12 -24.66
C GLY E 117 -12.34 22.37 -23.33
N VAL E 118 -12.57 21.30 -22.57
CA VAL E 118 -13.23 21.34 -21.27
C VAL E 118 -12.37 20.73 -20.16
N ARG E 119 -11.07 20.56 -20.41
CA ARG E 119 -10.18 19.99 -19.40
C ARG E 119 -10.00 20.94 -18.22
N GLY E 120 -10.17 20.44 -17.00
CA GLY E 120 -10.05 21.30 -15.84
C GLY E 120 -8.62 21.77 -15.63
N VAL E 121 -8.48 23.02 -15.25
CA VAL E 121 -7.17 23.65 -15.05
C VAL E 121 -6.80 23.50 -13.58
N GLY E 122 -5.80 22.68 -13.30
CA GLY E 122 -5.29 22.48 -11.95
C GLY E 122 -3.86 22.00 -12.02
N SER E 123 -3.15 22.47 -13.04
CA SER E 123 -1.83 21.96 -13.40
C SER E 123 -0.76 22.27 -12.37
N ALA E 124 -0.88 23.37 -11.64
CA ALA E 124 0.13 23.71 -10.64
C ALA E 124 0.32 22.56 -9.65
N LEU E 125 -0.76 21.85 -9.37
CA LEU E 125 -0.81 20.75 -8.43
C LEU E 125 -0.44 19.41 -9.04
N ALA E 126 -0.13 19.36 -10.34
CA ALA E 126 -0.06 18.09 -11.05
C ALA E 126 1.31 17.78 -11.61
N ARG E 127 1.55 16.48 -11.80
CA ARG E 127 2.79 15.98 -12.38
C ARG E 127 2.93 16.38 -13.84
N ALA E 128 1.81 16.62 -14.54
CA ALA E 128 1.85 16.95 -15.95
C ALA E 128 2.73 18.16 -16.22
N SER E 129 2.67 19.15 -15.33
CA SER E 129 3.52 20.33 -15.39
C SER E 129 4.74 20.21 -14.48
N ARG E 130 4.95 19.03 -13.89
CA ARG E 130 5.97 18.84 -12.86
C ARG E 130 5.81 19.88 -11.75
N TRP E 131 4.57 20.01 -11.29
CA TRP E 131 4.22 20.90 -10.19
C TRP E 131 4.63 22.33 -10.49
N ASN E 132 4.38 22.76 -11.72
CA ASN E 132 4.64 24.11 -12.21
C ASN E 132 6.12 24.36 -12.51
N SER E 133 6.93 23.31 -12.65
CA SER E 133 8.28 23.47 -13.15
C SER E 133 8.30 23.70 -14.66
N VAL E 134 7.32 23.15 -15.38
CA VAL E 134 7.23 23.31 -16.83
C VAL E 134 6.72 24.72 -17.12
N ALA E 135 7.53 25.52 -17.81
CA ALA E 135 7.15 26.90 -18.03
C ALA E 135 6.03 27.00 -19.05
N GLU E 136 5.04 27.84 -18.77
CA GLU E 136 3.91 28.05 -19.68
C GLU E 136 3.32 26.73 -20.17
N TYR E 137 3.10 25.81 -19.23
CA TYR E 137 2.49 24.54 -19.55
C TYR E 137 1.08 24.70 -20.11
N LEU E 138 0.33 25.68 -19.59
CA LEU E 138 -1.05 25.85 -20.03
C LEU E 138 -1.16 26.20 -21.51
N ASN E 139 -0.18 26.92 -22.04
CA ASN E 139 -0.23 27.35 -23.43
C ASN E 139 0.19 26.28 -24.44
N HIS E 140 0.87 25.22 -24.00
CA HIS E 140 1.34 24.18 -24.90
C HIS E 140 0.89 22.77 -24.53
N ALA E 141 0.06 22.60 -23.49
CA ALA E 141 -0.29 21.25 -23.05
C ALA E 141 -1.03 20.49 -24.14
N ASP E 142 -1.95 21.16 -24.84
CA ASP E 142 -2.73 20.51 -25.89
C ASP E 142 -1.82 19.96 -26.98
N GLU E 143 -0.68 20.63 -27.21
CA GLU E 143 0.19 20.30 -28.31
C GLU E 143 0.75 18.88 -28.23
N GLN E 144 0.93 18.35 -27.02
CA GLN E 144 1.54 17.03 -26.85
C GLN E 144 0.56 15.93 -26.49
N MET E 145 -0.75 16.21 -26.48
CA MET E 145 -1.74 15.17 -26.19
C MET E 145 -1.98 14.34 -27.44
N CYS E 146 -2.11 13.03 -27.24
CA CYS E 146 -2.35 12.10 -28.33
C CYS E 146 -3.54 11.23 -27.96
N LEU E 147 -4.62 11.34 -28.73
CA LEU E 147 -5.87 10.64 -28.43
C LEU E 147 -6.03 9.50 -29.41
N LEU E 148 -6.19 8.29 -28.87
CA LEU E 148 -6.44 7.08 -29.65
C LEU E 148 -7.79 6.53 -29.21
N VAL E 149 -8.64 6.19 -30.18
CA VAL E 149 -10.01 5.76 -29.92
C VAL E 149 -10.13 4.28 -30.28
N GLN E 150 -10.84 3.53 -29.47
CA GLN E 150 -11.07 2.13 -29.76
C GLN E 150 -12.43 2.00 -30.44
N VAL E 151 -12.44 1.42 -31.62
CA VAL E 151 -13.65 1.04 -32.31
C VAL E 151 -13.75 -0.47 -32.16
N GLU E 152 -14.80 -0.93 -31.48
CA GLU E 152 -14.84 -2.33 -31.06
C GLU E 152 -16.22 -2.97 -31.16
N ASN E 153 -17.16 -2.36 -31.88
CA ASN E 153 -18.50 -2.93 -32.05
C ASN E 153 -19.08 -2.43 -33.36
N LEU E 154 -20.27 -2.92 -33.70
CA LEU E 154 -20.88 -2.64 -34.99
C LEU E 154 -21.18 -1.16 -35.19
N GLU E 155 -21.65 -0.48 -34.15
CA GLU E 155 -21.94 0.95 -34.29
C GLU E 155 -20.68 1.75 -34.57
N GLY E 156 -19.58 1.43 -33.89
CA GLY E 156 -18.34 2.12 -34.18
C GLY E 156 -17.86 1.84 -35.59
N LEU E 157 -18.03 0.60 -36.04
CA LEU E 157 -17.59 0.22 -37.38
C LEU E 157 -18.36 0.98 -38.45
N ALA E 158 -19.67 1.17 -38.25
CA ALA E 158 -20.47 1.92 -39.21
C ALA E 158 -20.01 3.38 -39.32
N ASN E 159 -19.66 3.99 -38.19
CA ASN E 159 -19.26 5.40 -38.15
C ASN E 159 -17.76 5.57 -38.25
N LEU E 160 -17.04 4.53 -38.67
CA LEU E 160 -15.58 4.54 -38.61
C LEU E 160 -14.98 5.67 -39.44
N ASP E 161 -15.50 5.90 -40.64
CA ASP E 161 -14.98 6.98 -41.47
C ASP E 161 -15.23 8.34 -40.82
N ALA E 162 -16.39 8.51 -40.19
CA ALA E 162 -16.65 9.75 -39.45
C ALA E 162 -15.74 9.86 -38.22
N ILE E 163 -15.56 8.76 -37.48
CA ILE E 163 -14.74 8.81 -36.27
C ILE E 163 -13.30 9.15 -36.62
N ALA E 164 -12.76 8.48 -37.64
CA ALA E 164 -11.38 8.76 -38.05
C ALA E 164 -11.23 10.18 -38.60
N ALA E 165 -12.28 10.73 -39.19
CA ALA E 165 -12.24 12.09 -39.73
C ALA E 165 -12.15 13.16 -38.65
N VAL E 166 -12.55 12.86 -37.41
CA VAL E 166 -12.58 13.88 -36.36
C VAL E 166 -11.19 14.50 -36.20
N GLU E 167 -11.14 15.83 -36.21
CA GLU E 167 -9.88 16.52 -35.96
C GLU E 167 -9.49 16.33 -34.51
N GLY E 168 -8.24 15.94 -34.28
CA GLY E 168 -7.74 15.60 -32.96
C GLY E 168 -7.68 14.12 -32.66
N VAL E 169 -8.33 13.28 -33.45
CA VAL E 169 -8.24 11.82 -33.30
C VAL E 169 -7.02 11.40 -34.10
N ASP E 170 -5.92 11.14 -33.40
CA ASP E 170 -4.69 10.76 -34.09
C ASP E 170 -4.75 9.32 -34.59
N GLY E 171 -5.38 8.43 -33.84
CA GLY E 171 -5.40 7.03 -34.23
C GLY E 171 -6.69 6.36 -33.81
N VAL E 172 -7.02 5.29 -34.54
CA VAL E 172 -8.19 4.46 -34.28
C VAL E 172 -7.69 3.04 -34.04
N PHE E 173 -8.04 2.48 -32.88
CA PHE E 173 -7.58 1.19 -32.44
C PHE E 173 -8.69 0.17 -32.58
N ILE E 174 -8.38 -0.99 -33.17
CA ILE E 174 -9.36 -2.03 -33.41
C ILE E 174 -9.19 -3.08 -32.34
N GLY E 175 -10.25 -3.35 -31.60
CA GLY E 175 -10.21 -4.35 -30.58
C GLY E 175 -10.88 -5.60 -31.10
N PRO E 176 -10.07 -6.56 -31.52
CA PRO E 176 -10.63 -7.76 -32.15
C PRO E 176 -11.49 -8.58 -31.19
N ALA E 177 -11.15 -8.60 -29.90
CA ALA E 177 -11.89 -9.43 -28.96
C ALA E 177 -13.33 -8.98 -28.83
N ASP E 178 -13.55 -7.68 -28.61
CA ASP E 178 -14.93 -7.19 -28.51
C ASP E 178 -15.60 -7.16 -29.88
N LEU E 179 -14.87 -6.77 -30.92
CA LEU E 179 -15.45 -6.75 -32.26
C LEU E 179 -15.83 -8.15 -32.69
N SER E 180 -15.00 -9.14 -32.33
CA SER E 180 -15.30 -10.53 -32.64
C SER E 180 -16.63 -10.95 -32.00
N ALA E 181 -16.78 -10.67 -30.70
CA ALA E 181 -18.01 -10.99 -29.99
C ALA E 181 -19.19 -10.20 -30.54
N ALA E 182 -18.99 -8.94 -30.89
CA ALA E 182 -20.09 -8.15 -31.44
C ALA E 182 -20.59 -8.76 -32.74
N MET E 183 -19.70 -9.35 -33.53
CA MET E 183 -20.08 -9.91 -34.82
C MET E 183 -20.58 -11.34 -34.70
N GLY E 184 -20.74 -11.86 -33.50
CA GLY E 184 -21.24 -13.20 -33.35
C GLY E 184 -20.19 -14.27 -33.35
N HIS E 185 -18.91 -13.89 -33.20
CA HIS E 185 -17.81 -14.85 -33.20
C HIS E 185 -16.98 -14.66 -31.94
N ARG E 186 -17.66 -14.70 -30.80
CA ARG E 186 -16.97 -14.51 -29.54
C ARG E 186 -15.91 -15.58 -29.36
N GLY E 187 -14.69 -15.16 -29.04
CA GLY E 187 -13.58 -16.07 -28.86
C GLY E 187 -12.96 -16.56 -30.14
N ASN E 188 -13.33 -16.00 -31.30
CA ASN E 188 -12.85 -16.48 -32.60
C ASN E 188 -12.49 -15.29 -33.48
N PRO E 189 -11.50 -14.48 -33.08
CA PRO E 189 -11.13 -13.33 -33.90
C PRO E 189 -10.58 -13.74 -35.25
N GLY E 190 -10.10 -14.98 -35.39
CA GLY E 190 -9.62 -15.47 -36.68
C GLY E 190 -10.70 -15.71 -37.70
N HIS E 191 -11.96 -15.75 -37.29
CA HIS E 191 -13.03 -16.03 -38.23
C HIS E 191 -12.94 -15.05 -39.41
N PRO E 192 -13.12 -15.53 -40.64
CA PRO E 192 -12.95 -14.65 -41.80
C PRO E 192 -13.84 -13.42 -41.79
N GLU E 193 -15.07 -13.51 -41.28
CA GLU E 193 -15.90 -12.31 -41.23
C GLU E 193 -15.27 -11.24 -40.34
N VAL E 194 -14.72 -11.61 -39.19
CA VAL E 194 -14.06 -10.61 -38.36
C VAL E 194 -12.81 -10.11 -39.07
N GLN E 195 -12.03 -11.02 -39.66
CA GLN E 195 -10.79 -10.62 -40.32
C GLN E 195 -11.07 -9.73 -41.52
N ALA E 196 -12.15 -10.00 -42.25
CA ALA E 196 -12.53 -9.13 -43.35
C ALA E 196 -12.91 -7.75 -42.84
N ALA E 197 -13.63 -7.69 -41.72
CA ALA E 197 -13.99 -6.40 -41.14
C ALA E 197 -12.76 -5.64 -40.66
N ILE E 198 -11.79 -6.35 -40.06
CA ILE E 198 -10.59 -5.69 -39.54
C ILE E 198 -9.77 -5.11 -40.68
N GLU E 199 -9.54 -5.91 -41.72
CA GLU E 199 -8.72 -5.47 -42.85
C GLU E 199 -9.37 -4.32 -43.60
N ASP E 200 -10.70 -4.35 -43.72
CA ASP E 200 -11.40 -3.21 -44.30
C ASP E 200 -11.22 -1.97 -43.41
N ALA E 201 -11.30 -2.16 -42.09
CA ALA E 201 -11.18 -1.03 -41.18
C ALA E 201 -9.79 -0.39 -41.26
N ILE E 202 -8.74 -1.20 -41.29
CA ILE E 202 -7.39 -0.65 -41.37
C ILE E 202 -7.26 0.24 -42.61
N HIS E 203 -7.83 -0.21 -43.73
CA HIS E 203 -7.76 0.59 -44.95
C HIS E 203 -8.50 1.91 -44.82
N ARG E 204 -9.72 1.89 -44.28
CA ARG E 204 -10.49 3.11 -44.16
C ARG E 204 -9.83 4.09 -43.18
N ILE E 205 -9.27 3.58 -42.08
CA ILE E 205 -8.59 4.45 -41.13
C ILE E 205 -7.42 5.14 -41.81
N ARG E 206 -6.66 4.41 -42.61
CA ARG E 206 -5.48 4.96 -43.26
C ARG E 206 -5.83 5.99 -44.32
N THR E 207 -6.91 5.76 -45.07
CA THR E 207 -7.29 6.75 -46.09
C THR E 207 -7.66 8.08 -45.46
N ALA E 208 -8.06 8.08 -44.19
CA ALA E 208 -8.31 9.32 -43.48
C ALA E 208 -7.03 10.02 -43.05
N GLY E 209 -5.87 9.39 -43.23
CA GLY E 209 -4.62 9.96 -42.81
C GLY E 209 -4.27 9.66 -41.37
N LYS E 210 -5.07 8.85 -40.68
CA LYS E 210 -4.86 8.56 -39.27
C LYS E 210 -4.14 7.23 -39.10
N ALA E 211 -3.58 7.05 -37.91
CA ALA E 211 -2.87 5.80 -37.60
C ALA E 211 -3.88 4.71 -37.24
N ALA E 212 -3.63 3.51 -37.76
CA ALA E 212 -4.46 2.35 -37.44
C ALA E 212 -3.72 1.47 -36.47
N GLY E 213 -4.40 1.04 -35.41
CA GLY E 213 -3.77 0.28 -34.36
C GLY E 213 -4.60 -0.95 -34.02
N ILE E 214 -3.91 -1.95 -33.46
CA ILE E 214 -4.53 -3.23 -33.15
C ILE E 214 -3.66 -3.97 -32.13
N LEU E 215 -4.25 -4.99 -31.51
CA LEU E 215 -3.56 -5.89 -30.59
C LEU E 215 -3.77 -7.32 -31.07
N SER E 216 -2.67 -8.05 -31.23
CA SER E 216 -2.75 -9.47 -31.55
C SER E 216 -1.65 -10.20 -30.81
N ALA E 217 -2.05 -11.07 -29.89
CA ALA E 217 -1.08 -11.97 -29.26
C ALA E 217 -0.51 -12.95 -30.29
N ASP E 218 -1.29 -13.29 -31.30
CA ASP E 218 -0.82 -14.17 -32.36
C ASP E 218 0.19 -13.44 -33.25
N GLU E 219 1.42 -13.96 -33.31
CA GLU E 219 2.50 -13.21 -33.95
C GLU E 219 2.39 -13.19 -35.47
N THR E 220 1.98 -14.29 -36.10
CA THR E 220 1.77 -14.25 -37.56
C THR E 220 0.62 -13.31 -37.89
N LEU E 221 -0.43 -13.31 -37.06
CA LEU E 221 -1.53 -12.37 -37.27
C LEU E 221 -1.05 -10.93 -37.10
N ALA E 222 -0.19 -10.70 -36.10
CA ALA E 222 0.37 -9.37 -35.90
C ALA E 222 1.22 -8.94 -37.09
N ARG E 223 1.92 -9.88 -37.72
CA ARG E 223 2.71 -9.55 -38.90
C ARG E 223 1.81 -9.11 -40.04
N ARG E 224 0.65 -9.76 -40.20
CA ARG E 224 -0.25 -9.32 -41.25
C ARG E 224 -0.77 -7.92 -40.98
N TYR E 225 -1.11 -7.62 -39.72
CA TYR E 225 -1.60 -6.29 -39.38
C TYR E 225 -0.53 -5.24 -39.64
N LEU E 226 0.74 -5.57 -39.35
CA LEU E 226 1.82 -4.66 -39.71
C LEU E 226 1.98 -4.56 -41.23
N GLU E 227 1.89 -5.69 -41.94
CA GLU E 227 2.01 -5.64 -43.39
C GLU E 227 0.88 -4.83 -44.02
N LEU E 228 -0.29 -4.81 -43.39
CA LEU E 228 -1.41 -4.04 -43.92
C LEU E 228 -1.32 -2.55 -43.61
N GLY E 229 -0.30 -2.10 -42.88
CA GLY E 229 -0.10 -0.68 -42.65
C GLY E 229 -0.47 -0.14 -41.28
N CYS E 230 -0.62 -0.99 -40.26
CA CYS E 230 -0.91 -0.49 -38.92
C CYS E 230 0.28 0.29 -38.36
N ALA E 231 0.02 1.49 -37.85
CA ALA E 231 1.07 2.34 -37.32
C ALA E 231 1.52 1.90 -35.93
N PHE E 232 0.59 1.41 -35.10
CA PHE E 232 0.95 0.92 -33.77
C PHE E 232 0.26 -0.42 -33.55
N VAL E 233 1.06 -1.46 -33.31
CA VAL E 233 0.58 -2.82 -33.14
C VAL E 233 1.13 -3.34 -31.81
N ALA E 234 0.26 -3.88 -30.98
CA ALA E 234 0.67 -4.54 -29.74
C ALA E 234 0.80 -6.02 -30.03
N VAL E 235 1.98 -6.59 -29.76
CA VAL E 235 2.27 -7.97 -30.12
C VAL E 235 2.20 -8.92 -28.94
N GLY E 236 1.80 -8.47 -27.76
CA GLY E 236 1.75 -9.41 -26.64
C GLY E 236 1.07 -8.81 -25.42
N VAL E 237 0.74 -9.71 -24.49
CA VAL E 237 0.20 -9.37 -23.18
C VAL E 237 1.13 -9.93 -22.11
N ASP E 238 1.54 -9.08 -21.16
CA ASP E 238 2.54 -9.50 -20.18
C ASP E 238 2.03 -10.64 -19.28
N THR E 239 0.75 -10.58 -18.87
CA THR E 239 0.21 -11.66 -18.04
C THR E 239 0.11 -12.95 -18.83
N SER E 240 -0.26 -12.86 -20.12
CA SER E 240 -0.36 -14.05 -20.97
C SER E 240 1.01 -14.67 -21.19
N LEU E 241 2.02 -13.85 -21.49
CA LEU E 241 3.36 -14.39 -21.69
C LEU E 241 3.88 -15.07 -20.42
N LEU E 242 3.67 -14.44 -19.27
CA LEU E 242 4.13 -15.04 -18.02
C LEU E 242 3.36 -16.32 -17.72
N MET E 243 2.03 -16.28 -17.86
CA MET E 243 1.24 -17.47 -17.57
C MET E 243 1.62 -18.62 -18.48
N ARG E 244 1.88 -18.32 -19.75
CA ARG E 244 2.29 -19.37 -20.70
C ARG E 244 3.67 -19.92 -20.37
N SER E 245 4.65 -19.05 -20.09
CA SER E 245 5.99 -19.55 -19.78
C SER E 245 5.96 -20.47 -18.58
N LEU E 246 5.22 -20.08 -17.54
CA LEU E 246 5.23 -20.84 -16.32
C LEU E 246 4.59 -22.21 -16.49
N ARG E 247 3.39 -22.29 -17.06
CA ARG E 247 2.71 -23.57 -17.16
C ARG E 247 3.44 -24.51 -18.11
N GLU E 248 4.03 -23.95 -19.17
CA GLU E 248 4.80 -24.77 -20.10
C GLU E 248 6.08 -25.28 -19.45
N LEU E 249 6.75 -24.44 -18.66
CA LEU E 249 7.91 -24.94 -17.91
C LEU E 249 7.50 -26.03 -16.93
N ALA E 250 6.37 -25.86 -16.24
CA ALA E 250 5.92 -26.87 -15.30
C ALA E 250 5.58 -28.18 -16.00
N GLY E 251 4.89 -28.11 -17.15
CA GLY E 251 4.52 -29.32 -17.84
C GLY E 251 5.70 -30.15 -18.27
N ARG E 252 6.81 -29.49 -18.58
CA ARG E 252 7.99 -30.22 -19.01
C ARG E 252 8.54 -31.14 -17.91
N PHE E 253 8.24 -30.86 -16.64
CA PHE E 253 8.74 -31.67 -15.53
C PHE E 253 7.66 -32.48 -14.81
N LYS E 254 6.41 -32.44 -15.26
CA LYS E 254 5.33 -33.19 -14.61
C LYS E 254 4.64 -34.13 -15.58
N ASP F 2 -22.15 11.16 20.80
CA ASP F 2 -21.54 12.48 20.75
C ASP F 2 -21.04 12.80 19.35
N LEU F 3 -21.94 13.41 18.57
CA LEU F 3 -21.71 13.63 17.15
C LEU F 3 -20.64 14.70 16.96
N PRO F 4 -19.65 14.47 16.09
CA PRO F 4 -18.57 15.46 15.92
C PRO F 4 -19.10 16.77 15.35
N VAL F 5 -18.70 17.88 15.99
CA VAL F 5 -19.18 19.20 15.58
C VAL F 5 -18.31 19.72 14.46
N ASN F 6 -18.97 20.29 13.45
CA ASN F 6 -18.29 20.81 12.27
C ASN F 6 -17.90 22.25 12.56
N ARG F 7 -16.66 22.44 13.00
CA ARG F 7 -16.20 23.77 13.41
C ARG F 7 -16.02 24.70 12.21
N PHE F 8 -15.65 24.14 11.05
CA PHE F 8 -15.53 24.97 9.85
C PHE F 8 -16.87 25.61 9.49
N LYS F 9 -17.95 24.83 9.55
CA LYS F 9 -19.27 25.37 9.29
C LYS F 9 -19.62 26.47 10.29
N GLN F 10 -19.22 26.28 11.55
CA GLN F 10 -19.50 27.28 12.58
C GLN F 10 -18.90 28.62 12.21
N ARG F 11 -17.58 28.63 11.97
CA ARG F 11 -16.81 29.83 11.74
C ARG F 11 -17.22 30.52 10.45
N LEU F 12 -17.80 29.80 9.51
CA LEU F 12 -18.29 30.41 8.28
C LEU F 12 -19.31 31.51 8.61
N ARG F 13 -20.17 31.26 9.57
CA ARG F 13 -21.13 32.25 10.05
C ARG F 13 -20.53 33.27 11.01
N SER F 14 -19.32 33.04 11.53
CA SER F 14 -18.71 34.04 12.38
C SER F 14 -18.15 35.19 11.55
N GLY F 15 -17.70 36.26 12.23
CA GLY F 15 -17.19 37.41 11.49
C GLY F 15 -15.83 37.16 10.86
N GLU F 16 -15.00 36.34 11.50
CA GLU F 16 -13.60 36.16 11.10
C GLU F 16 -13.46 35.18 9.94
N ALA F 17 -12.56 35.50 9.02
CA ALA F 17 -12.24 34.65 7.89
C ALA F 17 -11.36 33.47 8.31
N GLN F 18 -11.38 32.42 7.51
CA GLN F 18 -10.63 31.21 7.77
C GLN F 18 -9.56 31.02 6.72
N ILE F 19 -8.31 30.87 7.16
CA ILE F 19 -7.17 30.73 6.27
C ILE F 19 -6.91 29.26 6.02
N GLY F 20 -6.73 28.89 4.76
CA GLY F 20 -6.64 27.49 4.40
C GLY F 20 -5.39 27.19 3.60
N LEU F 21 -5.09 25.90 3.52
CA LEU F 21 -4.00 25.38 2.72
C LEU F 21 -4.51 24.25 1.84
N TRP F 22 -4.03 24.21 0.60
CA TRP F 22 -4.40 23.16 -0.35
C TRP F 22 -3.41 22.01 -0.21
N LEU F 23 -3.93 20.79 -0.05
CA LEU F 23 -3.09 19.61 0.12
C LEU F 23 -3.21 18.73 -1.12
N GLY F 24 -2.12 18.65 -1.90
CA GLY F 24 -2.11 17.84 -3.08
C GLY F 24 -1.08 16.73 -3.05
N LEU F 25 -0.37 16.57 -1.93
CA LEU F 25 0.66 15.53 -1.85
C LEU F 25 0.06 14.12 -1.75
N ALA F 26 -1.20 14.00 -1.34
CA ALA F 26 -1.94 12.74 -1.47
C ALA F 26 -1.33 11.61 -0.65
N ASP F 27 -0.76 11.94 0.52
CA ASP F 27 -0.17 10.97 1.43
C ASP F 27 -0.51 11.30 2.89
N PRO F 28 -0.83 10.28 3.70
CA PRO F 28 -1.10 10.57 5.12
C PRO F 28 0.10 11.16 5.86
N TYR F 29 1.31 10.64 5.59
CA TYR F 29 2.48 11.18 6.27
C TYR F 29 2.78 12.60 5.81
N CYS F 30 2.81 12.85 4.50
CA CYS F 30 3.05 14.21 4.03
C CYS F 30 1.94 15.15 4.55
N ALA F 31 0.72 14.64 4.72
CA ALA F 31 -0.40 15.46 5.20
C ALA F 31 -0.28 15.81 6.69
N GLU F 32 0.27 14.92 7.52
CA GLU F 32 0.35 15.26 8.94
C GLU F 32 1.25 16.46 9.15
N LEU F 33 2.28 16.62 8.29
CA LEU F 33 3.10 17.83 8.35
C LEU F 33 2.25 19.07 8.14
N ALA F 34 1.37 19.03 7.14
CA ALA F 34 0.51 20.17 6.86
C ALA F 34 -0.40 20.49 8.04
N ALA F 35 -0.89 19.46 8.72
CA ALA F 35 -1.75 19.65 9.88
C ALA F 35 -1.05 20.39 11.00
N ASN F 36 0.28 20.36 11.04
CA ASN F 36 1.05 21.03 12.07
C ASN F 36 1.32 22.50 11.82
N ALA F 37 1.00 23.02 10.63
CA ALA F 37 1.40 24.38 10.27
C ALA F 37 0.53 25.46 10.88
N GLY F 38 -0.67 25.14 11.35
CA GLY F 38 -1.53 26.13 11.96
C GLY F 38 -2.64 26.71 11.12
N PHE F 39 -3.00 26.07 10.02
CA PHE F 39 -4.08 26.59 9.18
C PHE F 39 -5.43 26.30 9.83
N ASP F 40 -6.40 27.17 9.53
CA ASP F 40 -7.77 26.95 10.02
C ASP F 40 -8.44 25.79 9.30
N TRP F 41 -8.16 25.63 8.01
CA TRP F 41 -8.74 24.51 7.27
C TRP F 41 -7.75 24.03 6.21
N LEU F 42 -7.87 22.76 5.85
CA LEU F 42 -7.03 22.10 4.86
C LEU F 42 -7.93 21.47 3.82
N LEU F 43 -7.59 21.63 2.53
CA LEU F 43 -8.39 21.07 1.46
C LEU F 43 -7.68 19.85 0.87
N LEU F 44 -8.27 18.69 1.07
CA LEU F 44 -7.80 17.44 0.48
C LEU F 44 -8.38 17.37 -0.92
N ASP F 45 -7.52 17.49 -1.94
CA ASP F 45 -7.99 17.65 -3.32
C ASP F 45 -8.13 16.28 -3.99
N GLY F 46 -9.38 15.88 -4.25
CA GLY F 46 -9.61 14.66 -4.99
C GLY F 46 -9.84 14.88 -6.47
N GLU F 47 -9.80 16.13 -6.94
CA GLU F 47 -10.03 16.40 -8.35
C GLU F 47 -8.73 16.51 -9.14
N HIS F 48 -7.74 17.26 -8.64
CA HIS F 48 -6.50 17.49 -9.37
C HIS F 48 -5.27 16.87 -8.73
N ALA F 49 -5.41 16.14 -7.62
CA ALA F 49 -4.29 15.42 -7.04
C ALA F 49 -4.57 13.92 -7.04
N PRO F 50 -3.54 13.08 -7.01
CA PRO F 50 -3.76 11.63 -7.14
C PRO F 50 -4.28 11.01 -5.85
N ASN F 51 -5.52 11.34 -5.49
CA ASN F 51 -6.15 10.85 -4.28
C ASN F 51 -7.25 9.88 -4.64
N ASP F 52 -7.42 8.84 -3.81
CA ASP F 52 -8.56 7.94 -3.92
C ASP F 52 -9.26 7.89 -2.55
N LEU F 53 -10.32 7.07 -2.46
CA LEU F 53 -11.09 7.03 -1.22
C LEU F 53 -10.21 6.66 -0.03
N ARG F 54 -9.38 5.64 -0.18
CA ARG F 54 -8.57 5.15 0.93
C ARG F 54 -7.48 6.13 1.34
N SER F 55 -6.82 6.78 0.37
CA SER F 55 -5.82 7.77 0.78
C SER F 55 -6.46 8.99 1.40
N LEU F 56 -7.66 9.36 0.94
CA LEU F 56 -8.40 10.42 1.63
C LEU F 56 -8.73 9.98 3.04
N LEU F 57 -9.06 8.69 3.21
CA LEU F 57 -9.34 8.16 4.54
C LEU F 57 -8.09 8.23 5.42
N GLY F 58 -6.92 7.88 4.86
CA GLY F 58 -5.68 7.99 5.62
C GLY F 58 -5.35 9.42 6.03
N GLN F 59 -5.57 10.37 5.12
CA GLN F 59 -5.32 11.76 5.46
C GLN F 59 -6.29 12.28 6.53
N LEU F 60 -7.54 11.83 6.49
CA LEU F 60 -8.49 12.23 7.53
C LEU F 60 -8.02 11.75 8.90
N GLN F 61 -7.43 10.56 8.96
CA GLN F 61 -6.92 10.03 10.22
C GLN F 61 -5.72 10.84 10.71
N ALA F 62 -4.80 11.20 9.82
CA ALA F 62 -3.64 11.99 10.20
C ALA F 62 -4.03 13.38 10.69
N LEU F 63 -5.02 14.01 10.04
CA LEU F 63 -5.40 15.39 10.38
C LEU F 63 -6.17 15.49 11.70
N ALA F 64 -6.84 14.41 12.11
CA ALA F 64 -7.84 14.52 13.16
C ALA F 64 -7.35 15.17 14.45
N PRO F 65 -6.16 14.86 14.98
CA PRO F 65 -5.77 15.47 16.27
C PRO F 65 -5.57 16.98 16.22
N TYR F 66 -5.28 17.56 15.06
CA TYR F 66 -4.87 18.96 14.98
C TYR F 66 -6.06 19.89 14.81
N PRO F 67 -5.86 21.19 15.02
CA PRO F 67 -6.99 22.14 14.93
C PRO F 67 -7.55 22.34 13.54
N GLY F 68 -6.71 22.30 12.51
CA GLY F 68 -7.19 22.61 11.17
C GLY F 68 -8.32 21.68 10.75
N GLN F 69 -9.33 22.26 10.07
CA GLN F 69 -10.52 21.50 9.66
C GLN F 69 -10.37 20.98 8.23
N PRO F 70 -10.68 19.71 7.99
CA PRO F 70 -10.53 19.15 6.65
C PRO F 70 -11.73 19.42 5.75
N VAL F 71 -11.42 19.79 4.50
CA VAL F 71 -12.39 19.94 3.43
C VAL F 71 -11.94 19.03 2.29
N ILE F 72 -12.87 18.26 1.72
CA ILE F 72 -12.55 17.34 0.63
C ILE F 72 -13.20 17.86 -0.64
N ARG F 73 -12.43 17.88 -1.74
CA ARG F 73 -12.97 18.21 -3.05
C ARG F 73 -13.09 16.95 -3.89
N PRO F 74 -14.30 16.44 -4.14
CA PRO F 74 -14.42 15.24 -4.99
C PRO F 74 -14.08 15.60 -6.42
N VAL F 75 -13.76 14.57 -7.22
CA VAL F 75 -13.41 14.83 -8.62
C VAL F 75 -14.59 15.43 -9.37
N GLN F 76 -15.81 15.05 -8.97
CA GLN F 76 -17.03 15.64 -9.52
C GLN F 76 -18.14 15.43 -8.49
N GLY F 77 -19.25 16.13 -8.68
CA GLY F 77 -20.36 16.06 -7.77
C GLY F 77 -21.26 14.87 -8.01
N ASP F 78 -20.67 13.67 -8.00
CA ASP F 78 -21.39 12.44 -8.22
C ASP F 78 -22.00 11.94 -6.91
N THR F 79 -23.25 11.50 -6.97
CA THR F 79 -23.94 11.10 -5.75
C THR F 79 -23.25 9.93 -5.05
N ALA F 80 -22.85 8.91 -5.82
CA ALA F 80 -22.20 7.75 -5.20
C ALA F 80 -20.87 8.14 -4.57
N LEU F 81 -20.08 8.99 -5.24
CA LEU F 81 -18.79 9.39 -4.68
C LEU F 81 -18.99 10.22 -3.41
N ILE F 82 -19.94 11.15 -3.44
CA ILE F 82 -20.20 11.96 -2.27
C ILE F 82 -20.62 11.07 -1.11
N LYS F 83 -21.43 10.04 -1.42
CA LYS F 83 -21.88 9.12 -0.38
C LYS F 83 -20.72 8.43 0.30
N GLN F 84 -19.73 8.01 -0.48
CA GLN F 84 -18.54 7.36 0.05
C GLN F 84 -17.71 8.33 0.89
N LEU F 85 -17.57 9.58 0.44
CA LEU F 85 -16.82 10.55 1.22
C LEU F 85 -17.48 10.84 2.55
N LEU F 86 -18.81 10.91 2.55
CA LEU F 86 -19.53 11.15 3.80
C LEU F 86 -19.34 9.99 4.79
N ASP F 87 -19.33 8.74 4.29
CA ASP F 87 -19.19 7.59 5.18
C ASP F 87 -17.82 7.51 5.84
N ILE F 88 -16.75 7.94 5.17
CA ILE F 88 -15.44 7.94 5.81
C ILE F 88 -15.27 9.06 6.82
N GLY F 89 -16.26 9.94 6.96
CA GLY F 89 -16.27 10.93 8.02
C GLY F 89 -16.22 12.39 7.56
N ALA F 90 -16.17 12.66 6.27
CA ALA F 90 -16.09 14.03 5.78
C ALA F 90 -17.40 14.78 6.04
N GLN F 91 -17.27 15.99 6.58
CA GLN F 91 -18.41 16.85 6.87
C GLN F 91 -18.47 18.12 6.02
N THR F 92 -17.39 18.48 5.33
CA THR F 92 -17.39 19.63 4.43
C THR F 92 -16.90 19.16 3.07
N LEU F 93 -17.68 19.46 2.02
CA LEU F 93 -17.34 19.07 0.67
C LEU F 93 -17.31 20.29 -0.24
N LEU F 94 -16.28 20.35 -1.10
CA LEU F 94 -16.13 21.40 -2.11
C LEU F 94 -16.33 20.72 -3.46
N VAL F 95 -17.50 20.92 -4.04
CA VAL F 95 -17.92 20.21 -5.25
C VAL F 95 -17.57 21.07 -6.46
N PRO F 96 -16.79 20.57 -7.42
CA PRO F 96 -16.42 21.36 -8.59
C PRO F 96 -17.50 21.37 -9.66
N MET F 97 -17.35 22.32 -10.57
CA MET F 97 -18.18 22.40 -11.79
C MET F 97 -19.68 22.42 -11.47
N VAL F 98 -20.08 23.27 -10.54
CA VAL F 98 -21.50 23.50 -10.26
C VAL F 98 -21.95 24.64 -11.17
N ASP F 99 -22.79 24.30 -12.16
CA ASP F 99 -23.19 25.23 -13.22
C ASP F 99 -24.58 25.83 -13.05
N SER F 100 -25.45 25.23 -12.25
CA SER F 100 -26.83 25.69 -12.21
C SER F 100 -27.39 25.50 -10.81
N ALA F 101 -28.47 26.23 -10.53
CA ALA F 101 -29.12 26.06 -9.23
C ALA F 101 -29.67 24.65 -9.10
N ALA F 102 -30.25 24.10 -10.17
CA ALA F 102 -30.80 22.76 -10.12
C ALA F 102 -29.72 21.75 -9.76
N GLN F 103 -28.52 21.90 -10.32
CA GLN F 103 -27.44 21.00 -9.98
C GLN F 103 -27.09 21.13 -8.50
N ALA F 104 -27.05 22.36 -8.00
CA ALA F 104 -26.75 22.61 -6.60
C ALA F 104 -27.84 22.06 -5.67
N GLU F 105 -29.11 22.11 -6.09
CA GLU F 105 -30.16 21.56 -5.25
C GLU F 105 -29.98 20.05 -5.06
N GLY F 106 -29.58 19.35 -6.12
CA GLY F 106 -29.32 17.94 -6.01
C GLY F 106 -28.16 17.64 -5.09
N LEU F 107 -27.14 18.50 -5.09
CA LEU F 107 -26.00 18.29 -4.22
C LEU F 107 -26.42 18.36 -2.77
N VAL F 108 -27.36 19.25 -2.44
CA VAL F 108 -27.87 19.32 -1.08
C VAL F 108 -28.62 18.05 -0.71
N ARG F 109 -29.43 17.52 -1.62
CA ARG F 109 -30.10 16.25 -1.34
C ARG F 109 -29.10 15.12 -1.21
N ALA F 110 -27.98 15.18 -1.93
CA ALA F 110 -26.99 14.12 -1.84
C ALA F 110 -26.40 14.00 -0.42
N VAL F 111 -26.34 15.10 0.33
CA VAL F 111 -25.74 15.07 1.65
C VAL F 111 -26.79 14.97 2.76
N ARG F 112 -28.06 14.78 2.41
CA ARG F 112 -29.10 14.72 3.42
C ARG F 112 -29.79 13.37 3.43
N TYR F 113 -30.09 12.90 4.64
CA TYR F 113 -30.86 11.67 4.82
C TYR F 113 -32.33 11.96 4.51
N PRO F 114 -33.05 11.00 3.94
CA PRO F 114 -34.47 11.20 3.69
C PRO F 114 -35.20 11.37 5.01
N PRO F 115 -36.26 12.19 5.04
CA PRO F 115 -37.00 12.88 3.99
C PRO F 115 -36.26 14.01 3.28
N ALA F 116 -35.41 14.74 4.01
CA ALA F 116 -34.79 15.94 3.46
C ALA F 116 -33.99 15.63 2.20
N GLY F 117 -33.32 14.48 2.16
CA GLY F 117 -32.45 14.15 1.04
C GLY F 117 -32.54 12.73 0.51
N VAL F 118 -31.54 12.33 -0.28
CA VAL F 118 -31.44 11.02 -0.90
C VAL F 118 -30.16 10.29 -0.47
N ARG F 119 -29.53 10.75 0.62
CA ARG F 119 -28.32 10.11 1.09
C ARG F 119 -28.62 8.71 1.61
N GLY F 120 -27.87 7.73 1.12
CA GLY F 120 -28.07 6.35 1.52
C GLY F 120 -27.67 6.10 2.95
N VAL F 121 -28.42 5.23 3.62
CA VAL F 121 -28.23 4.91 5.03
C VAL F 121 -27.36 3.67 5.13
N GLY F 122 -26.12 3.86 5.58
CA GLY F 122 -25.19 2.77 5.81
C GLY F 122 -24.20 3.27 6.83
N SER F 123 -24.68 4.17 7.69
CA SER F 123 -23.81 4.89 8.61
C SER F 123 -23.20 3.95 9.65
N ALA F 124 -23.96 2.93 10.08
CA ALA F 124 -23.47 2.03 11.11
C ALA F 124 -22.16 1.35 10.72
N LEU F 125 -21.94 1.11 9.42
CA LEU F 125 -20.76 0.40 8.98
C LEU F 125 -19.52 1.29 8.79
N ALA F 126 -19.64 2.60 8.97
CA ALA F 126 -18.64 3.55 8.52
C ALA F 126 -18.08 4.39 9.65
N ARG F 127 -16.97 5.07 9.34
CA ARG F 127 -16.31 5.97 10.29
C ARG F 127 -17.16 7.18 10.65
N ALA F 128 -18.11 7.60 9.79
CA ALA F 128 -18.87 8.82 10.06
C ALA F 128 -19.63 8.75 11.38
N SER F 129 -20.21 7.60 11.70
CA SER F 129 -20.89 7.39 12.97
C SER F 129 -19.98 6.73 13.98
N ARG F 130 -18.69 6.61 13.68
CA ARG F 130 -17.75 5.84 14.48
C ARG F 130 -18.27 4.43 14.72
N TRP F 131 -18.73 3.81 13.63
CA TRP F 131 -19.23 2.44 13.63
C TRP F 131 -20.38 2.24 14.62
N ASN F 132 -21.33 3.18 14.57
CA ASN F 132 -22.55 3.22 15.39
C ASN F 132 -22.26 3.58 16.84
N SER F 133 -21.09 4.16 17.10
CA SER F 133 -20.80 4.68 18.44
C SER F 133 -21.53 5.98 18.71
N VAL F 134 -21.71 6.81 17.68
CA VAL F 134 -22.37 8.10 17.86
C VAL F 134 -23.88 7.85 17.93
N ALA F 135 -24.47 8.16 19.07
CA ALA F 135 -25.89 7.93 19.27
C ALA F 135 -26.68 8.98 18.52
N GLU F 136 -27.81 8.56 17.94
CA GLU F 136 -28.69 9.46 17.18
C GLU F 136 -27.96 10.12 16.01
N TYR F 137 -27.07 9.38 15.34
CA TYR F 137 -26.38 9.97 14.20
C TYR F 137 -27.36 10.30 13.08
N LEU F 138 -28.34 9.42 12.85
CA LEU F 138 -29.28 9.61 11.74
C LEU F 138 -30.15 10.85 11.93
N ASN F 139 -30.51 11.18 13.17
CA ASN F 139 -31.40 12.33 13.38
C ASN F 139 -30.66 13.67 13.34
N HIS F 140 -29.35 13.68 13.47
CA HIS F 140 -28.63 14.95 13.56
C HIS F 140 -27.49 15.10 12.56
N ALA F 141 -27.23 14.10 11.70
CA ALA F 141 -26.08 14.20 10.82
C ALA F 141 -26.20 15.37 9.84
N ASP F 142 -27.42 15.60 9.32
CA ASP F 142 -27.59 16.70 8.36
C ASP F 142 -27.12 18.01 8.97
N GLU F 143 -27.30 18.17 10.28
CA GLU F 143 -26.99 19.43 10.94
C GLU F 143 -25.50 19.80 10.82
N GLN F 144 -24.62 18.81 10.68
CA GLN F 144 -23.18 19.07 10.67
C GLN F 144 -22.55 18.99 9.27
N MET F 145 -23.34 18.83 8.21
CA MET F 145 -22.83 18.82 6.85
C MET F 145 -22.68 20.25 6.33
N CYS F 146 -21.59 20.49 5.61
CA CYS F 146 -21.31 21.80 5.03
C CYS F 146 -21.02 21.63 3.55
N LEU F 147 -21.86 22.22 2.69
CA LEU F 147 -21.73 22.06 1.24
C LEU F 147 -21.21 23.34 0.63
N LEU F 148 -20.10 23.23 -0.08
CA LEU F 148 -19.48 24.35 -0.79
C LEU F 148 -19.45 23.99 -2.27
N VAL F 149 -19.87 24.93 -3.12
CA VAL F 149 -19.95 24.69 -4.55
C VAL F 149 -18.93 25.58 -5.25
N GLN F 150 -18.28 25.04 -6.27
CA GLN F 150 -17.30 25.76 -7.07
C GLN F 150 -17.96 26.32 -8.32
N VAL F 151 -17.80 27.62 -8.52
CA VAL F 151 -18.21 28.29 -9.75
C VAL F 151 -16.93 28.60 -10.51
N GLU F 152 -16.78 28.01 -11.70
CA GLU F 152 -15.53 28.13 -12.44
C GLU F 152 -15.70 28.24 -13.95
N ASN F 153 -16.89 28.58 -14.45
CA ASN F 153 -17.06 28.76 -15.89
C ASN F 153 -18.14 29.80 -16.11
N LEU F 154 -18.36 30.14 -17.39
CA LEU F 154 -19.29 31.22 -17.71
C LEU F 154 -20.72 30.90 -17.30
N GLU F 155 -21.18 29.65 -17.52
CA GLU F 155 -22.57 29.34 -17.17
C GLU F 155 -22.80 29.43 -15.66
N GLY F 156 -21.85 28.94 -14.86
CA GLY F 156 -21.98 29.10 -13.42
C GLY F 156 -21.99 30.56 -13.00
N LEU F 157 -21.15 31.37 -13.65
CA LEU F 157 -21.13 32.80 -13.35
C LEU F 157 -22.47 33.44 -13.72
N ALA F 158 -23.05 33.03 -14.85
CA ALA F 158 -24.35 33.55 -15.25
C ALA F 158 -25.45 33.17 -14.25
N ASN F 159 -25.38 31.95 -13.71
CA ASN F 159 -26.36 31.44 -12.74
C ASN F 159 -25.89 31.64 -11.31
N LEU F 160 -24.94 32.55 -11.08
CA LEU F 160 -24.38 32.70 -9.75
C LEU F 160 -25.44 33.06 -8.72
N ASP F 161 -26.34 33.99 -9.07
CA ASP F 161 -27.36 34.40 -8.12
C ASP F 161 -28.32 33.27 -7.76
N ALA F 162 -28.71 32.45 -8.74
CA ALA F 162 -29.56 31.31 -8.44
C ALA F 162 -28.81 30.26 -7.60
N ILE F 163 -27.55 29.97 -7.94
CA ILE F 163 -26.78 28.96 -7.22
C ILE F 163 -26.55 29.38 -5.78
N ALA F 164 -26.12 30.63 -5.58
CA ALA F 164 -25.89 31.10 -4.22
C ALA F 164 -27.17 31.09 -3.40
N ALA F 165 -28.32 31.28 -4.07
CA ALA F 165 -29.62 31.29 -3.42
C ALA F 165 -30.08 29.93 -2.91
N VAL F 166 -29.56 28.83 -3.46
CA VAL F 166 -30.06 27.52 -3.08
C VAL F 166 -29.93 27.32 -1.57
N GLU F 167 -31.02 26.87 -0.95
CA GLU F 167 -30.98 26.55 0.48
C GLU F 167 -30.12 25.31 0.69
N GLY F 168 -29.23 25.39 1.68
CA GLY F 168 -28.28 24.33 1.94
C GLY F 168 -26.89 24.56 1.37
N VAL F 169 -26.72 25.53 0.48
CA VAL F 169 -25.42 25.89 -0.07
C VAL F 169 -24.81 26.90 0.90
N ASP F 170 -23.90 26.43 1.77
CA ASP F 170 -23.29 27.33 2.75
C ASP F 170 -22.28 28.27 2.11
N GLY F 171 -21.55 27.82 1.11
CA GLY F 171 -20.52 28.66 0.53
C GLY F 171 -20.37 28.44 -0.96
N VAL F 172 -19.86 29.48 -1.62
CA VAL F 172 -19.59 29.46 -3.04
C VAL F 172 -18.12 29.74 -3.25
N PHE F 173 -17.43 28.82 -3.90
CA PHE F 173 -16.00 28.91 -4.10
C PHE F 173 -15.71 29.31 -5.53
N ILE F 174 -14.87 30.32 -5.71
CA ILE F 174 -14.50 30.80 -7.04
C ILE F 174 -13.11 30.27 -7.34
N GLY F 175 -12.99 29.54 -8.43
CA GLY F 175 -11.72 29.02 -8.84
C GLY F 175 -11.16 29.88 -9.94
N PRO F 176 -10.20 30.73 -9.59
CA PRO F 176 -9.69 31.70 -10.58
C PRO F 176 -9.02 31.04 -11.75
N ALA F 177 -8.42 29.86 -11.55
CA ALA F 177 -7.71 29.18 -12.62
C ALA F 177 -8.66 28.77 -13.74
N ASP F 178 -9.77 28.14 -13.40
CA ASP F 178 -10.73 27.71 -14.41
C ASP F 178 -11.49 28.90 -14.98
N LEU F 179 -11.88 29.84 -14.12
CA LEU F 179 -12.65 30.99 -14.58
C LEU F 179 -11.84 31.83 -15.56
N SER F 180 -10.55 32.04 -15.26
CA SER F 180 -9.69 32.81 -16.15
C SER F 180 -9.62 32.18 -17.54
N ALA F 181 -9.40 30.87 -17.59
CA ALA F 181 -9.33 30.19 -18.88
C ALA F 181 -10.67 30.25 -19.61
N ALA F 182 -11.77 30.11 -18.87
CA ALA F 182 -13.09 30.19 -19.50
C ALA F 182 -13.34 31.56 -20.12
N MET F 183 -12.77 32.61 -19.54
CA MET F 183 -12.95 33.97 -20.02
C MET F 183 -11.94 34.38 -21.08
N GLY F 184 -11.06 33.47 -21.52
CA GLY F 184 -10.10 33.77 -22.55
C GLY F 184 -8.76 34.30 -22.09
N HIS F 185 -8.44 34.18 -20.80
CA HIS F 185 -7.14 34.60 -20.27
C HIS F 185 -6.52 33.41 -19.52
N ARG F 186 -6.40 32.29 -20.21
CA ARG F 186 -5.90 31.10 -19.56
C ARG F 186 -4.49 31.38 -19.04
N GLY F 187 -4.26 31.07 -17.77
CA GLY F 187 -2.98 31.31 -17.14
C GLY F 187 -2.71 32.72 -16.70
N ASN F 188 -3.70 33.60 -16.72
CA ASN F 188 -3.52 35.01 -16.38
C ASN F 188 -4.66 35.50 -15.50
N PRO F 189 -4.83 34.91 -14.32
CA PRO F 189 -5.93 35.33 -13.43
C PRO F 189 -5.81 36.76 -12.96
N GLY F 190 -4.60 37.34 -12.98
CA GLY F 190 -4.43 38.74 -12.60
C GLY F 190 -5.05 39.75 -13.56
N HIS F 191 -5.44 39.31 -14.77
CA HIS F 191 -5.96 40.24 -15.75
C HIS F 191 -7.16 41.01 -15.20
N PRO F 192 -7.25 42.32 -15.47
CA PRO F 192 -8.33 43.11 -14.87
C PRO F 192 -9.72 42.62 -15.22
N GLU F 193 -9.93 42.08 -16.41
CA GLU F 193 -11.25 41.53 -16.75
C GLU F 193 -11.63 40.40 -15.80
N VAL F 194 -10.68 39.50 -15.53
CA VAL F 194 -10.90 38.40 -14.60
C VAL F 194 -11.03 38.92 -13.18
N GLN F 195 -10.19 39.87 -12.80
CA GLN F 195 -10.25 40.41 -11.45
C GLN F 195 -11.61 41.08 -11.20
N ALA F 196 -12.13 41.78 -12.20
CA ALA F 196 -13.44 42.41 -12.07
C ALA F 196 -14.53 41.37 -11.89
N ALA F 197 -14.46 40.27 -12.64
CA ALA F 197 -15.45 39.21 -12.50
C ALA F 197 -15.39 38.61 -11.10
N ILE F 198 -14.18 38.39 -10.58
CA ILE F 198 -14.02 37.82 -9.24
C ILE F 198 -14.60 38.75 -8.19
N GLU F 199 -14.30 40.05 -8.32
CA GLU F 199 -14.77 41.04 -7.37
C GLU F 199 -16.29 41.17 -7.42
N ASP F 200 -16.86 41.15 -8.62
CA ASP F 200 -18.31 41.13 -8.76
C ASP F 200 -18.91 39.85 -8.20
N ALA F 201 -18.28 38.70 -8.45
CA ALA F 201 -18.79 37.44 -7.95
C ALA F 201 -18.80 37.44 -6.42
N ILE F 202 -17.72 37.93 -5.81
CA ILE F 202 -17.66 37.96 -4.36
C ILE F 202 -18.84 38.76 -3.80
N HIS F 203 -19.13 39.91 -4.41
CA HIS F 203 -20.23 40.75 -3.95
C HIS F 203 -21.57 40.04 -4.07
N ARG F 204 -21.82 39.38 -5.19
CA ARG F 204 -23.12 38.74 -5.37
C ARG F 204 -23.31 37.62 -4.35
N ILE F 205 -22.25 36.86 -4.07
CA ILE F 205 -22.36 35.78 -3.08
C ILE F 205 -22.70 36.32 -1.70
N ARG F 206 -22.03 37.39 -1.29
CA ARG F 206 -22.23 37.93 0.07
C ARG F 206 -23.62 38.54 0.24
N THR F 207 -24.16 39.20 -0.79
CA THR F 207 -25.51 39.75 -0.66
C THR F 207 -26.56 38.65 -0.56
N ALA F 208 -26.26 37.45 -1.06
CA ALA F 208 -27.15 36.30 -0.88
C ALA F 208 -27.05 35.71 0.51
N GLY F 209 -26.13 36.20 1.35
CA GLY F 209 -25.95 35.69 2.69
C GLY F 209 -24.99 34.52 2.83
N LYS F 210 -24.32 34.14 1.76
CA LYS F 210 -23.42 33.00 1.78
C LYS F 210 -21.96 33.44 1.86
N ALA F 211 -21.11 32.49 2.23
CA ALA F 211 -19.67 32.69 2.30
C ALA F 211 -19.02 32.55 0.93
N ALA F 212 -18.09 33.45 0.65
CA ALA F 212 -17.33 33.43 -0.60
C ALA F 212 -15.92 32.93 -0.32
N GLY F 213 -15.44 32.02 -1.17
CA GLY F 213 -14.16 31.39 -0.98
C GLY F 213 -13.35 31.43 -2.26
N ILE F 214 -12.04 31.33 -2.11
CA ILE F 214 -11.14 31.45 -3.25
C ILE F 214 -9.80 30.84 -2.88
N LEU F 215 -8.99 30.54 -3.90
CA LEU F 215 -7.63 30.05 -3.72
C LEU F 215 -6.68 30.94 -4.50
N SER F 216 -5.65 31.45 -3.82
CA SER F 216 -4.59 32.19 -4.50
C SER F 216 -3.25 31.84 -3.89
N ALA F 217 -2.37 31.25 -4.71
CA ALA F 217 -0.98 31.12 -4.28
C ALA F 217 -0.32 32.48 -4.15
N ASP F 218 -0.77 33.47 -4.92
CA ASP F 218 -0.28 34.85 -4.77
C ASP F 218 -0.83 35.45 -3.48
N GLU F 219 0.08 35.83 -2.58
CA GLU F 219 -0.34 36.26 -1.24
C GLU F 219 -0.97 37.64 -1.26
N THR F 220 -0.44 38.57 -2.08
CA THR F 220 -1.05 39.89 -2.13
C THR F 220 -2.45 39.79 -2.72
N LEU F 221 -2.62 38.94 -3.72
CA LEU F 221 -3.94 38.71 -4.30
C LEU F 221 -4.87 38.08 -3.26
N ALA F 222 -4.34 37.15 -2.46
CA ALA F 222 -5.13 36.56 -1.38
C ALA F 222 -5.54 37.61 -0.37
N ARG F 223 -4.66 38.56 -0.09
CA ARG F 223 -4.99 39.65 0.81
C ARG F 223 -6.13 40.50 0.25
N ARG F 224 -6.13 40.72 -1.06
CA ARG F 224 -7.22 41.48 -1.67
C ARG F 224 -8.56 40.78 -1.50
N TYR F 225 -8.57 39.45 -1.67
CA TYR F 225 -9.82 38.71 -1.53
C TYR F 225 -10.32 38.75 -0.08
N LEU F 226 -9.40 38.68 0.89
CA LEU F 226 -9.79 38.83 2.27
C LEU F 226 -10.34 40.23 2.55
N GLU F 227 -9.74 41.26 1.95
CA GLU F 227 -10.25 42.61 2.17
C GLU F 227 -11.66 42.78 1.63
N LEU F 228 -11.99 42.06 0.55
CA LEU F 228 -13.31 42.17 -0.04
C LEU F 228 -14.37 41.35 0.67
N GLY F 229 -14.01 40.59 1.70
CA GLY F 229 -15.00 39.90 2.50
C GLY F 229 -15.16 38.41 2.30
N CYS F 230 -14.18 37.73 1.69
CA CYS F 230 -14.28 36.29 1.54
C CYS F 230 -14.23 35.61 2.91
N ALA F 231 -15.15 34.67 3.15
CA ALA F 231 -15.22 34.00 4.45
C ALA F 231 -14.14 32.92 4.62
N PHE F 232 -13.79 32.21 3.54
CA PHE F 232 -12.73 31.20 3.60
C PHE F 232 -11.81 31.37 2.40
N VAL F 233 -10.51 31.55 2.66
CA VAL F 233 -9.50 31.78 1.63
C VAL F 233 -8.33 30.81 1.81
N ALA F 234 -7.93 30.17 0.72
CA ALA F 234 -6.75 29.31 0.69
C ALA F 234 -5.56 30.10 0.15
N VAL F 235 -4.49 30.15 0.93
CA VAL F 235 -3.34 31.01 0.66
C VAL F 235 -2.14 30.23 0.11
N GLY F 236 -2.28 28.94 -0.17
CA GLY F 236 -1.13 28.22 -0.70
C GLY F 236 -1.48 26.83 -1.15
N VAL F 237 -0.55 26.25 -1.91
CA VAL F 237 -0.61 24.87 -2.38
C VAL F 237 0.66 24.15 -1.90
N ASP F 238 0.49 22.99 -1.26
CA ASP F 238 1.66 22.33 -0.66
C ASP F 238 2.67 21.87 -1.69
N THR F 239 2.21 21.30 -2.82
CA THR F 239 3.16 20.83 -3.84
C THR F 239 3.93 21.99 -4.46
N SER F 240 3.24 23.11 -4.71
CA SER F 240 3.90 24.28 -5.28
C SER F 240 4.86 24.92 -4.29
N LEU F 241 4.45 25.08 -3.03
CA LEU F 241 5.34 25.65 -2.02
C LEU F 241 6.59 24.80 -1.88
N LEU F 242 6.44 23.47 -1.83
CA LEU F 242 7.59 22.60 -1.72
C LEU F 242 8.44 22.64 -2.99
N MET F 243 7.80 22.57 -4.16
CA MET F 243 8.58 22.55 -5.40
C MET F 243 9.37 23.85 -5.57
N ARG F 244 8.77 25.01 -5.25
CA ARG F 244 9.49 26.27 -5.35
C ARG F 244 10.63 26.34 -4.35
N SER F 245 10.36 25.94 -3.09
CA SER F 245 11.39 26.00 -2.06
C SER F 245 12.60 25.14 -2.46
N LEU F 246 12.35 23.95 -2.98
CA LEU F 246 13.45 23.05 -3.34
C LEU F 246 14.30 23.62 -4.47
N ARG F 247 13.67 24.14 -5.52
CA ARG F 247 14.44 24.64 -6.66
C ARG F 247 15.21 25.90 -6.31
N GLU F 248 14.64 26.76 -5.46
CA GLU F 248 15.38 27.96 -5.04
C GLU F 248 16.56 27.59 -4.16
N LEU F 249 16.38 26.62 -3.27
CA LEU F 249 17.49 26.15 -2.46
C LEU F 249 18.59 25.56 -3.34
N ALA F 250 18.20 24.77 -4.34
CA ALA F 250 19.17 24.24 -5.28
C ALA F 250 19.81 25.36 -6.11
N GLY F 251 19.00 26.33 -6.55
CA GLY F 251 19.54 27.42 -7.35
C GLY F 251 20.57 28.26 -6.60
N ARG F 252 20.39 28.41 -5.29
CA ARG F 252 21.35 29.18 -4.49
C ARG F 252 22.76 28.61 -4.52
N PHE F 253 22.89 27.30 -4.71
CA PHE F 253 24.17 26.62 -4.66
C PHE F 253 24.66 26.16 -6.01
N LYS F 254 23.96 26.47 -7.09
CA LYS F 254 24.41 26.09 -8.42
C LYS F 254 24.49 27.33 -9.29
I IOD G . 25.96 -17.78 -11.45
O1 P6G H . 20.79 -17.25 -4.67
C2 P6G H . 20.17 -16.81 -5.86
C3 P6G H . 20.56 -17.67 -7.02
O4 P6G H . 20.93 -16.86 -8.14
C5 P6G H . 19.84 -16.62 -9.01
C6 P6G H . 19.95 -17.48 -10.23
O7 P6G H . 19.52 -16.77 -11.40
C8 P6G H . 18.83 -17.58 -12.34
C9 P6G H . 19.68 -18.74 -12.77
O10 P6G H . 19.50 -19.87 -11.90
C11 P6G H . 20.70 -20.62 -11.72
C12 P6G H . 20.97 -21.49 -12.90
O13 P6G H . 22.00 -20.93 -13.71
C14 P6G H . 22.18 -21.62 -14.94
C15 P6G H . 21.84 -20.71 -16.08
O16 P6G H . 22.51 -19.47 -15.91
C17 P6G H . 21.68 -18.35 -16.19
C18 P6G H . 22.28 -17.56 -17.32
O19 P6G H . 21.58 -17.78 -18.54
H1 P6G H . 20.25 -17.57 -4.09
H21 P6G H . 20.43 -15.89 -6.04
H22 P6G H . 19.21 -16.86 -5.75
H31 P6G H . 21.33 -18.22 -6.77
H32 P6G H . 19.83 -18.24 -7.27
H51 P6G H . 19.00 -16.81 -8.56
H52 P6G H . 19.85 -15.68 -9.28
H61 P6G H . 20.87 -17.75 -10.35
H62 P6G H . 19.39 -18.26 -10.12
H81 P6G H . 18.01 -17.93 -11.93
H82 P6G H . 18.61 -17.06 -13.12
H91 P6G H . 19.43 -19.00 -13.68
H92 P6G H . 20.61 -18.48 -12.74
H111 P6G H . 21.44 -20.01 -11.60
H112 P6G H . 20.61 -21.17 -10.93
H121 P6G H . 21.23 -22.37 -12.61
H122 P6G H . 20.15 -21.55 -13.43
H141 P6G H . 23.11 -21.90 -15.01
H142 P6G H . 21.61 -22.40 -14.96
H151 P6G H . 20.89 -20.57 -16.10
H152 P6G H . 22.14 -21.12 -16.91
H171 P6G H . 20.80 -18.66 -16.44
H172 P6G H . 21.61 -17.79 -15.40
H181 P6G H . 22.23 -16.62 -17.09
H182 P6G H . 23.20 -17.83 -17.43
H19 P6G H . 22.07 -17.71 -19.24
I IOD I . -0.78 -14.78 23.26
I IOD J . -31.57 1.76 10.83
I IOD K . -7.61 -9.65 -24.68
I IOD L . -0.77 -19.84 26.35
I IOD M . 18.91 16.18 11.66
I IOD N . 20.84 19.36 16.06
I IOD O . -10.69 -13.27 -28.10
I IOD P . -4.16 25.42 -9.35
O1 P6G Q . -26.99 -0.72 4.26
C2 P6G Q . -26.35 -1.12 5.46
C3 P6G Q . -27.06 -0.66 6.71
O4 P6G Q . -26.24 -0.97 7.85
C5 P6G Q . -26.99 -1.18 9.03
C6 P6G Q . -26.30 -2.18 9.90
O7 P6G Q . -27.15 -2.55 10.98
C8 P6G Q . -27.73 -3.85 10.86
C9 P6G Q . -29.19 -3.77 10.53
O10 P6G Q . -29.90 -3.24 11.64
C11 P6G Q . -30.72 -4.20 12.28
C12 P6G Q . -31.15 -3.72 13.63
O13 P6G Q . -29.99 -3.41 14.41
C14 P6G Q . -30.17 -2.24 15.19
C15 P6G Q . -28.86 -1.57 15.44
O16 P6G Q . -29.02 -0.16 15.39
C17 P6G Q . -29.54 0.39 16.59
C18 P6G Q . -29.54 1.89 16.51
O19 P6G Q . -29.21 2.46 17.76
H1 P6G Q . -27.18 0.11 4.21
H21 P6G Q . -25.45 -0.74 5.46
H22 P6G Q . -26.28 -2.08 5.47
H31 P6G Q . -27.22 0.29 6.67
H32 P6G Q . -27.90 -1.13 6.78
H51 P6G Q . -27.06 -0.34 9.52
H52 P6G Q . -27.87 -1.51 8.81
H61 P6G Q . -26.08 -2.97 9.38
H62 P6G Q . -25.47 -1.80 10.25
H81 P6G Q . -27.27 -4.34 10.15
H82 P6G Q . -27.61 -4.32 11.70
H91 P6G Q . -29.31 -3.20 9.75
H92 P6G Q . -29.52 -4.67 10.33
H111 P6G Q . -31.52 -4.36 11.74
H112 P6G Q . -30.23 -5.03 12.37
H121 P6G Q . -31.70 -2.94 13.54
H122 P6G Q . -31.65 -4.42 14.08
H141 P6G Q . -30.75 -1.63 14.72
H142 P6G Q . -30.58 -2.48 16.04
H151 P6G Q . -28.53 -1.82 16.33
H152 P6G Q . -28.22 -1.85 14.77
H171 P6G Q . -30.45 0.07 16.73
H172 P6G Q . -28.99 0.11 17.33
H181 P6G Q . -30.43 2.19 16.25
H182 P6G Q . -28.89 2.17 15.85
H19 P6G Q . -28.39 2.67 17.83
I IOD R . -3.87 29.65 -13.42
#